data_5FI6
#
_entry.id   5FI6
#
_cell.length_a   50.692
_cell.length_b   139.031
_cell.length_c   176.783
_cell.angle_alpha   90.00
_cell.angle_beta   95.56
_cell.angle_gamma   90.00
#
_symmetry.space_group_name_H-M   'P 1 21 1'
#
loop_
_entity.id
_entity.type
_entity.pdbx_description
1 polymer 'Glutaminase kidney isoform, mitochondrial'
2 non-polymer 2-phenyl-~{N}-[5-[[(3~{S})-1-[5-(2-phenylethanoylamino)-1,3,4-thiadiazol-2-yl]pyrrolidin-3-yl]amino]-1,3,4-thiadiazol-2-yl]ethanamide
3 water water
#
_entity_poly.entity_id   1
_entity_poly.type   'polypeptide(L)'
_entity_poly.pdbx_seq_one_letter_code
;MRGSHHHHHHGSLSSSPSEILQELGKGSTHPQPGVSPPAAPAAPGPKDGPGETDAFGNSEGKELVASGENKIKQGLLPSL
EDLLFYTIAEGQEKIPVHKFITALKSTGLRTSDPRLKECMDMLRLTLQTTSDGVMLDKDLFKKCVQSNIVLLTQAFRRKF
VIPDFMSFTSHIDELYESAKKQSGGKVADYIPQLAKFSPDLWGVSVCTVDGQRHSTGDTKVPFCLQSCVKPLKYAIAVND
LGTEYVHRYVGKEPSGLRFNKLFLNEDDKPHNPMVNAGAIVVTSLIKQGVNNAEKFDYVMQFLNKMAGNEYVGFSNATFQ
SERESGDRNFAIGYYLKEKKCFPEGTDMVGILDFYFQLCSIEVTCESASVMAATLANGGFCPITGERVLSPEAVRNTLSL
MHSCGMYDFSGQFAFHVGLPAKSGVAGGILLVVPNVMGMMCWSPPLDKMGNSVKGIHFCHDLVSLCNFHNYDNLRHFAKK
LDPRREGGDQRHSFGPLDYESLQQELALKETVWKKVSPESNEDISTTVVYRMESLGEKS
;
_entity_poly.pdbx_strand_id   A,B,C,D
#
loop_
_chem_comp.id
_chem_comp.type
_chem_comp.name
_chem_comp.formula
5XY non-polymer 2-phenyl-~{N}-[5-[[(3~{S})-1-[5-(2-phenylethanoylamino)-1,3,4-thiadiazol-2-yl]pyrrolidin-3-yl]amino]-1,3,4-thiadiazol-2-yl]ethanamide 'C24 H24 N8 O2 S2'
#
# COMPACT_ATOMS: atom_id res chain seq x y z
N PRO A 78 -60.65 23.75 -32.47
CA PRO A 78 -60.85 23.23 -31.12
C PRO A 78 -59.58 23.40 -30.27
N SER A 79 -59.43 24.54 -29.59
CA SER A 79 -58.11 24.89 -29.10
C SER A 79 -57.87 24.38 -27.69
N LEU A 80 -56.59 24.11 -27.40
CA LEU A 80 -56.08 23.47 -26.19
C LEU A 80 -56.66 24.05 -24.92
N GLU A 81 -56.70 25.38 -24.89
CA GLU A 81 -57.14 26.12 -23.71
C GLU A 81 -58.59 25.84 -23.36
N ASP A 82 -59.34 25.35 -24.34
CA ASP A 82 -60.75 25.07 -24.17
C ASP A 82 -61.01 23.60 -23.92
N LEU A 83 -60.39 22.74 -24.71
CA LEU A 83 -60.34 21.34 -24.33
C LEU A 83 -59.92 21.19 -22.88
N LEU A 84 -58.85 21.87 -22.47
CA LEU A 84 -58.45 21.82 -21.07
C LEU A 84 -59.57 22.38 -20.20
N PHE A 85 -60.16 23.52 -20.60
CA PHE A 85 -61.23 24.11 -19.80
C PHE A 85 -62.31 23.09 -19.48
N TYR A 86 -62.78 22.32 -20.48
CA TYR A 86 -63.84 21.35 -20.23
C TYR A 86 -63.30 20.12 -19.48
N THR A 87 -62.07 19.71 -19.77
CA THR A 87 -61.46 18.63 -18.99
C THR A 87 -61.47 18.96 -17.50
N ILE A 88 -61.22 20.23 -17.14
CA ILE A 88 -61.37 20.67 -15.74
C ILE A 88 -62.81 21.05 -15.40
N ALA A 89 -63.69 21.19 -16.40
CA ALA A 89 -64.98 21.81 -16.15
C ALA A 89 -66.09 20.84 -15.76
N GLU A 90 -65.89 19.52 -15.86
CA GLU A 90 -66.89 18.53 -15.41
C GLU A 90 -68.29 18.74 -15.99
N GLY A 91 -68.40 19.41 -17.13
CA GLY A 91 -69.71 19.69 -17.68
C GLY A 91 -70.49 20.81 -17.01
N GLN A 92 -70.06 21.28 -15.83
CA GLN A 92 -70.56 22.56 -15.35
C GLN A 92 -69.97 23.66 -16.21
N GLU A 93 -70.70 24.76 -16.36
CA GLU A 93 -70.41 25.76 -17.37
C GLU A 93 -69.18 26.59 -17.06
N LYS A 94 -68.52 26.36 -15.92
CA LYS A 94 -67.35 27.13 -15.58
C LYS A 94 -66.64 26.44 -14.41
N ILE A 95 -65.55 27.05 -13.92
CA ILE A 95 -64.64 26.40 -12.99
C ILE A 95 -64.29 27.33 -11.84
N PRO A 96 -64.61 26.97 -10.59
CA PRO A 96 -64.20 27.81 -9.46
C PRO A 96 -62.69 27.82 -9.33
N VAL A 97 -62.14 28.96 -8.93
CA VAL A 97 -60.68 29.14 -8.95
C VAL A 97 -60.01 28.15 -8.01
N HIS A 98 -60.49 28.06 -6.76
CA HIS A 98 -59.97 27.09 -5.82
C HIS A 98 -59.95 25.69 -6.43
N LYS A 99 -60.94 25.38 -7.26
CA LYS A 99 -61.02 24.08 -7.89
C LYS A 99 -60.02 23.93 -9.02
N PHE A 100 -59.59 25.04 -9.62
CA PHE A 100 -58.45 24.97 -10.53
C PHE A 100 -57.14 24.85 -9.75
N ILE A 101 -57.02 25.58 -8.64
CA ILE A 101 -55.81 25.50 -7.85
C ILE A 101 -55.62 24.09 -7.30
N THR A 102 -56.71 23.49 -6.82
CA THR A 102 -56.61 22.13 -6.27
C THR A 102 -56.23 21.12 -7.36
N ALA A 103 -56.86 21.21 -8.52
CA ALA A 103 -56.49 20.33 -9.62
C ALA A 103 -55.05 20.54 -10.06
N LEU A 104 -54.56 21.77 -9.97
CA LEU A 104 -53.17 22.04 -10.33
C LEU A 104 -52.22 21.38 -9.35
N LYS A 105 -52.43 21.65 -8.06
CA LYS A 105 -51.53 21.13 -7.04
C LYS A 105 -51.48 19.59 -7.08
N SER A 106 -52.58 18.94 -7.43
CA SER A 106 -52.54 17.49 -7.46
C SER A 106 -51.69 16.93 -8.59
N THR A 107 -51.31 17.74 -9.58
CA THR A 107 -50.35 17.25 -10.56
C THR A 107 -48.91 17.33 -10.07
N GLY A 108 -48.69 17.85 -8.87
CA GLY A 108 -47.36 18.03 -8.34
C GLY A 108 -46.80 19.43 -8.48
N LEU A 109 -47.26 20.21 -9.47
CA LEU A 109 -46.76 21.56 -9.64
C LEU A 109 -47.19 22.41 -8.46
N ARG A 110 -46.30 23.29 -8.05
CA ARG A 110 -46.61 24.24 -6.99
C ARG A 110 -47.08 25.54 -7.63
N THR A 111 -48.08 26.15 -6.99
CA THR A 111 -48.69 27.34 -7.56
C THR A 111 -47.69 28.46 -7.81
N SER A 112 -46.51 28.40 -7.16
CA SER A 112 -45.45 29.40 -7.29
C SER A 112 -44.41 29.05 -8.35
N ASP A 113 -44.61 27.97 -9.08
CA ASP A 113 -43.70 27.59 -10.15
C ASP A 113 -43.38 28.80 -11.03
N PRO A 114 -42.10 29.15 -11.21
CA PRO A 114 -41.75 30.23 -12.14
C PRO A 114 -42.34 30.12 -13.53
N ARG A 115 -42.41 28.92 -14.12
CA ARG A 115 -43.00 28.77 -15.44
C ARG A 115 -44.50 29.08 -15.47
N LEU A 116 -45.13 29.24 -14.31
CA LEU A 116 -46.55 29.50 -14.21
C LEU A 116 -46.82 30.94 -13.78
N LYS A 117 -45.81 31.81 -13.85
CA LYS A 117 -45.95 33.14 -13.28
C LYS A 117 -47.08 33.90 -13.95
N GLU A 118 -47.05 34.00 -15.28
CA GLU A 118 -48.07 34.76 -16.01
C GLU A 118 -49.46 34.26 -15.65
N CYS A 119 -49.69 32.96 -15.76
CA CYS A 119 -50.96 32.37 -15.35
C CYS A 119 -51.37 32.84 -13.96
N MET A 120 -50.43 32.94 -13.04
CA MET A 120 -50.80 33.30 -11.68
C MET A 120 -50.97 34.81 -11.55
N ASP A 121 -50.15 35.58 -12.27
CA ASP A 121 -50.36 37.01 -12.35
C ASP A 121 -51.74 37.31 -12.90
N MET A 122 -52.09 36.65 -14.01
CA MET A 122 -53.42 36.84 -14.60
C MET A 122 -54.51 36.36 -13.66
N LEU A 123 -54.25 35.33 -12.85
CA LEU A 123 -55.23 34.90 -11.88
C LEU A 123 -55.44 35.95 -10.80
N ARG A 124 -54.35 36.51 -10.27
CA ARG A 124 -54.55 37.45 -9.17
C ARG A 124 -55.12 38.79 -9.66
N LEU A 125 -54.84 39.16 -10.92
CA LEU A 125 -55.56 40.28 -11.52
C LEU A 125 -57.05 40.01 -11.58
N THR A 126 -57.44 38.81 -12.01
CA THR A 126 -58.85 38.44 -12.09
C THR A 126 -59.53 38.47 -10.71
N LEU A 127 -58.83 38.06 -9.65
CA LEU A 127 -59.45 38.07 -8.33
C LEU A 127 -59.47 39.45 -7.68
N GLN A 128 -58.84 40.46 -8.30
CA GLN A 128 -59.05 41.86 -7.91
C GLN A 128 -60.37 42.40 -8.45
N THR A 129 -60.75 41.99 -9.66
CA THR A 129 -61.98 42.40 -10.32
C THR A 129 -63.20 41.91 -9.56
N THR A 130 -63.71 40.76 -9.97
CA THR A 130 -64.78 40.07 -9.26
C THR A 130 -64.17 39.53 -7.97
N SER A 131 -64.52 40.10 -6.82
CA SER A 131 -64.09 39.53 -5.56
C SER A 131 -65.13 38.59 -4.95
N ASP A 132 -66.22 38.33 -5.67
CA ASP A 132 -67.26 37.37 -5.28
C ASP A 132 -67.14 36.15 -6.21
N GLY A 133 -66.24 35.24 -5.86
CA GLY A 133 -65.97 34.06 -6.68
C GLY A 133 -64.53 33.64 -6.46
N VAL A 134 -63.69 33.81 -7.49
CA VAL A 134 -64.14 34.09 -8.86
C VAL A 134 -64.49 32.78 -9.51
N MET A 135 -65.47 32.81 -10.39
CA MET A 135 -65.86 31.64 -11.15
C MET A 135 -65.68 31.98 -12.63
N LEU A 136 -64.90 31.16 -13.34
CA LEU A 136 -64.25 31.51 -14.60
C LEU A 136 -64.97 30.84 -15.73
N ASP A 137 -65.37 31.61 -16.73
CA ASP A 137 -65.86 30.94 -17.91
C ASP A 137 -64.69 30.62 -18.82
N LYS A 138 -65.04 30.12 -20.00
CA LYS A 138 -64.05 29.58 -20.89
C LYS A 138 -63.09 30.64 -21.41
N ASP A 139 -63.58 31.83 -21.76
CA ASP A 139 -62.63 32.82 -22.27
C ASP A 139 -61.84 33.47 -21.14
N LEU A 140 -62.41 33.52 -19.94
CA LEU A 140 -61.66 34.03 -18.79
C LEU A 140 -60.67 32.99 -18.27
N PHE A 141 -61.06 31.72 -18.28
CA PHE A 141 -60.10 30.66 -18.02
C PHE A 141 -58.99 30.70 -19.07
N LYS A 142 -59.38 30.73 -20.35
CA LYS A 142 -58.40 30.92 -21.41
C LYS A 142 -57.56 32.16 -21.17
N LYS A 143 -58.17 33.20 -20.60
CA LYS A 143 -57.46 34.48 -20.43
C LYS A 143 -56.27 34.31 -19.51
N CYS A 144 -56.45 33.57 -18.41
CA CYS A 144 -55.36 33.32 -17.48
C CYS A 144 -54.38 32.26 -17.98
N VAL A 145 -54.88 31.16 -18.57
CA VAL A 145 -54.04 29.98 -18.78
C VAL A 145 -53.38 29.93 -20.15
N GLN A 146 -53.63 30.90 -21.02
CA GLN A 146 -53.18 30.77 -22.40
C GLN A 146 -51.66 30.79 -22.49
N SER A 147 -51.01 31.63 -21.68
CA SER A 147 -49.58 31.82 -21.74
C SER A 147 -48.81 30.62 -21.21
N ASN A 148 -49.46 29.76 -20.44
CA ASN A 148 -48.83 28.57 -19.87
C ASN A 148 -49.61 27.31 -20.22
N ILE A 149 -50.34 27.33 -21.35
CA ILE A 149 -51.26 26.24 -21.65
C ILE A 149 -50.50 24.93 -21.89
N VAL A 150 -49.39 24.98 -22.61
CA VAL A 150 -48.68 23.77 -22.96
C VAL A 150 -48.18 23.06 -21.70
N LEU A 151 -47.55 23.81 -20.79
CA LEU A 151 -47.15 23.23 -19.52
C LEU A 151 -48.36 22.77 -18.71
N LEU A 152 -49.49 23.46 -18.83
CA LEU A 152 -50.66 23.05 -18.08
C LEU A 152 -51.30 21.80 -18.69
N THR A 153 -51.22 21.65 -20.00
CA THR A 153 -51.85 20.48 -20.59
C THR A 153 -51.11 19.22 -20.20
N GLN A 154 -49.78 19.30 -20.15
CA GLN A 154 -48.98 18.16 -19.70
C GLN A 154 -49.25 17.85 -18.25
N ALA A 155 -49.46 18.88 -17.44
CA ALA A 155 -49.78 18.63 -16.03
C ALA A 155 -51.08 17.88 -15.91
N PHE A 156 -52.14 18.44 -16.48
CA PHE A 156 -53.50 17.94 -16.25
C PHE A 156 -53.80 16.67 -17.00
N ARG A 157 -53.28 16.51 -18.22
CA ARG A 157 -53.50 15.26 -18.92
C ARG A 157 -52.68 14.10 -18.34
N ARG A 158 -51.73 14.36 -17.43
CA ARG A 158 -50.95 13.31 -16.76
C ARG A 158 -49.81 12.80 -17.66
N LYS A 159 -49.07 13.74 -18.28
CA LYS A 159 -47.88 13.46 -19.07
C LYS A 159 -46.57 13.61 -18.30
N PHE A 160 -46.60 13.96 -17.01
CA PHE A 160 -45.35 14.11 -16.28
C PHE A 160 -44.67 12.76 -16.06
N VAL A 161 -43.39 12.83 -15.67
CA VAL A 161 -42.59 11.61 -15.55
C VAL A 161 -43.15 10.71 -14.47
N ILE A 162 -43.84 11.29 -13.50
CA ILE A 162 -44.55 10.52 -12.46
C ILE A 162 -46.02 10.93 -12.54
N PRO A 163 -46.83 10.20 -13.32
CA PRO A 163 -48.21 10.64 -13.56
C PRO A 163 -49.05 10.77 -12.30
N ASP A 164 -49.10 9.73 -11.48
CA ASP A 164 -49.93 9.70 -10.28
C ASP A 164 -49.13 10.23 -9.08
N PHE A 165 -48.68 11.48 -9.23
CA PHE A 165 -47.81 12.09 -8.23
C PHE A 165 -48.39 12.05 -6.83
N MET A 166 -49.72 12.06 -6.69
CA MET A 166 -50.31 11.99 -5.36
C MET A 166 -49.99 10.66 -4.69
N SER A 167 -50.14 9.55 -5.43
CA SER A 167 -49.77 8.25 -4.90
C SER A 167 -48.30 8.21 -4.51
N PHE A 168 -47.43 8.77 -5.35
CA PHE A 168 -46.00 8.66 -5.12
C PHE A 168 -45.57 9.44 -3.88
N THR A 169 -46.06 10.68 -3.72
CA THR A 169 -45.69 11.39 -2.49
C THR A 169 -46.24 10.67 -1.27
N SER A 170 -47.25 9.83 -1.45
CA SER A 170 -47.69 9.00 -0.34
C SER A 170 -46.59 8.02 0.07
N HIS A 171 -45.96 7.38 -0.91
CA HIS A 171 -44.86 6.47 -0.58
C HIS A 171 -43.66 7.22 0.00
N ILE A 172 -43.33 8.38 -0.57
CA ILE A 172 -42.22 9.18 -0.02
C ILE A 172 -42.43 9.38 1.47
N ASP A 173 -43.68 9.56 1.88
CA ASP A 173 -43.98 9.84 3.28
C ASP A 173 -43.80 8.61 4.17
N GLU A 174 -44.26 7.44 3.71
CA GLU A 174 -43.92 6.20 4.41
C GLU A 174 -42.41 6.06 4.58
N LEU A 175 -41.68 6.08 3.46
CA LEU A 175 -40.22 6.12 3.50
C LEU A 175 -39.71 7.18 4.47
N TYR A 176 -40.36 8.35 4.52
CA TYR A 176 -39.93 9.39 5.46
C TYR A 176 -40.13 8.95 6.91
N GLU A 177 -41.33 8.47 7.25
CA GLU A 177 -41.62 8.04 8.62
C GLU A 177 -40.71 6.91 9.04
N SER A 178 -40.60 5.86 8.20
CA SER A 178 -39.70 4.75 8.48
C SER A 178 -38.32 5.24 8.91
N ALA A 179 -37.60 5.94 8.02
CA ALA A 179 -36.27 6.45 8.34
C ALA A 179 -36.26 7.38 9.54
N LYS A 180 -37.40 7.96 9.92
CA LYS A 180 -37.40 8.87 11.06
C LYS A 180 -37.13 8.13 12.36
N LYS A 181 -37.50 6.84 12.42
CA LYS A 181 -37.26 6.02 13.60
C LYS A 181 -35.78 5.66 13.82
N GLN A 182 -34.90 5.93 12.87
CA GLN A 182 -33.48 5.58 13.01
C GLN A 182 -32.74 6.75 13.64
N SER A 183 -32.69 6.74 14.98
CA SER A 183 -32.09 7.83 15.74
C SER A 183 -30.59 7.67 15.93
N GLY A 184 -29.98 6.67 15.32
CA GLY A 184 -28.57 6.43 15.50
C GLY A 184 -27.72 7.54 14.93
N GLY A 185 -26.42 7.35 15.06
CA GLY A 185 -25.47 8.28 14.50
C GLY A 185 -25.11 9.40 15.45
N LYS A 186 -24.11 10.17 15.03
CA LYS A 186 -23.53 11.23 15.84
C LYS A 186 -23.55 12.52 15.05
N VAL A 187 -24.23 13.54 15.58
CA VAL A 187 -24.13 14.85 14.98
C VAL A 187 -22.66 15.27 14.97
N ALA A 188 -22.15 15.60 13.78
CA ALA A 188 -20.80 16.11 13.65
C ALA A 188 -20.58 17.29 14.57
N ASP A 189 -19.53 17.20 15.39
CA ASP A 189 -19.30 18.20 16.42
C ASP A 189 -17.91 18.80 16.37
N TYR A 190 -17.11 18.49 15.34
CA TYR A 190 -15.77 19.05 15.26
C TYR A 190 -15.86 20.57 15.15
N ILE A 191 -17.08 21.06 14.95
CA ILE A 191 -17.35 22.47 14.68
C ILE A 191 -18.60 22.85 15.47
N PRO A 192 -18.59 23.97 16.20
CA PRO A 192 -19.75 24.30 17.03
C PRO A 192 -21.01 24.54 16.22
N GLN A 193 -20.89 25.15 15.03
CA GLN A 193 -22.06 25.38 14.18
C GLN A 193 -22.76 24.07 13.83
N LEU A 194 -22.01 22.99 13.62
CA LEU A 194 -22.62 21.70 13.28
C LEU A 194 -23.13 20.98 14.52
N ALA A 195 -22.41 21.09 15.64
CA ALA A 195 -22.86 20.43 16.88
C ALA A 195 -24.20 20.99 17.34
N LYS A 196 -24.44 22.28 17.10
CA LYS A 196 -25.66 22.94 17.56
C LYS A 196 -26.92 22.29 16.96
N PHE A 197 -26.86 21.83 15.71
CA PHE A 197 -28.04 21.29 15.07
C PHE A 197 -28.60 20.10 15.85
N SER A 198 -29.93 20.06 15.98
CA SER A 198 -30.64 19.02 16.74
C SER A 198 -30.67 17.71 15.95
N PRO A 199 -30.44 16.57 16.63
CA PRO A 199 -30.47 15.28 15.91
C PRO A 199 -31.82 14.93 15.32
N ASP A 200 -32.89 15.60 15.72
CA ASP A 200 -34.21 15.20 15.27
C ASP A 200 -34.62 15.85 13.95
N LEU A 201 -33.88 16.87 13.51
CA LEU A 201 -34.10 17.46 12.19
C LEU A 201 -34.01 16.39 11.11
N TRP A 202 -35.05 16.32 10.29
CA TRP A 202 -35.15 15.28 9.28
C TRP A 202 -36.10 15.77 8.19
N GLY A 203 -35.57 16.04 6.99
CA GLY A 203 -36.40 16.41 5.86
C GLY A 203 -36.04 15.78 4.51
N VAL A 204 -37.06 15.32 3.79
CA VAL A 204 -36.92 14.85 2.43
C VAL A 204 -37.71 15.77 1.51
N SER A 205 -37.05 16.23 0.43
CA SER A 205 -37.66 17.09 -0.58
C SER A 205 -37.46 16.46 -1.95
N VAL A 206 -38.54 16.42 -2.74
CA VAL A 206 -38.55 15.85 -4.08
C VAL A 206 -38.89 16.93 -5.07
N CYS A 207 -38.11 17.01 -6.15
CA CYS A 207 -38.43 17.80 -7.34
C CYS A 207 -38.18 16.92 -8.57
N THR A 208 -39.22 16.62 -9.34
CA THR A 208 -39.06 15.72 -10.47
C THR A 208 -38.46 16.47 -11.67
N VAL A 209 -38.16 15.72 -12.74
CA VAL A 209 -37.69 16.31 -13.99
C VAL A 209 -38.70 17.27 -14.62
N ASP A 210 -39.94 17.30 -14.16
CA ASP A 210 -40.96 18.17 -14.73
C ASP A 210 -41.43 19.22 -13.75
N GLY A 211 -40.80 19.32 -12.61
CA GLY A 211 -41.12 20.36 -11.67
C GLY A 211 -42.07 19.95 -10.59
N GLN A 212 -42.51 18.70 -10.59
CA GLN A 212 -43.38 18.23 -9.51
C GLN A 212 -42.63 18.26 -8.19
N ARG A 213 -43.18 19.00 -7.22
CA ARG A 213 -42.52 19.16 -5.92
C ARG A 213 -43.23 18.34 -4.86
N HIS A 214 -42.45 17.79 -3.93
CA HIS A 214 -43.01 17.32 -2.68
C HIS A 214 -41.97 17.40 -1.56
N SER A 215 -42.42 17.88 -0.39
CA SER A 215 -41.61 17.94 0.81
C SER A 215 -42.31 17.24 1.97
N THR A 216 -41.50 16.72 2.90
CA THR A 216 -41.99 16.19 4.15
C THR A 216 -40.86 16.28 5.16
N GLY A 217 -41.13 16.84 6.33
CA GLY A 217 -40.11 17.09 7.32
C GLY A 217 -39.63 18.53 7.35
N ASP A 218 -38.44 18.71 7.91
CA ASP A 218 -37.85 20.04 8.06
C ASP A 218 -37.16 20.48 6.77
N THR A 219 -37.98 20.66 5.74
CA THR A 219 -37.47 20.90 4.40
C THR A 219 -37.17 22.37 4.13
N LYS A 220 -37.42 23.26 5.09
CA LYS A 220 -37.10 24.67 4.93
C LYS A 220 -36.07 25.16 5.92
N VAL A 221 -35.48 24.29 6.73
CA VAL A 221 -34.40 24.67 7.62
C VAL A 221 -33.11 24.74 6.82
N PRO A 222 -32.46 25.91 6.75
CA PRO A 222 -31.16 25.96 6.07
C PRO A 222 -30.10 25.20 6.85
N PHE A 223 -29.14 24.65 6.10
CA PHE A 223 -27.99 23.95 6.64
C PHE A 223 -26.88 24.04 5.59
N CYS A 224 -25.68 23.63 5.97
CA CYS A 224 -24.54 23.80 5.08
C CYS A 224 -24.42 22.64 4.09
N LEU A 225 -24.05 22.99 2.86
CA LEU A 225 -23.88 21.99 1.82
C LEU A 225 -22.67 21.11 2.12
N GLN A 226 -21.64 21.66 2.75
CA GLN A 226 -20.42 20.92 3.07
C GLN A 226 -19.99 20.18 1.81
N SER A 227 -19.69 18.88 1.88
CA SER A 227 -19.22 18.16 0.69
C SER A 227 -20.29 17.96 -0.35
N CYS A 228 -21.56 18.20 -0.03
CA CYS A 228 -22.59 18.20 -1.07
C CYS A 228 -22.29 19.25 -2.15
N VAL A 229 -21.43 20.23 -1.87
CA VAL A 229 -21.15 21.21 -2.91
C VAL A 229 -20.13 20.66 -3.90
N LYS A 230 -19.39 19.61 -3.55
CA LYS A 230 -18.37 19.05 -4.42
C LYS A 230 -18.87 18.68 -5.81
N PRO A 231 -19.96 17.91 -5.97
CA PRO A 231 -20.43 17.66 -7.35
C PRO A 231 -20.89 18.93 -8.06
N LEU A 232 -21.48 19.89 -7.32
CA LEU A 232 -21.92 21.13 -7.95
C LEU A 232 -20.75 21.90 -8.55
N LYS A 233 -19.67 22.09 -7.78
CA LYS A 233 -18.56 22.90 -8.28
C LYS A 233 -17.70 22.13 -9.27
N TYR A 234 -17.62 20.81 -9.12
CA TYR A 234 -17.13 20.00 -10.22
C TYR A 234 -17.96 20.26 -11.48
N ALA A 235 -19.29 20.21 -11.36
CA ALA A 235 -20.14 20.48 -12.53
C ALA A 235 -19.79 21.82 -13.17
N ILE A 236 -19.73 22.89 -12.36
CA ILE A 236 -19.40 24.23 -12.87
C ILE A 236 -18.06 24.22 -13.61
N ALA A 237 -17.03 23.61 -13.01
CA ALA A 237 -15.72 23.63 -13.64
C ALA A 237 -15.74 22.89 -14.98
N VAL A 238 -16.33 21.69 -15.03
CA VAL A 238 -16.39 21.00 -16.31
C VAL A 238 -17.26 21.79 -17.28
N ASN A 239 -18.36 22.37 -16.78
CA ASN A 239 -19.18 23.22 -17.62
C ASN A 239 -18.37 24.32 -18.30
N ASP A 240 -17.54 25.05 -17.53
CA ASP A 240 -16.84 26.21 -18.10
C ASP A 240 -15.59 25.81 -18.85
N LEU A 241 -14.93 24.72 -18.46
CA LEU A 241 -13.61 24.40 -18.98
C LEU A 241 -13.55 23.09 -19.74
N GLY A 242 -14.55 22.24 -19.63
CA GLY A 242 -14.48 21.00 -20.37
C GLY A 242 -13.85 19.86 -19.56
N THR A 243 -14.24 18.64 -19.93
CA THR A 243 -13.77 17.45 -19.25
C THR A 243 -12.26 17.34 -19.27
N GLU A 244 -11.67 17.55 -20.44
CA GLU A 244 -10.26 17.28 -20.63
C GLU A 244 -9.40 18.21 -19.78
N TYR A 245 -9.70 19.51 -19.79
CA TYR A 245 -8.93 20.43 -18.97
C TYR A 245 -9.02 20.04 -17.50
N VAL A 246 -10.25 19.92 -16.99
CA VAL A 246 -10.44 19.63 -15.57
C VAL A 246 -9.67 18.38 -15.15
N HIS A 247 -9.68 17.36 -15.98
CA HIS A 247 -9.02 16.14 -15.51
C HIS A 247 -7.52 16.11 -15.79
N ARG A 248 -6.94 17.20 -16.30
CA ARG A 248 -5.50 17.38 -16.16
C ARG A 248 -5.12 17.45 -14.71
N TYR A 249 -6.04 17.90 -13.86
CA TYR A 249 -5.76 18.21 -12.46
C TYR A 249 -6.41 17.25 -11.47
N VAL A 250 -7.37 16.42 -11.88
CA VAL A 250 -8.03 15.54 -10.92
C VAL A 250 -8.50 14.27 -11.62
N GLY A 251 -8.42 13.15 -10.89
CA GLY A 251 -8.75 11.85 -11.44
C GLY A 251 -10.25 11.70 -11.66
N LYS A 252 -10.63 10.47 -12.02
CA LYS A 252 -12.03 10.17 -12.29
C LYS A 252 -12.38 8.78 -11.86
N GLU A 253 -11.74 8.27 -10.81
CA GLU A 253 -12.00 6.93 -10.31
C GLU A 253 -12.02 6.96 -8.79
N PRO A 254 -12.68 5.98 -8.17
CA PRO A 254 -12.53 5.83 -6.72
C PRO A 254 -11.17 5.23 -6.41
N SER A 255 -10.62 5.63 -5.26
CA SER A 255 -9.26 5.24 -4.91
C SER A 255 -9.16 3.74 -4.59
N GLY A 256 -10.18 3.19 -3.94
CA GLY A 256 -10.10 1.86 -3.37
C GLY A 256 -10.15 1.90 -1.84
N LEU A 257 -10.96 1.04 -1.21
CA LEU A 257 -11.31 1.16 0.21
C LEU A 257 -10.10 1.13 1.15
N ARG A 258 -8.89 1.43 0.62
CA ARG A 258 -7.72 1.63 1.48
C ARG A 258 -6.73 2.65 0.94
N PHE A 259 -7.11 3.48 -0.03
CA PHE A 259 -6.42 4.74 -0.30
C PHE A 259 -7.27 5.94 0.09
N ASN A 260 -8.36 5.69 0.84
CA ASN A 260 -8.92 6.60 1.83
C ASN A 260 -7.99 7.77 2.14
N LYS A 261 -6.76 7.41 2.53
CA LYS A 261 -5.80 8.28 3.19
C LYS A 261 -4.77 8.91 2.26
N LEU A 262 -4.46 8.29 1.12
CA LEU A 262 -3.58 8.93 0.16
C LEU A 262 -4.26 10.13 -0.49
N PHE A 263 -3.49 11.20 -0.69
CA PHE A 263 -4.06 12.38 -1.32
C PHE A 263 -3.99 12.33 -2.83
N LEU A 264 -3.08 11.54 -3.39
CA LEU A 264 -2.83 11.57 -4.82
C LEU A 264 -2.74 10.15 -5.36
N ASN A 265 -3.20 9.98 -6.59
CA ASN A 265 -3.10 8.69 -7.26
C ASN A 265 -1.69 8.55 -7.85
N GLU A 266 -1.47 7.50 -8.64
CA GLU A 266 -0.15 7.27 -9.20
C GLU A 266 0.29 8.38 -10.15
N ASP A 267 -0.67 9.08 -10.75
CA ASP A 267 -0.35 10.16 -11.66
C ASP A 267 -0.04 11.48 -10.96
N ASP A 268 -0.06 11.51 -9.62
CA ASP A 268 0.09 12.74 -8.82
C ASP A 268 -1.08 13.71 -8.95
N LYS A 269 -2.27 13.21 -9.31
CA LYS A 269 -3.51 13.95 -9.20
C LYS A 269 -4.37 13.36 -8.06
N PRO A 270 -5.21 14.17 -7.42
CA PRO A 270 -6.21 13.60 -6.50
C PRO A 270 -7.11 12.64 -7.26
N HIS A 271 -7.71 11.70 -6.53
CA HIS A 271 -8.31 10.52 -7.16
C HIS A 271 -9.59 10.85 -7.93
N ASN A 272 -10.34 11.84 -7.49
CA ASN A 272 -11.62 12.21 -8.09
C ASN A 272 -12.10 13.51 -7.45
N PRO A 273 -13.06 14.21 -8.04
CA PRO A 273 -13.45 15.52 -7.47
C PRO A 273 -14.27 15.39 -6.20
N MET A 274 -14.66 14.18 -5.78
CA MET A 274 -15.55 14.01 -4.64
C MET A 274 -14.81 13.85 -3.32
N VAL A 275 -13.48 13.81 -3.34
CA VAL A 275 -12.70 13.78 -2.11
C VAL A 275 -12.04 15.14 -1.96
N ASN A 276 -11.55 15.42 -0.74
CA ASN A 276 -11.18 16.79 -0.41
C ASN A 276 -10.04 17.28 -1.26
N ALA A 277 -9.01 16.45 -1.47
CA ALA A 277 -7.92 16.88 -2.33
C ALA A 277 -8.43 17.26 -3.72
N GLY A 278 -9.33 16.43 -4.27
CA GLY A 278 -9.90 16.73 -5.59
C GLY A 278 -10.80 17.95 -5.55
N ALA A 279 -11.70 18.01 -4.58
CA ALA A 279 -12.50 19.20 -4.39
C ALA A 279 -11.64 20.45 -4.29
N ILE A 280 -10.51 20.37 -3.57
CA ILE A 280 -9.67 21.56 -3.42
C ILE A 280 -9.04 21.92 -4.75
N VAL A 281 -8.57 20.93 -5.51
CA VAL A 281 -8.00 21.26 -6.82
C VAL A 281 -9.06 21.87 -7.72
N VAL A 282 -10.21 21.18 -7.83
CA VAL A 282 -11.33 21.70 -8.61
C VAL A 282 -11.57 23.17 -8.29
N THR A 283 -11.64 23.51 -7.00
CA THR A 283 -11.81 24.90 -6.58
C THR A 283 -10.80 25.83 -7.23
N SER A 284 -9.54 25.40 -7.31
CA SER A 284 -8.53 26.23 -7.97
C SER A 284 -8.81 26.44 -9.45
N LEU A 285 -9.65 25.59 -10.08
CA LEU A 285 -9.91 25.72 -11.51
C LEU A 285 -10.95 26.79 -11.84
N ILE A 286 -11.93 27.02 -10.95
CA ILE A 286 -13.08 27.85 -11.27
C ILE A 286 -12.67 29.31 -11.37
N LYS A 287 -13.11 29.98 -12.44
CA LYS A 287 -13.01 31.44 -12.58
C LYS A 287 -11.63 31.93 -12.13
N GLN A 288 -10.59 31.31 -12.68
CA GLN A 288 -9.24 31.77 -12.43
C GLN A 288 -9.09 33.22 -12.91
N GLY A 289 -8.10 33.90 -12.38
CA GLY A 289 -7.81 35.25 -12.81
C GLY A 289 -8.52 36.36 -12.04
N VAL A 290 -9.67 36.09 -11.45
CA VAL A 290 -10.39 37.10 -10.67
C VAL A 290 -10.24 36.76 -9.19
N ASN A 291 -10.60 37.72 -8.33
CA ASN A 291 -10.42 37.57 -6.90
C ASN A 291 -11.50 36.69 -6.30
N ASN A 292 -11.32 36.37 -5.02
CA ASN A 292 -12.18 35.39 -4.37
C ASN A 292 -13.59 35.90 -4.25
N ALA A 293 -13.74 37.20 -3.94
CA ALA A 293 -15.08 37.77 -3.82
C ALA A 293 -15.89 37.56 -5.11
N GLU A 294 -15.24 37.75 -6.27
CA GLU A 294 -15.92 37.55 -7.54
C GLU A 294 -16.13 36.07 -7.84
N LYS A 295 -15.18 35.21 -7.44
CA LYS A 295 -15.34 33.78 -7.62
C LYS A 295 -16.53 33.25 -6.83
N PHE A 296 -16.66 33.67 -5.58
CA PHE A 296 -17.79 33.23 -4.77
C PHE A 296 -19.11 33.78 -5.33
N ASP A 297 -19.11 35.03 -5.79
CA ASP A 297 -20.30 35.58 -6.44
C ASP A 297 -20.70 34.74 -7.65
N TYR A 298 -19.70 34.34 -8.45
CA TYR A 298 -19.99 33.58 -9.67
C TYR A 298 -20.50 32.18 -9.36
N VAL A 299 -19.89 31.49 -8.38
CA VAL A 299 -20.48 30.23 -7.93
C VAL A 299 -21.87 30.44 -7.38
N MET A 300 -22.09 31.50 -6.60
CA MET A 300 -23.43 31.72 -6.07
C MET A 300 -24.47 31.91 -7.17
N GLN A 301 -24.18 32.81 -8.13
CA GLN A 301 -25.11 33.02 -9.25
C GLN A 301 -25.39 31.71 -9.97
N PHE A 302 -24.41 30.81 -9.99
CA PHE A 302 -24.56 29.52 -10.65
C PHE A 302 -25.43 28.59 -9.82
N LEU A 303 -25.17 28.50 -8.51
CA LEU A 303 -26.08 27.75 -7.66
C LEU A 303 -27.48 28.32 -7.73
N ASN A 304 -27.61 29.65 -7.81
CA ASN A 304 -28.93 30.26 -7.91
C ASN A 304 -29.68 29.71 -9.11
N LYS A 305 -29.02 29.65 -10.27
CA LYS A 305 -29.69 29.07 -11.44
C LYS A 305 -30.00 27.59 -11.23
N MET A 306 -29.06 26.83 -10.66
CA MET A 306 -29.26 25.40 -10.46
C MET A 306 -30.48 25.12 -9.59
N ALA A 307 -30.77 26.01 -8.65
CA ALA A 307 -31.91 25.83 -7.76
C ALA A 307 -33.15 26.57 -8.25
N GLY A 308 -33.15 27.12 -9.46
CA GLY A 308 -34.29 27.92 -9.89
C GLY A 308 -34.62 29.07 -8.96
N ASN A 309 -33.60 29.68 -8.35
CA ASN A 309 -33.70 30.86 -7.50
C ASN A 309 -34.42 30.60 -6.18
N GLU A 310 -34.60 29.32 -5.82
CA GLU A 310 -34.96 29.00 -4.44
C GLU A 310 -33.74 29.26 -3.53
N TYR A 311 -33.86 28.90 -2.26
CA TYR A 311 -32.95 29.42 -1.25
C TYR A 311 -31.50 28.92 -1.43
N VAL A 312 -30.56 29.86 -1.46
CA VAL A 312 -29.13 29.61 -1.39
C VAL A 312 -28.54 30.71 -0.53
N GLY A 313 -27.90 30.33 0.56
CA GLY A 313 -27.26 31.30 1.45
C GLY A 313 -25.83 30.95 1.85
N PHE A 314 -25.33 31.64 2.85
CA PHE A 314 -23.94 31.49 3.26
C PHE A 314 -23.86 31.59 4.76
N SER A 315 -23.13 30.68 5.38
CA SER A 315 -23.00 30.66 6.83
C SER A 315 -21.61 31.11 7.23
N ASN A 316 -21.46 32.40 7.56
CA ASN A 316 -20.15 32.93 7.92
C ASN A 316 -19.61 32.30 9.19
N ALA A 317 -20.49 31.85 10.09
CA ALA A 317 -20.04 31.17 11.29
C ALA A 317 -19.34 29.86 10.93
N THR A 318 -20.00 29.02 10.11
CA THR A 318 -19.36 27.79 9.64
C THR A 318 -18.06 28.11 8.92
N PHE A 319 -18.06 29.20 8.16
CA PHE A 319 -16.87 29.54 7.38
C PHE A 319 -15.68 29.86 8.28
N GLN A 320 -15.82 30.87 9.15
CA GLN A 320 -14.75 31.25 10.06
C GLN A 320 -14.23 30.06 10.85
N SER A 321 -15.11 29.14 11.14
CA SER A 321 -14.78 28.12 12.09
C SER A 321 -14.19 26.88 11.39
N GLU A 322 -14.68 26.57 10.19
CA GLU A 322 -14.04 25.59 9.32
C GLU A 322 -12.59 25.97 9.04
N ARG A 323 -12.29 27.26 8.88
CA ARG A 323 -10.96 27.70 8.49
C ARG A 323 -10.00 27.82 9.67
N GLU A 324 -10.50 27.77 10.90
CA GLU A 324 -9.66 27.75 12.10
C GLU A 324 -9.52 26.35 12.66
N SER A 325 -10.24 25.39 12.07
CA SER A 325 -10.44 24.05 12.58
C SER A 325 -10.40 23.06 11.42
N GLY A 326 -9.39 23.24 10.57
CA GLY A 326 -9.20 22.44 9.37
C GLY A 326 -7.72 22.31 9.03
N ASP A 327 -6.95 21.82 10.00
CA ASP A 327 -5.57 21.42 9.71
C ASP A 327 -5.51 20.36 8.61
N ARG A 328 -6.46 19.44 8.56
CA ARG A 328 -6.43 18.43 7.50
C ARG A 328 -6.39 19.11 6.12
N ASN A 329 -7.20 20.16 5.92
CA ASN A 329 -7.24 20.76 4.59
C ASN A 329 -5.96 21.55 4.28
N PHE A 330 -5.40 22.23 5.29
CA PHE A 330 -4.11 22.86 5.09
C PHE A 330 -3.03 21.82 4.79
N ALA A 331 -3.05 20.69 5.49
CA ALA A 331 -2.12 19.62 5.12
C ALA A 331 -2.29 19.25 3.66
N ILE A 332 -3.55 19.11 3.20
CA ILE A 332 -3.79 18.81 1.78
C ILE A 332 -3.27 19.93 0.90
N GLY A 333 -3.56 21.18 1.29
CA GLY A 333 -3.13 22.31 0.49
C GLY A 333 -1.63 22.34 0.26
N TYR A 334 -0.85 22.30 1.35
CA TYR A 334 0.59 22.33 1.19
C TYR A 334 1.07 21.12 0.39
N TYR A 335 0.48 19.96 0.65
CA TYR A 335 0.83 18.77 -0.15
C TYR A 335 0.58 19.04 -1.64
N LEU A 336 -0.61 19.55 -1.98
CA LEU A 336 -0.94 19.83 -3.37
C LEU A 336 0.02 20.85 -3.96
N LYS A 337 0.26 21.94 -3.22
CA LYS A 337 1.23 22.94 -3.66
C LYS A 337 2.60 22.31 -3.93
N GLU A 338 3.10 21.49 -3.00
CA GLU A 338 4.45 20.97 -3.21
C GLU A 338 4.52 20.03 -4.39
N LYS A 339 3.49 19.17 -4.58
CA LYS A 339 3.51 18.27 -5.73
C LYS A 339 3.09 18.96 -7.04
N LYS A 340 2.85 20.28 -7.00
CA LYS A 340 2.55 21.09 -8.19
C LYS A 340 1.23 20.66 -8.81
N CYS A 341 0.19 20.57 -7.99
CA CYS A 341 -1.09 19.99 -8.36
C CYS A 341 -2.10 21.03 -8.81
N PHE A 342 -1.82 22.30 -8.59
CA PHE A 342 -2.60 23.48 -8.92
C PHE A 342 -2.18 24.05 -10.28
N PRO A 343 -3.10 24.71 -10.99
CA PRO A 343 -2.70 25.44 -12.21
C PRO A 343 -1.68 26.52 -11.86
N GLU A 344 -0.91 26.93 -12.87
CA GLU A 344 0.12 27.93 -12.65
C GLU A 344 -0.49 29.21 -12.12
N GLY A 345 0.15 29.81 -11.13
CA GLY A 345 -0.34 31.03 -10.56
C GLY A 345 -1.34 30.88 -9.42
N THR A 346 -1.60 29.67 -8.98
CA THR A 346 -2.52 29.48 -7.89
C THR A 346 -1.94 30.05 -6.61
N ASP A 347 -2.79 30.72 -5.84
CA ASP A 347 -2.47 31.12 -4.48
C ASP A 347 -3.15 30.10 -3.56
N MET A 348 -2.37 29.14 -3.06
CA MET A 348 -2.96 27.99 -2.39
C MET A 348 -3.75 28.39 -1.14
N VAL A 349 -3.22 29.30 -0.33
CA VAL A 349 -3.92 29.60 0.91
C VAL A 349 -5.22 30.35 0.63
N GLY A 350 -5.28 31.09 -0.48
CA GLY A 350 -6.52 31.75 -0.83
C GLY A 350 -7.53 30.75 -1.37
N ILE A 351 -7.07 29.76 -2.13
CA ILE A 351 -7.94 28.69 -2.61
C ILE A 351 -8.60 27.97 -1.46
N LEU A 352 -7.83 27.64 -0.42
CA LEU A 352 -8.44 26.98 0.73
C LEU A 352 -9.51 27.84 1.35
N ASP A 353 -9.27 29.15 1.40
CA ASP A 353 -10.27 30.02 1.99
C ASP A 353 -11.50 30.11 1.11
N PHE A 354 -11.32 30.16 -0.21
CA PHE A 354 -12.44 29.97 -1.13
C PHE A 354 -13.14 28.64 -0.88
N TYR A 355 -12.38 27.54 -0.78
CA TYR A 355 -12.93 26.22 -0.48
C TYR A 355 -13.83 26.26 0.76
N PHE A 356 -13.32 26.83 1.86
CA PHE A 356 -14.11 26.84 3.09
C PHE A 356 -15.43 27.59 2.91
N GLN A 357 -15.45 28.63 2.08
CA GLN A 357 -16.72 29.34 1.88
C GLN A 357 -17.72 28.46 1.16
N LEU A 358 -17.27 27.84 0.06
CA LEU A 358 -18.12 26.93 -0.70
C LEU A 358 -18.73 25.86 0.18
N CYS A 359 -17.96 25.35 1.15
CA CYS A 359 -18.48 24.36 2.08
C CYS A 359 -19.56 24.95 2.99
N SER A 360 -19.54 26.26 3.19
CA SER A 360 -20.44 26.92 4.12
C SER A 360 -21.63 27.54 3.42
N ILE A 361 -21.84 27.21 2.14
CA ILE A 361 -23.02 27.69 1.43
C ILE A 361 -24.25 26.99 2.00
N GLU A 362 -25.31 27.76 2.22
CA GLU A 362 -26.51 27.19 2.78
C GLU A 362 -27.53 26.91 1.69
N VAL A 363 -28.34 25.88 1.95
CA VAL A 363 -29.47 25.48 1.12
C VAL A 363 -30.53 24.94 2.06
N THR A 364 -31.70 24.69 1.52
CA THR A 364 -32.71 23.93 2.24
C THR A 364 -32.87 22.60 1.52
N CYS A 365 -33.56 21.66 2.17
CA CYS A 365 -33.94 20.47 1.45
C CYS A 365 -34.63 20.84 0.15
N GLU A 366 -35.55 21.80 0.23
CA GLU A 366 -36.37 22.12 -0.94
C GLU A 366 -35.53 22.73 -2.04
N SER A 367 -34.64 23.65 -1.70
CA SER A 367 -33.89 24.25 -2.79
C SER A 367 -32.81 23.30 -3.30
N ALA A 368 -32.25 22.47 -2.42
CA ALA A 368 -31.21 21.54 -2.85
C ALA A 368 -31.77 20.42 -3.71
N SER A 369 -33.04 20.04 -3.50
CA SER A 369 -33.65 19.02 -4.36
C SER A 369 -33.84 19.53 -5.78
N VAL A 370 -34.13 20.82 -5.94
CA VAL A 370 -34.21 21.39 -7.30
C VAL A 370 -32.85 21.29 -7.97
N MET A 371 -31.78 21.57 -7.20
CA MET A 371 -30.41 21.47 -7.71
C MET A 371 -30.11 20.07 -8.18
N ALA A 372 -30.45 19.07 -7.38
CA ALA A 372 -30.30 17.71 -7.86
C ALA A 372 -31.18 17.49 -9.10
N ALA A 373 -32.37 18.08 -9.11
CA ALA A 373 -33.27 17.82 -10.23
C ALA A 373 -32.74 18.44 -11.51
N THR A 374 -32.03 19.58 -11.40
CA THR A 374 -31.26 20.07 -12.53
C THR A 374 -30.28 19.02 -13.05
N LEU A 375 -29.67 18.24 -12.15
CA LEU A 375 -28.77 17.17 -12.55
C LEU A 375 -29.52 15.93 -13.05
N ALA A 376 -30.70 15.64 -12.51
CA ALA A 376 -31.50 14.55 -13.06
C ALA A 376 -32.03 14.90 -14.45
N ASN A 377 -32.03 16.18 -14.80
CA ASN A 377 -32.68 16.68 -16.00
C ASN A 377 -31.68 17.19 -17.04
N GLY A 378 -30.48 16.63 -17.09
CA GLY A 378 -29.59 16.96 -18.18
C GLY A 378 -29.07 18.37 -18.17
N GLY A 379 -29.14 19.06 -17.03
CA GLY A 379 -28.60 20.39 -16.89
C GLY A 379 -29.59 21.51 -17.16
N PHE A 380 -30.87 21.19 -17.35
CA PHE A 380 -31.94 22.18 -17.40
C PHE A 380 -32.62 22.23 -16.04
N CYS A 381 -32.74 23.43 -15.49
CA CYS A 381 -33.43 23.57 -14.23
C CYS A 381 -34.91 23.27 -14.43
N PRO A 382 -35.49 22.30 -13.72
CA PRO A 382 -36.84 21.85 -14.09
C PRO A 382 -37.94 22.86 -13.78
N ILE A 383 -37.77 23.74 -12.81
CA ILE A 383 -38.86 24.67 -12.46
C ILE A 383 -38.75 26.01 -13.17
N THR A 384 -37.76 26.20 -14.03
CA THR A 384 -37.60 27.41 -14.81
C THR A 384 -37.32 27.15 -16.27
N GLY A 385 -36.94 25.94 -16.66
CA GLY A 385 -36.68 25.61 -18.04
C GLY A 385 -35.36 26.11 -18.56
N GLU A 386 -34.57 26.74 -17.71
CA GLU A 386 -33.33 27.36 -18.15
C GLU A 386 -32.21 26.32 -18.22
N ARG A 387 -31.38 26.45 -19.25
CA ARG A 387 -30.22 25.57 -19.41
C ARG A 387 -29.12 26.05 -18.49
N VAL A 388 -28.80 25.27 -17.47
CA VAL A 388 -27.86 25.68 -16.44
C VAL A 388 -26.48 25.08 -16.65
N LEU A 389 -26.38 23.79 -16.98
CA LEU A 389 -25.11 23.10 -17.15
C LEU A 389 -25.11 22.29 -18.44
N SER A 390 -23.97 22.26 -19.13
CA SER A 390 -23.84 21.44 -20.33
C SER A 390 -24.08 19.96 -20.00
N PRO A 391 -24.60 19.18 -20.94
CA PRO A 391 -24.85 17.75 -20.63
C PRO A 391 -23.61 17.00 -20.18
N GLU A 392 -22.48 17.26 -20.84
CA GLU A 392 -21.17 16.73 -20.45
C GLU A 392 -20.91 16.89 -18.96
N ALA A 393 -20.93 18.14 -18.48
CA ALA A 393 -20.74 18.39 -17.06
C ALA A 393 -21.71 17.57 -16.21
N VAL A 394 -22.95 17.42 -16.68
CA VAL A 394 -23.95 16.71 -15.90
C VAL A 394 -23.63 15.22 -15.87
N ARG A 395 -23.19 14.67 -17.01
CA ARG A 395 -22.87 13.25 -17.07
C ARG A 395 -21.64 12.91 -16.23
N ASN A 396 -20.59 13.74 -16.31
CA ASN A 396 -19.42 13.54 -15.46
C ASN A 396 -19.81 13.57 -13.99
N THR A 397 -20.63 14.53 -13.62
CA THR A 397 -20.99 14.70 -12.22
C THR A 397 -21.74 13.48 -11.71
N LEU A 398 -22.78 13.09 -12.43
CA LEU A 398 -23.54 11.90 -12.05
C LEU A 398 -22.65 10.69 -12.01
N SER A 399 -21.70 10.59 -12.95
CA SER A 399 -20.80 9.44 -13.01
C SER A 399 -19.98 9.33 -11.74
N LEU A 400 -19.36 10.44 -11.31
CA LEU A 400 -18.48 10.38 -10.16
C LEU A 400 -19.25 10.30 -8.85
N MET A 401 -20.46 10.87 -8.79
CA MET A 401 -21.30 10.66 -7.62
C MET A 401 -21.68 9.20 -7.47
N HIS A 402 -21.77 8.48 -8.58
CA HIS A 402 -22.11 7.07 -8.54
C HIS A 402 -21.05 6.26 -7.79
N SER A 403 -19.79 6.53 -8.08
CA SER A 403 -18.70 5.68 -7.59
C SER A 403 -17.95 6.28 -6.43
N CYS A 404 -18.14 7.56 -6.11
CA CYS A 404 -17.28 8.29 -5.20
C CYS A 404 -18.03 9.17 -4.23
N GLY A 405 -19.33 9.00 -4.08
CA GLY A 405 -20.10 10.10 -3.54
C GLY A 405 -20.48 9.96 -2.09
N MET A 406 -20.36 8.76 -1.54
CA MET A 406 -20.73 8.49 -0.15
C MET A 406 -19.51 8.09 0.69
N TYR A 407 -18.36 8.65 0.35
CA TYR A 407 -17.07 8.22 0.92
C TYR A 407 -16.93 6.71 0.96
N ASP A 408 -16.39 6.19 2.07
CA ASP A 408 -16.08 4.77 2.17
C ASP A 408 -17.29 3.90 1.86
N PHE A 409 -18.49 4.44 1.93
CA PHE A 409 -19.67 3.66 1.59
C PHE A 409 -19.98 3.69 0.11
N SER A 410 -19.18 4.40 -0.69
CA SER A 410 -19.49 4.61 -2.11
C SER A 410 -19.72 3.31 -2.86
N GLY A 411 -18.81 2.35 -2.73
CA GLY A 411 -18.93 1.10 -3.47
C GLY A 411 -20.13 0.29 -3.02
N GLN A 412 -20.40 0.29 -1.70
CA GLN A 412 -21.59 -0.38 -1.18
C GLN A 412 -22.83 0.31 -1.70
N PHE A 413 -22.88 1.64 -1.56
CA PHE A 413 -23.99 2.44 -2.06
C PHE A 413 -24.20 2.21 -3.56
N ALA A 414 -23.11 2.22 -4.34
CA ALA A 414 -23.23 1.97 -5.77
C ALA A 414 -23.79 0.59 -6.04
N PHE A 415 -23.41 -0.40 -5.24
CA PHE A 415 -23.90 -1.74 -5.47
C PHE A 415 -25.38 -1.86 -5.12
N HIS A 416 -25.78 -1.43 -3.93
CA HIS A 416 -27.15 -1.68 -3.45
C HIS A 416 -28.15 -0.58 -3.81
N VAL A 417 -27.76 0.69 -3.69
CA VAL A 417 -28.67 1.78 -4.06
C VAL A 417 -28.65 2.01 -5.56
N GLY A 418 -27.46 2.00 -6.16
CA GLY A 418 -27.38 2.29 -7.59
C GLY A 418 -27.89 3.67 -7.95
N LEU A 419 -27.68 4.67 -7.10
CA LEU A 419 -28.10 6.01 -7.46
C LEU A 419 -26.94 6.97 -7.27
N PRO A 420 -26.77 7.94 -8.16
CA PRO A 420 -25.76 8.98 -7.92
C PRO A 420 -26.20 9.79 -6.73
N ALA A 421 -25.30 9.93 -5.75
CA ALA A 421 -25.63 10.62 -4.52
C ALA A 421 -24.38 11.27 -3.98
N LYS A 422 -24.57 12.32 -3.18
CA LYS A 422 -23.44 13.00 -2.59
C LYS A 422 -23.82 13.45 -1.19
N SER A 423 -23.00 13.06 -0.22
CA SER A 423 -23.27 13.35 1.17
C SER A 423 -22.32 14.41 1.68
N GLY A 424 -22.76 15.10 2.74
CA GLY A 424 -21.95 16.10 3.39
C GLY A 424 -22.12 15.96 4.88
N VAL A 425 -21.17 16.57 5.60
CA VAL A 425 -21.07 16.32 7.04
C VAL A 425 -22.16 17.03 7.83
N ALA A 426 -22.89 17.98 7.21
CA ALA A 426 -24.06 18.58 7.80
C ALA A 426 -25.26 17.65 7.85
N GLY A 427 -25.16 16.46 7.25
CA GLY A 427 -26.24 15.47 7.24
C GLY A 427 -27.08 15.42 5.99
N GLY A 428 -26.64 16.05 4.90
CA GLY A 428 -27.39 16.07 3.67
C GLY A 428 -26.90 15.03 2.68
N ILE A 429 -27.83 14.38 1.98
CA ILE A 429 -27.49 13.55 0.84
C ILE A 429 -28.20 14.13 -0.38
N LEU A 430 -27.41 14.64 -1.32
CA LEU A 430 -27.91 15.11 -2.59
C LEU A 430 -28.13 13.91 -3.50
N LEU A 431 -29.39 13.58 -3.77
CA LEU A 431 -29.72 12.33 -4.45
C LEU A 431 -30.36 12.62 -5.81
N VAL A 432 -29.89 11.91 -6.83
CA VAL A 432 -30.32 12.12 -8.20
C VAL A 432 -30.85 10.80 -8.74
N VAL A 433 -32.12 10.78 -9.18
CA VAL A 433 -32.66 9.66 -9.94
C VAL A 433 -32.73 10.13 -11.39
N PRO A 434 -31.76 9.79 -12.23
CA PRO A 434 -31.70 10.39 -13.58
C PRO A 434 -33.00 10.18 -14.34
N ASN A 435 -33.39 11.22 -15.09
CA ASN A 435 -34.58 11.24 -15.92
C ASN A 435 -35.86 11.19 -15.10
N VAL A 436 -35.79 11.15 -13.77
CA VAL A 436 -37.00 11.10 -12.96
C VAL A 436 -37.11 12.31 -12.05
N MET A 437 -36.18 12.45 -11.12
CA MET A 437 -36.35 13.40 -10.03
C MET A 437 -35.00 13.69 -9.41
N GLY A 438 -34.94 14.79 -8.67
CA GLY A 438 -33.81 15.10 -7.82
C GLY A 438 -34.31 15.13 -6.39
N MET A 439 -33.39 14.88 -5.45
CA MET A 439 -33.80 14.82 -4.05
C MET A 439 -32.70 15.35 -3.13
N MET A 440 -33.12 15.86 -1.98
CA MET A 440 -32.18 16.22 -0.91
C MET A 440 -32.75 15.72 0.42
N CYS A 441 -32.05 14.76 1.02
CA CYS A 441 -32.33 14.27 2.37
C CYS A 441 -31.44 15.02 3.35
N TRP A 442 -31.93 15.23 4.56
CA TRP A 442 -31.14 15.97 5.55
C TRP A 442 -31.54 15.54 6.96
N SER A 443 -30.58 14.94 7.67
CA SER A 443 -30.68 14.69 9.11
C SER A 443 -29.24 14.83 9.60
N PRO A 444 -28.98 15.64 10.62
CA PRO A 444 -27.59 15.89 11.07
C PRO A 444 -26.86 14.65 11.59
N PRO A 445 -27.53 13.64 12.18
CA PRO A 445 -26.74 12.52 12.72
C PRO A 445 -26.10 11.66 11.64
N LEU A 446 -24.77 11.58 11.67
CA LEU A 446 -24.00 10.80 10.72
C LEU A 446 -23.66 9.42 11.28
N ASP A 447 -23.55 8.43 10.39
CA ASP A 447 -23.03 7.14 10.80
C ASP A 447 -21.50 7.20 10.91
N LYS A 448 -20.88 6.04 11.14
CA LYS A 448 -19.44 6.06 11.35
C LYS A 448 -18.65 6.23 10.06
N MET A 449 -19.29 6.18 8.89
CA MET A 449 -18.59 6.52 7.66
C MET A 449 -18.83 7.95 7.20
N GLY A 450 -19.63 8.74 7.93
CA GLY A 450 -19.84 10.14 7.62
C GLY A 450 -21.16 10.47 6.96
N ASN A 451 -22.06 9.50 6.80
CA ASN A 451 -23.28 9.63 6.02
C ASN A 451 -24.48 9.71 6.95
N SER A 452 -25.44 10.56 6.60
CA SER A 452 -26.64 10.71 7.43
C SER A 452 -27.36 9.38 7.57
N VAL A 453 -27.62 8.99 8.83
CA VAL A 453 -28.24 7.69 9.08
C VAL A 453 -29.62 7.64 8.43
N LYS A 454 -30.46 8.64 8.73
CA LYS A 454 -31.80 8.65 8.13
C LYS A 454 -31.70 8.69 6.62
N GLY A 455 -30.86 9.59 6.09
CA GLY A 455 -30.59 9.67 4.67
C GLY A 455 -30.29 8.32 4.05
N ILE A 456 -29.27 7.63 4.58
CA ILE A 456 -28.89 6.32 4.03
C ILE A 456 -30.05 5.34 4.13
N HIS A 457 -30.71 5.32 5.28
CA HIS A 457 -31.82 4.38 5.44
C HIS A 457 -32.92 4.67 4.43
N PHE A 458 -33.16 5.97 4.17
CA PHE A 458 -34.15 6.37 3.19
C PHE A 458 -33.75 5.91 1.79
N CYS A 459 -32.48 6.11 1.41
CA CYS A 459 -32.04 5.72 0.07
C CYS A 459 -32.19 4.23 -0.17
N HIS A 460 -31.94 3.40 0.85
CA HIS A 460 -32.10 1.96 0.67
C HIS A 460 -33.57 1.60 0.49
N ASP A 461 -34.45 2.15 1.34
CA ASP A 461 -35.88 1.92 1.20
C ASP A 461 -36.36 2.30 -0.19
N LEU A 462 -35.98 3.51 -0.64
CA LEU A 462 -36.49 4.01 -1.91
C LEU A 462 -36.22 3.03 -3.04
N VAL A 463 -34.98 2.58 -3.17
CA VAL A 463 -34.63 1.66 -4.25
C VAL A 463 -35.23 0.26 -4.03
N SER A 464 -35.52 -0.12 -2.77
CA SER A 464 -36.23 -1.37 -2.55
C SER A 464 -37.68 -1.25 -2.99
N LEU A 465 -38.21 -0.03 -3.01
CA LEU A 465 -39.60 0.18 -3.38
C LEU A 465 -39.76 0.35 -4.88
N CYS A 466 -39.01 1.26 -5.49
CA CYS A 466 -39.19 1.61 -6.89
C CYS A 466 -38.00 1.11 -7.70
N ASN A 467 -38.25 0.85 -8.99
CA ASN A 467 -37.16 0.37 -9.85
C ASN A 467 -36.27 1.54 -10.30
N PHE A 468 -35.80 2.30 -9.31
CA PHE A 468 -34.91 3.42 -9.56
C PHE A 468 -33.43 3.05 -9.52
N HIS A 469 -33.07 1.91 -8.95
CA HIS A 469 -31.69 1.45 -9.07
C HIS A 469 -31.27 1.56 -10.52
N ASN A 470 -30.09 2.13 -10.73
CA ASN A 470 -29.50 2.33 -12.04
C ASN A 470 -29.59 1.11 -12.96
N TYR A 471 -29.43 -0.09 -12.42
CA TYR A 471 -29.45 -1.31 -13.21
C TYR A 471 -30.66 -2.17 -12.93
N ASP A 472 -31.71 -1.59 -12.32
CA ASP A 472 -33.02 -2.19 -12.45
C ASP A 472 -33.42 -2.15 -13.93
N ASN A 473 -34.22 -3.12 -14.37
CA ASN A 473 -34.73 -3.11 -15.74
C ASN A 473 -36.05 -2.36 -15.77
N LEU A 474 -36.28 -1.58 -16.83
CA LEU A 474 -37.50 -0.80 -16.92
C LEU A 474 -38.70 -1.59 -17.44
N ARG A 475 -38.49 -2.82 -17.89
CA ARG A 475 -39.55 -3.72 -18.35
C ARG A 475 -39.80 -4.88 -17.39
N HIS A 476 -38.75 -5.61 -16.98
CA HIS A 476 -38.86 -6.74 -16.06
C HIS A 476 -38.21 -6.33 -14.74
N PHE A 477 -39.04 -5.92 -13.79
CA PHE A 477 -38.53 -5.42 -12.51
C PHE A 477 -39.26 -6.08 -11.35
N ALA A 478 -39.72 -7.31 -11.55
CA ALA A 478 -40.15 -8.17 -10.45
C ALA A 478 -41.35 -7.52 -9.77
N LYS A 479 -41.36 -7.38 -8.44
CA LYS A 479 -42.51 -6.86 -7.72
C LYS A 479 -42.29 -5.43 -7.21
N LYS A 480 -41.21 -4.77 -7.64
CA LYS A 480 -41.02 -3.37 -7.33
C LYS A 480 -42.05 -2.51 -8.05
N LEU A 481 -42.31 -1.34 -7.49
CA LEU A 481 -43.21 -0.36 -8.06
C LEU A 481 -42.47 0.56 -9.04
N ASP A 482 -43.10 0.89 -10.16
CA ASP A 482 -42.49 1.83 -11.11
C ASP A 482 -43.36 3.08 -11.18
N PRO A 483 -43.00 4.15 -10.45
CA PRO A 483 -43.87 5.35 -10.40
C PRO A 483 -44.07 6.03 -11.75
N ARG A 484 -43.24 5.75 -12.74
CA ARG A 484 -43.39 6.31 -14.07
C ARG A 484 -44.62 5.80 -14.82
N ARG A 485 -45.44 4.94 -14.21
CA ARG A 485 -46.54 4.31 -14.93
C ARG A 485 -47.81 4.31 -14.09
N GLU A 486 -48.95 4.22 -14.79
CA GLU A 486 -50.26 4.13 -14.15
C GLU A 486 -50.81 2.70 -14.06
N GLY A 487 -50.26 1.76 -14.82
CA GLY A 487 -50.79 0.42 -14.88
C GLY A 487 -49.76 -0.69 -14.70
N PRO B 78 60.23 4.26 40.07
CA PRO B 78 60.41 5.27 39.03
C PRO B 78 59.11 5.98 38.69
N SER B 79 59.18 7.03 37.89
CA SER B 79 57.98 7.81 37.55
C SER B 79 57.73 7.79 36.05
N LEU B 80 56.44 7.89 35.69
CA LEU B 80 56.03 7.66 34.31
C LEU B 80 56.47 8.77 33.38
N GLU B 81 56.53 10.02 33.89
CA GLU B 81 57.09 11.12 33.11
C GLU B 81 58.51 10.81 32.71
N ASP B 82 59.20 10.12 33.59
CA ASP B 82 60.60 9.82 33.39
C ASP B 82 60.76 8.62 32.47
N LEU B 83 60.07 7.52 32.78
CA LEU B 83 60.04 6.39 31.87
C LEU B 83 59.74 6.85 30.44
N LEU B 84 58.66 7.64 30.26
CA LEU B 84 58.34 8.14 28.93
C LEU B 84 59.43 9.09 28.41
N PHE B 85 60.02 9.90 29.30
CA PHE B 85 61.15 10.73 28.88
C PHE B 85 62.31 9.89 28.36
N TYR B 86 62.57 8.75 29.01
CA TYR B 86 63.61 7.86 28.50
C TYR B 86 63.26 7.30 27.12
N THR B 87 61.97 7.09 26.83
CA THR B 87 61.62 6.47 25.55
C THR B 87 61.69 7.47 24.39
N ILE B 88 61.30 8.74 24.63
CA ILE B 88 61.43 9.71 23.51
C ILE B 88 62.86 10.21 23.39
N ALA B 89 63.61 10.28 24.50
CA ALA B 89 64.99 10.74 24.43
C ALA B 89 65.86 9.76 23.65
N GLU B 90 65.61 8.45 23.82
CA GLU B 90 66.24 7.39 23.03
C GLU B 90 67.77 7.43 23.12
N GLY B 91 68.29 7.70 24.32
CA GLY B 91 69.73 7.68 24.49
C GLY B 91 70.35 9.01 24.87
N GLN B 92 69.94 10.11 24.23
CA GLN B 92 70.55 11.38 24.60
C GLN B 92 69.97 11.85 25.95
N GLU B 93 70.66 12.82 26.57
CA GLU B 93 70.24 13.37 27.85
C GLU B 93 69.16 14.42 27.73
N LYS B 94 68.92 14.94 26.52
CA LYS B 94 67.95 16.01 26.34
C LYS B 94 67.20 15.80 25.03
N ILE B 95 65.90 16.08 25.04
CA ILE B 95 65.05 15.96 23.86
C ILE B 95 64.80 17.37 23.32
N PRO B 96 65.25 17.69 22.11
CA PRO B 96 64.83 18.95 21.48
C PRO B 96 63.31 19.05 21.52
N VAL B 97 62.79 20.27 21.67
CA VAL B 97 61.34 20.45 21.75
C VAL B 97 60.66 19.88 20.51
N HIS B 98 61.14 20.29 19.32
CA HIS B 98 60.56 19.79 18.07
C HIS B 98 60.56 18.27 18.00
N LYS B 99 61.57 17.61 18.59
CA LYS B 99 61.58 16.16 18.58
C LYS B 99 60.41 15.60 19.36
N PHE B 100 59.97 16.31 20.38
CA PHE B 100 58.83 15.86 21.18
C PHE B 100 57.51 16.22 20.52
N ILE B 101 57.46 17.38 19.86
CA ILE B 101 56.24 17.78 19.17
C ILE B 101 55.96 16.84 18.00
N THR B 102 57.01 16.54 17.23
CA THR B 102 56.88 15.60 16.11
C THR B 102 56.48 14.21 16.60
N ALA B 103 57.04 13.79 17.74
CA ALA B 103 56.64 12.50 18.32
C ALA B 103 55.17 12.52 18.70
N LEU B 104 54.69 13.62 19.27
CA LEU B 104 53.30 13.74 19.68
C LEU B 104 52.34 13.77 18.49
N LYS B 105 52.63 14.63 17.51
CA LYS B 105 51.75 14.77 16.36
C LYS B 105 51.60 13.46 15.61
N SER B 106 52.67 12.67 15.54
CA SER B 106 52.60 11.44 14.78
C SER B 106 51.66 10.45 15.44
N THR B 107 51.47 10.54 16.76
CA THR B 107 50.46 9.74 17.42
C THR B 107 49.06 10.08 16.92
N GLY B 108 48.90 11.15 16.14
CA GLY B 108 47.62 11.60 15.71
C GLY B 108 47.04 12.72 16.54
N LEU B 109 47.48 12.88 17.78
CA LEU B 109 46.99 13.99 18.58
C LEU B 109 47.38 15.33 17.96
N ARG B 110 46.51 16.30 18.14
CA ARG B 110 46.76 17.66 17.71
C ARG B 110 47.42 18.42 18.85
N THR B 111 48.36 19.27 18.50
CA THR B 111 49.02 20.07 19.52
C THR B 111 48.06 21.02 20.22
N SER B 112 46.86 21.25 19.66
CA SER B 112 45.86 22.10 20.27
C SER B 112 44.79 21.31 21.04
N ASP B 113 45.01 20.02 21.25
CA ASP B 113 44.04 19.18 21.97
C ASP B 113 43.69 19.80 23.32
N PRO B 114 42.41 19.98 23.63
CA PRO B 114 42.05 20.50 24.95
C PRO B 114 42.67 19.74 26.12
N ARG B 115 42.73 18.41 26.07
CA ARG B 115 43.30 17.63 27.18
C ARG B 115 44.81 17.81 27.31
N LEU B 116 45.36 18.77 26.57
CA LEU B 116 46.79 18.98 26.50
C LEU B 116 47.19 20.44 26.71
N LYS B 117 46.25 21.32 27.06
CA LYS B 117 46.55 22.75 27.13
C LYS B 117 47.67 23.04 28.13
N GLU B 118 47.57 22.48 29.35
CA GLU B 118 48.63 22.65 30.35
C GLU B 118 50.00 22.32 29.76
N CYS B 119 50.18 21.09 29.29
CA CYS B 119 51.47 20.69 28.76
C CYS B 119 51.95 21.65 27.69
N MET B 120 51.03 22.13 26.87
CA MET B 120 51.41 22.98 25.76
C MET B 120 51.63 24.42 26.20
N ASP B 121 50.94 24.84 27.28
CA ASP B 121 51.22 26.17 27.85
C ASP B 121 52.59 26.21 28.48
N MET B 122 52.93 25.18 29.25
CA MET B 122 54.27 25.06 29.81
C MET B 122 55.33 25.03 28.71
N LEU B 123 55.08 24.32 27.61
CA LEU B 123 56.09 24.28 26.57
C LEU B 123 56.32 25.65 25.96
N ARG B 124 55.25 26.43 25.76
CA ARG B 124 55.44 27.78 25.21
C ARG B 124 56.10 28.71 26.21
N LEU B 125 55.68 28.63 27.48
CA LEU B 125 56.31 29.43 28.52
C LEU B 125 57.78 29.10 28.64
N THR B 126 58.14 27.82 28.52
CA THR B 126 59.53 27.42 28.64
C THR B 126 60.37 27.96 27.49
N LEU B 127 59.83 28.01 26.28
CA LEU B 127 60.62 28.60 25.20
C LEU B 127 60.76 30.11 25.33
N GLN B 128 59.95 30.73 26.20
CA GLN B 128 60.16 32.13 26.52
C GLN B 128 61.24 32.28 27.59
N THR B 129 61.00 31.72 28.78
CA THR B 129 61.86 31.88 29.94
C THR B 129 63.24 31.25 29.77
N THR B 130 63.47 30.48 28.71
CA THR B 130 64.77 29.82 28.50
C THR B 130 64.96 29.68 26.98
N SER B 131 65.08 30.82 26.29
CA SER B 131 65.31 30.77 24.84
C SER B 131 66.60 30.02 24.51
N ASP B 132 67.48 29.88 25.49
CA ASP B 132 68.71 29.09 25.44
C ASP B 132 68.60 27.67 24.93
N GLY B 133 68.12 27.51 23.71
CA GLY B 133 68.18 26.18 23.19
C GLY B 133 67.39 25.97 21.94
N VAL B 134 66.30 25.24 22.07
CA VAL B 134 65.80 24.90 23.40
C VAL B 134 65.62 23.40 23.62
N MET B 135 66.22 22.88 24.70
CA MET B 135 66.20 21.45 24.97
C MET B 135 65.74 21.17 26.40
N LEU B 136 64.94 20.12 26.54
CA LEU B 136 64.27 19.81 27.78
C LEU B 136 65.07 18.71 28.48
N ASP B 137 65.72 19.09 29.58
CA ASP B 137 66.30 18.08 30.43
C ASP B 137 65.15 17.22 30.92
N LYS B 138 65.48 16.29 31.76
CA LYS B 138 64.46 15.40 32.26
C LYS B 138 63.60 16.08 33.32
N ASP B 139 64.21 17.00 34.09
CA ASP B 139 63.47 17.75 35.11
C ASP B 139 62.50 18.73 34.47
N LEU B 140 62.88 19.32 33.33
CA LEU B 140 62.06 20.29 32.62
C LEU B 140 60.95 19.62 31.82
N PHE B 141 61.25 18.44 31.26
CA PHE B 141 60.23 17.65 30.58
C PHE B 141 59.17 17.18 31.56
N LYS B 142 59.56 16.93 32.81
CA LYS B 142 58.57 16.55 33.81
C LYS B 142 57.62 17.71 34.11
N LYS B 143 58.17 18.93 34.23
CA LYS B 143 57.37 20.12 34.57
C LYS B 143 56.38 20.47 33.48
N CYS B 144 56.62 20.02 32.24
CA CYS B 144 55.71 20.28 31.13
C CYS B 144 54.60 19.23 31.03
N VAL B 145 54.97 17.95 31.06
CA VAL B 145 54.03 16.87 30.77
C VAL B 145 53.42 16.27 32.03
N GLN B 146 53.72 16.82 33.20
CA GLN B 146 53.26 16.19 34.45
C GLN B 146 51.73 16.18 34.53
N SER B 147 51.10 17.29 34.16
CA SER B 147 49.66 17.39 34.29
C SER B 147 48.90 16.63 33.21
N ASN B 148 49.58 16.24 32.12
CA ASN B 148 48.96 15.51 31.01
C ASN B 148 49.62 14.16 30.78
N ILE B 149 50.18 13.57 31.84
CA ILE B 149 51.08 12.44 31.65
C ILE B 149 50.31 11.20 31.21
N VAL B 150 49.12 10.96 31.76
CA VAL B 150 48.37 9.74 31.40
C VAL B 150 48.10 9.72 29.90
N LEU B 151 47.55 10.80 29.36
CA LEU B 151 47.20 10.81 27.95
C LEU B 151 48.45 10.67 27.10
N LEU B 152 49.49 11.43 27.46
CA LEU B 152 50.73 11.34 26.71
C LEU B 152 51.33 9.94 26.79
N THR B 153 51.01 9.19 27.84
CA THR B 153 51.53 7.84 27.95
C THR B 153 50.85 6.94 26.92
N GLN B 154 49.51 6.88 26.99
CA GLN B 154 48.77 6.11 25.99
C GLN B 154 49.10 6.57 24.58
N ALA B 155 49.33 7.87 24.39
CA ALA B 155 49.76 8.36 23.09
C ALA B 155 51.08 7.74 22.66
N PHE B 156 52.00 7.52 23.61
CA PHE B 156 53.36 7.16 23.24
C PHE B 156 53.66 5.67 23.39
N ARG B 157 53.04 5.00 24.36
CA ARG B 157 53.05 3.54 24.40
C ARG B 157 52.12 2.91 23.35
N ARG B 158 51.72 3.70 22.35
CA ARG B 158 50.93 3.27 21.20
C ARG B 158 49.73 2.45 21.65
N LYS B 159 48.95 3.04 22.55
CA LYS B 159 47.81 2.39 23.14
C LYS B 159 46.48 2.99 22.67
N PHE B 160 46.50 3.88 21.68
CA PHE B 160 45.26 4.40 21.12
C PHE B 160 44.59 3.35 20.23
N VAL B 161 43.34 3.62 19.88
CA VAL B 161 42.54 2.64 19.16
C VAL B 161 43.13 2.34 17.79
N ILE B 162 43.79 3.32 17.17
CA ILE B 162 44.54 3.07 15.94
C ILE B 162 46.03 3.36 16.17
N PRO B 163 46.83 2.34 16.52
CA PRO B 163 48.22 2.60 16.97
C PRO B 163 49.11 3.25 15.93
N ASP B 164 49.07 2.76 14.68
CA ASP B 164 49.91 3.31 13.61
C ASP B 164 49.07 4.30 12.79
N PHE B 165 48.79 5.43 13.44
CA PHE B 165 47.89 6.41 12.85
C PHE B 165 48.48 7.01 11.58
N MET B 166 49.80 7.07 11.45
CA MET B 166 50.39 7.66 10.25
C MET B 166 50.16 6.77 9.03
N SER B 167 50.09 5.46 9.23
CA SER B 167 49.80 4.56 8.13
C SER B 167 48.32 4.58 7.77
N PHE B 168 47.45 4.69 8.76
CA PHE B 168 46.02 4.71 8.49
C PHE B 168 45.60 6.00 7.78
N THR B 169 46.25 7.13 8.09
CA THR B 169 45.85 8.36 7.41
C THR B 169 46.26 8.33 5.94
N SER B 170 47.41 7.74 5.63
CA SER B 170 47.77 7.57 4.23
C SER B 170 46.67 6.82 3.48
N HIS B 171 46.00 5.87 4.16
CA HIS B 171 44.88 5.16 3.55
C HIS B 171 43.67 6.06 3.37
N ILE B 172 43.32 6.84 4.41
CA ILE B 172 42.24 7.80 4.28
C ILE B 172 42.50 8.74 3.11
N ASP B 173 43.76 9.11 2.89
CA ASP B 173 44.09 9.99 1.78
C ASP B 173 43.91 9.26 0.44
N GLU B 174 44.28 7.98 0.38
CA GLU B 174 44.00 7.19 -0.81
C GLU B 174 42.49 7.12 -1.07
N LEU B 175 41.72 6.71 -0.05
CA LEU B 175 40.26 6.72 -0.15
C LEU B 175 39.75 8.09 -0.58
N TYR B 176 40.31 9.15 -0.01
CA TYR B 176 39.92 10.50 -0.37
C TYR B 176 40.08 10.75 -1.87
N GLU B 177 41.30 10.54 -2.40
CA GLU B 177 41.57 10.92 -3.79
C GLU B 177 40.83 10.03 -4.77
N SER B 178 40.64 8.75 -4.42
CA SER B 178 39.80 7.90 -5.25
C SER B 178 38.40 8.49 -5.43
N ALA B 179 37.71 8.77 -4.32
CA ALA B 179 36.37 9.33 -4.38
C ALA B 179 36.34 10.75 -4.92
N LYS B 180 37.50 11.43 -4.99
CA LYS B 180 37.51 12.80 -5.51
C LYS B 180 37.15 12.80 -6.99
N LYS B 181 37.64 11.81 -7.75
CA LYS B 181 37.40 11.59 -9.18
C LYS B 181 35.94 11.22 -9.51
N GLN B 182 34.98 11.35 -8.60
CA GLN B 182 33.59 11.00 -8.86
C GLN B 182 32.77 12.30 -8.86
N SER B 183 32.83 13.00 -9.99
CA SER B 183 32.22 14.31 -10.13
C SER B 183 30.72 14.26 -10.48
N GLY B 184 30.14 13.07 -10.58
CA GLY B 184 28.71 12.92 -10.80
C GLY B 184 27.83 13.52 -9.72
N GLY B 185 26.53 13.29 -9.83
CA GLY B 185 25.57 13.83 -8.89
C GLY B 185 25.26 15.28 -9.18
N LYS B 186 24.28 15.80 -8.44
CA LYS B 186 23.72 17.11 -8.70
C LYS B 186 23.61 17.87 -7.38
N VAL B 187 24.10 19.11 -7.37
CA VAL B 187 24.07 19.91 -6.15
C VAL B 187 22.64 20.33 -5.86
N ALA B 188 22.23 20.21 -4.60
CA ALA B 188 20.89 20.62 -4.21
C ALA B 188 20.69 22.09 -4.55
N ASP B 189 19.61 22.40 -5.26
CA ASP B 189 19.39 23.74 -5.79
C ASP B 189 18.06 24.35 -5.41
N TYR B 190 17.19 23.63 -4.69
CA TYR B 190 15.89 24.19 -4.36
C TYR B 190 16.04 25.45 -3.52
N ILE B 191 17.23 25.66 -2.96
CA ILE B 191 17.47 26.85 -2.15
C ILE B 191 18.71 27.51 -2.76
N PRO B 192 18.74 28.84 -2.91
CA PRO B 192 19.92 29.44 -3.56
C PRO B 192 21.20 29.15 -2.80
N GLN B 193 21.15 29.14 -1.47
CA GLN B 193 22.37 29.09 -0.67
C GLN B 193 23.07 27.73 -0.72
N LEU B 194 22.37 26.66 -1.12
CA LEU B 194 23.07 25.40 -1.38
C LEU B 194 23.46 25.23 -2.84
N ALA B 195 22.76 25.90 -3.76
CA ALA B 195 23.20 25.93 -5.15
C ALA B 195 24.51 26.72 -5.29
N LYS B 196 24.82 27.57 -4.30
CA LYS B 196 26.10 28.25 -4.22
C LYS B 196 27.27 27.28 -4.36
N PHE B 197 27.26 26.21 -3.56
CA PHE B 197 28.47 25.44 -3.28
C PHE B 197 29.02 24.77 -4.53
N SER B 198 30.32 24.90 -4.73
CA SER B 198 30.96 24.33 -5.92
C SER B 198 30.94 22.81 -5.88
N PRO B 199 30.59 22.15 -6.97
CA PRO B 199 30.55 20.68 -6.98
C PRO B 199 31.87 19.99 -6.68
N ASP B 200 32.95 20.74 -6.47
CA ASP B 200 34.26 20.10 -6.29
C ASP B 200 34.76 20.12 -4.86
N LEU B 201 34.20 20.96 -3.99
CA LEU B 201 34.38 20.83 -2.56
C LEU B 201 34.21 19.38 -2.12
N TRP B 202 35.23 18.85 -1.45
CA TRP B 202 35.26 17.44 -1.06
C TRP B 202 36.20 17.32 0.14
N GLY B 203 35.63 17.19 1.32
CA GLY B 203 36.43 17.11 2.54
C GLY B 203 36.08 15.89 3.37
N VAL B 204 37.12 15.25 3.90
CA VAL B 204 37.01 14.10 4.78
C VAL B 204 37.81 14.38 6.05
N SER B 205 37.16 14.27 7.22
CA SER B 205 37.79 14.49 8.51
C SER B 205 37.56 13.29 9.42
N VAL B 206 38.62 12.88 10.08
CA VAL B 206 38.61 11.75 11.02
C VAL B 206 38.92 12.27 12.40
N CYS B 207 38.24 11.71 13.40
CA CYS B 207 38.53 11.94 14.81
C CYS B 207 38.26 10.63 15.53
N THR B 208 39.30 10.06 16.14
CA THR B 208 39.12 8.74 16.73
C THR B 208 38.47 8.86 18.12
N VAL B 209 38.13 7.72 18.68
CA VAL B 209 37.57 7.68 20.02
C VAL B 209 38.60 8.10 21.08
N ASP B 210 39.84 8.40 20.66
CA ASP B 210 40.87 8.89 21.57
C ASP B 210 41.39 10.28 21.22
N GLY B 211 40.84 10.93 20.19
CA GLY B 211 41.22 12.27 19.82
C GLY B 211 42.18 12.38 18.64
N GLN B 212 42.55 11.26 18.01
CA GLN B 212 43.45 11.33 16.86
C GLN B 212 42.72 11.93 15.67
N ARG B 213 43.28 12.98 15.10
CA ARG B 213 42.63 13.78 14.07
C ARG B 213 43.36 13.62 12.75
N HIS B 214 42.59 13.65 11.67
CA HIS B 214 43.10 13.70 10.31
C HIS B 214 42.04 14.34 9.42
N SER B 215 42.49 15.22 8.53
CA SER B 215 41.63 15.88 7.56
C SER B 215 42.34 15.88 6.23
N THR B 216 41.54 15.80 5.18
CA THR B 216 42.07 15.99 3.84
C THR B 216 40.92 16.52 2.99
N GLY B 217 41.22 17.52 2.19
CA GLY B 217 40.19 18.19 1.43
C GLY B 217 39.62 19.38 2.18
N ASP B 218 38.45 19.82 1.71
CA ASP B 218 37.88 21.08 2.17
C ASP B 218 37.17 20.87 3.50
N THR B 219 37.99 20.72 4.54
CA THR B 219 37.52 20.37 5.87
C THR B 219 37.31 21.58 6.77
N LYS B 220 37.57 22.79 6.27
CA LYS B 220 37.30 23.99 7.05
C LYS B 220 36.32 24.90 6.32
N VAL B 221 35.60 24.38 5.34
CA VAL B 221 34.48 25.11 4.73
C VAL B 221 33.25 24.80 5.57
N PRO B 222 32.50 25.80 5.99
CA PRO B 222 31.27 25.54 6.73
C PRO B 222 30.14 25.16 5.79
N PHE B 223 29.30 24.26 6.26
CA PHE B 223 28.10 23.87 5.52
C PHE B 223 26.99 23.58 6.53
N CYS B 224 25.77 23.43 6.03
CA CYS B 224 24.64 23.24 6.91
C CYS B 224 24.44 21.77 7.21
N LEU B 225 24.17 21.47 8.48
CA LEU B 225 23.97 20.09 8.87
C LEU B 225 22.84 19.47 8.08
N GLN B 226 21.79 20.24 7.84
CA GLN B 226 20.57 19.76 7.20
C GLN B 226 20.13 18.52 7.98
N SER B 227 19.88 17.39 7.32
CA SER B 227 19.40 16.21 8.03
C SER B 227 20.49 15.55 8.87
N CYS B 228 21.77 15.89 8.69
CA CYS B 228 22.75 15.35 9.62
C CYS B 228 22.47 15.77 11.06
N VAL B 229 21.57 16.73 11.26
CA VAL B 229 21.24 17.13 12.63
C VAL B 229 20.23 16.18 13.26
N LYS B 230 19.60 15.32 12.46
CA LYS B 230 18.46 14.56 12.95
C LYS B 230 18.91 13.54 13.98
N PRO B 231 20.02 12.82 13.77
CA PRO B 231 20.50 11.96 14.87
C PRO B 231 20.91 12.76 16.09
N LEU B 232 21.50 13.95 15.90
CA LEU B 232 21.97 14.75 17.04
C LEU B 232 20.82 15.18 17.93
N LYS B 233 19.73 15.70 17.35
CA LYS B 233 18.66 16.17 18.21
C LYS B 233 17.86 15.02 18.81
N TYR B 234 17.64 13.96 18.01
CA TYR B 234 17.06 12.75 18.58
C TYR B 234 17.87 12.28 19.78
N ALA B 235 19.21 12.23 19.63
CA ALA B 235 20.06 11.91 20.77
C ALA B 235 19.78 12.84 21.95
N ILE B 236 19.74 14.16 21.69
CA ILE B 236 19.44 15.12 22.74
C ILE B 236 18.09 14.80 23.38
N ALA B 237 17.10 14.44 22.56
CA ALA B 237 15.77 14.15 23.11
C ALA B 237 15.78 12.87 23.96
N VAL B 238 16.40 11.80 23.48
CA VAL B 238 16.47 10.58 24.28
C VAL B 238 17.31 10.83 25.54
N ASN B 239 18.38 11.58 25.41
CA ASN B 239 19.18 11.94 26.58
C ASN B 239 18.30 12.57 27.66
N ASP B 240 17.55 13.64 27.31
CA ASP B 240 16.77 14.35 28.32
C ASP B 240 15.48 13.64 28.71
N LEU B 241 14.95 12.76 27.85
CA LEU B 241 13.61 12.23 28.06
C LEU B 241 13.57 10.71 28.18
N GLY B 242 14.59 10.00 27.72
CA GLY B 242 14.59 8.54 27.78
C GLY B 242 13.95 7.91 26.55
N THR B 243 14.25 6.62 26.37
CA THR B 243 13.78 5.90 25.20
C THR B 243 12.26 5.84 25.15
N GLU B 244 11.64 5.57 26.30
CA GLU B 244 10.23 5.20 26.32
C GLU B 244 9.35 6.39 26.03
N TYR B 245 9.67 7.54 26.62
CA TYR B 245 8.88 8.74 26.38
C TYR B 245 8.97 9.16 24.92
N VAL B 246 10.20 9.30 24.41
CA VAL B 246 10.38 9.75 23.03
C VAL B 246 9.62 8.85 22.08
N HIS B 247 9.70 7.53 22.28
CA HIS B 247 9.10 6.62 21.30
C HIS B 247 7.62 6.35 21.55
N ARG B 248 7.00 7.08 22.47
CA ARG B 248 5.57 7.31 22.39
C ARG B 248 5.22 8.14 21.17
N TYR B 249 6.16 8.95 20.69
CA TYR B 249 5.90 9.92 19.63
C TYR B 249 6.54 9.57 18.31
N VAL B 250 7.45 8.60 18.26
CA VAL B 250 8.10 8.23 17.01
C VAL B 250 8.59 6.79 17.09
N GLY B 251 8.50 6.08 15.96
CA GLY B 251 8.89 4.69 15.92
C GLY B 251 10.37 4.49 15.72
N LYS B 252 10.74 3.24 15.52
CA LYS B 252 12.14 2.86 15.55
C LYS B 252 12.47 1.86 14.45
N GLU B 253 11.74 1.90 13.35
CA GLU B 253 11.97 0.97 12.26
C GLU B 253 12.03 1.74 10.94
N PRO B 254 12.77 1.26 9.97
CA PRO B 254 12.67 1.84 8.62
C PRO B 254 11.28 1.59 8.04
N SER B 255 10.88 2.47 7.13
CA SER B 255 9.47 2.53 6.74
C SER B 255 9.09 1.39 5.81
N GLY B 256 9.92 1.12 4.81
CA GLY B 256 9.56 0.34 3.65
C GLY B 256 9.92 1.10 2.39
N LEU B 257 10.74 0.51 1.52
CA LEU B 257 11.33 1.27 0.43
C LEU B 257 10.28 1.55 -0.66
N ARG B 258 10.26 2.81 -1.13
CA ARG B 258 9.13 3.52 -1.76
C ARG B 258 7.86 3.48 -0.93
N PHE B 259 7.98 3.32 0.40
CA PHE B 259 6.91 3.71 1.31
C PHE B 259 7.40 4.93 2.11
N ASN B 260 8.27 5.71 1.47
CA ASN B 260 8.74 7.00 1.97
C ASN B 260 7.63 8.05 1.98
N LYS B 261 6.53 7.85 1.24
CA LYS B 261 5.49 8.86 1.12
C LYS B 261 4.64 8.98 2.39
N LEU B 262 4.48 7.89 3.13
CA LEU B 262 3.58 7.88 4.28
C LEU B 262 4.25 8.60 5.44
N PHE B 263 3.59 9.64 5.94
CA PHE B 263 4.14 10.36 7.10
C PHE B 263 4.02 9.54 8.37
N LEU B 264 3.09 8.59 8.39
CA LEU B 264 2.77 7.87 9.62
C LEU B 264 2.67 6.38 9.37
N ASN B 265 3.14 5.60 10.35
CA ASN B 265 2.91 4.17 10.38
C ASN B 265 1.54 3.92 10.99
N GLU B 266 1.27 2.68 11.37
CA GLU B 266 -0.08 2.26 11.73
C GLU B 266 -0.42 2.47 13.19
N ASP B 267 0.52 2.98 13.97
CA ASP B 267 0.20 3.55 15.27
C ASP B 267 0.09 5.06 15.19
N ASP B 268 0.04 5.60 13.96
CA ASP B 268 -0.06 7.03 13.71
C ASP B 268 1.13 7.80 14.29
N LYS B 269 2.28 7.11 14.41
CA LYS B 269 3.58 7.68 14.71
C LYS B 269 4.42 7.75 13.43
N PRO B 270 5.25 8.78 13.27
CA PRO B 270 6.23 8.72 12.17
C PRO B 270 7.14 7.52 12.35
N HIS B 271 7.80 7.11 11.27
CA HIS B 271 8.37 5.77 11.24
C HIS B 271 9.62 5.66 12.10
N ASN B 272 10.39 6.72 12.21
CA ASN B 272 11.65 6.75 12.92
C ASN B 272 12.09 8.21 13.00
N PRO B 273 12.99 8.53 13.92
CA PRO B 273 13.45 9.91 14.02
C PRO B 273 14.21 10.40 12.81
N MET B 274 14.63 9.54 11.90
CA MET B 274 15.53 9.95 10.84
C MET B 274 14.83 10.45 9.58
N VAL B 275 13.50 10.47 9.54
CA VAL B 275 12.75 11.06 8.43
C VAL B 275 12.04 12.31 8.93
N ASN B 276 11.65 13.16 7.97
CA ASN B 276 11.24 14.52 8.31
C ASN B 276 10.10 14.54 9.31
N ALA B 277 9.05 13.77 9.06
CA ALA B 277 7.97 13.71 10.04
C ALA B 277 8.51 13.28 11.40
N GLY B 278 9.40 12.28 11.43
CA GLY B 278 9.97 11.83 12.69
C GLY B 278 10.81 12.91 13.34
N ALA B 279 11.73 13.50 12.56
CA ALA B 279 12.53 14.62 13.05
C ALA B 279 11.67 15.76 13.57
N ILE B 280 10.60 16.11 12.83
CA ILE B 280 9.76 17.23 13.24
C ILE B 280 9.08 16.94 14.57
N VAL B 281 8.70 15.69 14.79
CA VAL B 281 8.11 15.34 16.08
C VAL B 281 9.17 15.34 17.16
N VAL B 282 10.37 14.85 16.86
CA VAL B 282 11.42 14.89 17.86
C VAL B 282 11.71 16.34 18.25
N THR B 283 11.74 17.23 17.26
CA THR B 283 11.99 18.63 17.53
C THR B 283 11.00 19.17 18.55
N SER B 284 9.78 18.68 18.53
CA SER B 284 8.76 19.18 19.45
C SER B 284 8.83 18.53 20.83
N LEU B 285 9.72 17.55 21.05
CA LEU B 285 9.88 17.00 22.40
C LEU B 285 10.98 17.70 23.18
N ILE B 286 11.90 18.37 22.50
CA ILE B 286 13.08 18.95 23.14
C ILE B 286 12.68 20.21 23.89
N LYS B 287 12.91 20.22 25.20
CA LYS B 287 12.86 21.44 26.00
C LYS B 287 11.49 22.10 25.87
N GLN B 288 10.45 21.31 26.12
CA GLN B 288 9.10 21.85 26.04
C GLN B 288 8.93 22.93 27.11
N GLY B 289 8.33 24.04 26.73
CA GLY B 289 8.00 25.09 27.68
C GLY B 289 8.74 26.40 27.50
N VAL B 290 9.76 26.47 26.65
CA VAL B 290 10.55 27.70 26.48
C VAL B 290 10.50 28.13 25.02
N ASN B 291 10.84 29.40 24.77
CA ASN B 291 10.72 29.93 23.41
C ASN B 291 11.80 29.34 22.51
N ASN B 292 11.67 29.62 21.21
CA ASN B 292 12.64 29.11 20.24
C ASN B 292 14.02 29.66 20.51
N ALA B 293 14.13 30.90 20.98
CA ALA B 293 15.44 31.43 21.34
C ALA B 293 16.17 30.49 22.30
N GLU B 294 15.47 30.01 23.32
CA GLU B 294 16.08 29.22 24.38
C GLU B 294 16.18 27.75 24.00
N LYS B 295 15.14 27.18 23.39
CA LYS B 295 15.26 25.85 22.80
C LYS B 295 16.48 25.75 21.91
N PHE B 296 16.65 26.75 21.02
CA PHE B 296 17.79 26.72 20.11
C PHE B 296 19.10 26.76 20.87
N ASP B 297 19.25 27.72 21.81
CA ASP B 297 20.49 27.80 22.56
C ASP B 297 20.75 26.53 23.34
N TYR B 298 19.70 25.92 23.89
CA TYR B 298 19.90 24.69 24.64
C TYR B 298 20.38 23.55 23.73
N VAL B 299 19.95 23.53 22.46
CA VAL B 299 20.50 22.52 21.55
C VAL B 299 21.91 22.90 21.13
N MET B 300 22.16 24.19 20.89
CA MET B 300 23.47 24.61 20.42
C MET B 300 24.56 24.28 21.44
N GLN B 301 24.35 24.69 22.69
CA GLN B 301 25.33 24.39 23.70
C GLN B 301 25.53 22.88 23.78
N PHE B 302 24.49 22.13 23.43
CA PHE B 302 24.59 20.67 23.39
C PHE B 302 25.45 20.22 22.22
N LEU B 303 25.21 20.77 21.03
CA LEU B 303 26.10 20.44 19.92
C LEU B 303 27.53 20.86 20.21
N ASN B 304 27.72 21.96 20.94
CA ASN B 304 29.07 22.45 21.21
C ASN B 304 29.90 21.43 22.00
N LYS B 305 29.36 20.95 23.12
CA LYS B 305 30.05 19.91 23.86
C LYS B 305 30.37 18.70 22.98
N MET B 306 29.41 18.28 22.14
CA MET B 306 29.63 17.15 21.23
C MET B 306 30.81 17.39 20.29
N ALA B 307 31.00 18.63 19.85
CA ALA B 307 32.10 18.98 18.97
C ALA B 307 33.36 19.44 19.72
N GLY B 308 33.44 19.22 21.04
CA GLY B 308 34.58 19.68 21.82
C GLY B 308 34.87 21.15 21.59
N ASN B 309 33.79 21.92 21.40
CA ASN B 309 33.85 23.38 21.19
C ASN B 309 34.58 23.76 19.90
N GLU B 310 34.56 22.88 18.89
CA GLU B 310 34.93 23.27 17.54
C GLU B 310 33.72 23.94 16.86
N TYR B 311 33.89 24.37 15.62
CA TYR B 311 32.94 25.28 15.00
C TYR B 311 31.56 24.65 14.86
N VAL B 312 30.57 25.33 15.42
CA VAL B 312 29.17 25.00 15.31
C VAL B 312 28.46 26.31 15.04
N GLY B 313 28.18 26.60 13.78
CA GLY B 313 27.66 27.88 13.39
C GLY B 313 26.18 27.86 13.13
N PHE B 314 25.74 28.77 12.25
CA PHE B 314 24.34 28.95 11.95
C PHE B 314 24.18 29.82 10.71
N SER B 315 23.45 29.34 9.73
CA SER B 315 23.29 30.08 8.47
C SER B 315 21.89 30.65 8.43
N ASN B 316 21.73 31.87 8.96
CA ASN B 316 20.43 32.54 8.89
C ASN B 316 19.93 32.68 7.47
N ALA B 317 20.84 32.78 6.48
CA ALA B 317 20.40 32.71 5.10
C ALA B 317 19.59 31.45 4.83
N THR B 318 20.18 30.25 5.03
CA THR B 318 19.43 29.04 4.66
C THR B 318 18.19 28.86 5.51
N PHE B 319 18.16 29.42 6.73
CA PHE B 319 16.96 29.27 7.56
C PHE B 319 15.79 30.03 6.95
N GLN B 320 15.98 31.32 6.65
CA GLN B 320 14.94 32.12 6.00
C GLN B 320 14.44 31.47 4.72
N SER B 321 15.33 30.86 3.96
CA SER B 321 14.93 30.31 2.69
C SER B 321 14.21 28.98 2.89
N GLU B 322 14.78 28.10 3.72
CA GLU B 322 14.12 26.84 4.09
C GLU B 322 12.69 27.07 4.54
N ARG B 323 12.45 28.15 5.29
CA ARG B 323 11.11 28.45 5.79
C ARG B 323 10.20 29.05 4.72
N GLU B 324 10.75 29.64 3.66
CA GLU B 324 9.90 30.20 2.63
C GLU B 324 9.46 29.13 1.65
N SER B 325 10.35 28.21 1.33
CA SER B 325 10.11 27.17 0.34
C SER B 325 10.01 25.79 0.98
N GLY B 326 9.33 25.69 2.11
CA GLY B 326 9.20 24.39 2.74
C GLY B 326 7.78 23.86 2.74
N ASP B 327 7.18 23.71 1.55
CA ASP B 327 5.78 23.28 1.49
C ASP B 327 5.60 21.87 2.01
N ARG B 328 6.48 20.93 1.63
CA ARG B 328 6.33 19.58 2.16
C ARG B 328 6.31 19.59 3.68
N ASN B 329 7.21 20.35 4.29
CA ASN B 329 7.31 20.32 5.75
C ASN B 329 6.07 20.90 6.40
N PHE B 330 5.60 22.04 5.93
CA PHE B 330 4.33 22.53 6.45
C PHE B 330 3.24 21.49 6.24
N ALA B 331 3.23 20.83 5.08
CA ALA B 331 2.30 19.73 4.84
C ALA B 331 2.42 18.68 5.93
N ILE B 332 3.67 18.27 6.24
CA ILE B 332 3.90 17.31 7.32
C ILE B 332 3.38 17.87 8.63
N GLY B 333 3.70 19.15 8.92
CA GLY B 333 3.33 19.78 10.16
C GLY B 333 1.84 19.74 10.44
N TYR B 334 1.04 20.36 9.55
CA TYR B 334 -0.41 20.29 9.66
C TYR B 334 -0.91 18.85 9.71
N TYR B 335 -0.35 17.96 8.88
CA TYR B 335 -0.77 16.57 8.93
C TYR B 335 -0.56 15.98 10.32
N LEU B 336 0.61 16.27 10.94
CA LEU B 336 0.90 15.71 12.25
C LEU B 336 0.01 16.34 13.32
N LYS B 337 -0.19 17.65 13.26
CA LYS B 337 -1.07 18.29 14.23
C LYS B 337 -2.49 17.72 14.14
N GLU B 338 -2.98 17.49 12.92
CA GLU B 338 -4.31 16.92 12.78
C GLU B 338 -4.37 15.49 13.31
N LYS B 339 -3.31 14.73 13.12
CA LYS B 339 -3.28 13.36 13.62
C LYS B 339 -2.94 13.27 15.10
N LYS B 340 -2.76 14.42 15.77
CA LYS B 340 -2.53 14.47 17.22
C LYS B 340 -1.24 13.76 17.58
N CYS B 341 -0.17 14.19 16.91
CA CYS B 341 1.13 13.57 16.96
C CYS B 341 2.13 14.30 17.85
N PHE B 342 1.83 15.50 18.23
CA PHE B 342 2.69 16.32 19.05
C PHE B 342 2.28 16.28 20.52
N PRO B 343 3.22 16.47 21.44
CA PRO B 343 2.86 16.57 22.86
C PRO B 343 1.80 17.63 23.06
N GLU B 344 0.93 17.40 24.04
CA GLU B 344 -0.18 18.31 24.27
C GLU B 344 0.35 19.72 24.48
N GLY B 345 -0.31 20.70 23.87
CA GLY B 345 0.13 22.08 23.95
C GLY B 345 1.25 22.46 23.01
N THR B 346 1.42 21.78 21.89
CA THR B 346 2.47 22.12 20.94
C THR B 346 1.99 23.25 20.03
N ASP B 347 2.86 24.22 19.77
CA ASP B 347 2.60 25.26 18.77
C ASP B 347 3.30 24.80 17.50
N MET B 348 2.55 24.08 16.66
CA MET B 348 3.12 23.37 15.52
C MET B 348 3.86 24.32 14.58
N VAL B 349 3.28 25.46 14.27
CA VAL B 349 3.94 26.40 13.37
C VAL B 349 5.28 26.81 13.94
N GLY B 350 5.32 27.12 15.24
CA GLY B 350 6.59 27.46 15.87
C GLY B 350 7.56 26.30 15.93
N ILE B 351 7.04 25.08 16.14
CA ILE B 351 7.88 23.88 16.07
C ILE B 351 8.50 23.73 14.69
N LEU B 352 7.78 24.15 13.64
CA LEU B 352 8.35 24.04 12.31
C LEU B 352 9.51 25.02 12.15
N ASP B 353 9.39 26.22 12.75
CA ASP B 353 10.44 27.22 12.65
C ASP B 353 11.70 26.80 13.41
N PHE B 354 11.54 26.29 14.64
CA PHE B 354 12.65 25.62 15.32
C PHE B 354 13.28 24.56 14.41
N TYR B 355 12.47 23.70 13.80
CA TYR B 355 12.97 22.66 12.92
C TYR B 355 13.81 23.23 11.78
N PHE B 356 13.31 24.26 11.08
CA PHE B 356 14.10 24.86 10.00
C PHE B 356 15.38 25.50 10.54
N GLN B 357 15.38 25.93 11.80
CA GLN B 357 16.61 26.45 12.40
C GLN B 357 17.62 25.34 12.62
N LEU B 358 17.23 24.27 13.32
CA LEU B 358 18.13 23.16 13.54
C LEU B 358 18.75 22.65 12.25
N CYS B 359 18.02 22.73 11.13
CA CYS B 359 18.57 22.27 9.85
C CYS B 359 19.64 23.21 9.30
N SER B 360 19.64 24.47 9.74
CA SER B 360 20.54 25.48 9.23
C SER B 360 21.81 25.63 10.06
N ILE B 361 21.95 24.87 11.15
CA ILE B 361 23.18 24.91 11.93
C ILE B 361 24.36 24.54 11.03
N GLU B 362 25.46 25.24 11.20
CA GLU B 362 26.65 25.01 10.40
C GLU B 362 27.72 24.26 11.18
N VAL B 363 28.46 23.43 10.46
CA VAL B 363 29.63 22.76 10.98
C VAL B 363 30.70 22.78 9.88
N THR B 364 31.83 22.18 10.17
CA THR B 364 32.87 21.90 9.21
C THR B 364 33.13 20.41 9.26
N CYS B 365 33.73 19.88 8.20
CA CYS B 365 34.12 18.48 8.23
C CYS B 365 34.82 18.13 9.54
N GLU B 366 35.77 18.97 9.94
CA GLU B 366 36.54 18.67 11.15
C GLU B 366 35.68 18.75 12.40
N SER B 367 34.84 19.79 12.50
CA SER B 367 34.08 19.93 13.75
C SER B 367 33.03 18.84 13.87
N ALA B 368 32.30 18.56 12.76
CA ALA B 368 31.29 17.49 12.81
C ALA B 368 31.93 16.11 13.00
N SER B 369 33.11 15.89 12.43
CA SER B 369 33.83 14.63 12.70
C SER B 369 34.00 14.38 14.19
N VAL B 370 34.12 15.45 15.01
CA VAL B 370 34.19 15.27 16.46
C VAL B 370 32.82 14.89 17.01
N MET B 371 31.74 15.45 16.44
CA MET B 371 30.40 15.10 16.93
C MET B 371 30.13 13.62 16.74
N ALA B 372 30.47 13.09 15.56
CA ALA B 372 30.35 11.67 15.32
C ALA B 372 31.26 10.87 16.25
N ALA B 373 32.44 11.41 16.55
CA ALA B 373 33.35 10.68 17.42
C ALA B 373 32.76 10.52 18.82
N THR B 374 32.08 11.56 19.31
CA THR B 374 31.33 11.43 20.57
C THR B 374 30.33 10.29 20.48
N LEU B 375 29.65 10.14 19.33
CA LEU B 375 28.78 8.97 19.12
C LEU B 375 29.60 7.69 18.96
N ALA B 376 30.80 7.79 18.40
CA ALA B 376 31.69 6.63 18.37
C ALA B 376 32.11 6.19 19.76
N ASN B 377 32.04 7.10 20.73
CA ASN B 377 32.72 6.98 22.01
C ASN B 377 31.72 6.89 23.16
N GLY B 378 30.55 6.31 22.92
CA GLY B 378 29.59 6.15 24.00
C GLY B 378 29.14 7.45 24.62
N GLY B 379 29.23 8.56 23.91
CA GLY B 379 28.70 9.81 24.41
C GLY B 379 29.68 10.67 25.17
N PHE B 380 30.97 10.36 25.11
CA PHE B 380 32.01 11.19 25.68
C PHE B 380 32.71 11.91 24.55
N CYS B 381 32.87 13.22 24.68
CA CYS B 381 33.55 13.95 23.62
C CYS B 381 35.02 13.56 23.62
N PRO B 382 35.54 13.00 22.54
CA PRO B 382 36.87 12.37 22.60
C PRO B 382 38.02 13.34 22.82
N ILE B 383 37.87 14.63 22.51
CA ILE B 383 38.97 15.57 22.71
C ILE B 383 38.83 16.40 23.98
N THR B 384 37.79 16.18 24.78
CA THR B 384 37.68 16.91 26.05
C THR B 384 37.46 16.03 27.25
N GLY B 385 37.14 14.75 27.06
CA GLY B 385 36.84 13.87 28.16
C GLY B 385 35.44 14.04 28.72
N GLU B 386 34.65 14.94 28.15
CA GLU B 386 33.37 15.37 28.72
C GLU B 386 32.22 14.43 28.34
N ARG B 387 31.43 14.04 29.35
CA ARG B 387 30.24 13.25 29.11
C ARG B 387 29.14 14.13 28.52
N VAL B 388 28.72 13.82 27.29
CA VAL B 388 27.81 14.67 26.56
C VAL B 388 26.44 14.02 26.40
N LEU B 389 26.40 12.72 26.10
CA LEU B 389 25.13 12.02 25.90
C LEU B 389 25.14 10.75 26.73
N SER B 390 23.98 10.39 27.28
CA SER B 390 23.86 9.13 27.97
C SER B 390 24.12 7.98 26.98
N PRO B 391 24.71 6.87 27.44
CA PRO B 391 24.92 5.73 26.54
C PRO B 391 23.66 5.25 25.85
N GLU B 392 22.54 5.28 26.58
CA GLU B 392 21.24 4.98 25.98
C GLU B 392 20.95 5.88 24.77
N ALA B 393 21.12 7.19 24.94
CA ALA B 393 20.92 8.11 23.82
C ALA B 393 21.81 7.74 22.65
N VAL B 394 23.06 7.37 22.95
CA VAL B 394 24.03 7.11 21.89
C VAL B 394 23.70 5.79 21.19
N ARG B 395 23.18 4.83 21.93
CA ARG B 395 22.93 3.52 21.34
C ARG B 395 21.69 3.56 20.44
N ASN B 396 20.65 4.30 20.85
CA ASN B 396 19.47 4.45 20.00
C ASN B 396 19.80 5.18 18.71
N THR B 397 20.49 6.31 18.83
CA THR B 397 20.88 7.09 17.66
C THR B 397 21.64 6.25 16.65
N LEU B 398 22.64 5.50 17.12
CA LEU B 398 23.44 4.65 16.24
C LEU B 398 22.61 3.50 15.67
N SER B 399 21.65 3.00 16.44
CA SER B 399 20.76 1.96 15.95
C SER B 399 19.95 2.48 14.76
N LEU B 400 19.36 3.67 14.90
CA LEU B 400 18.51 4.25 13.86
C LEU B 400 19.31 4.84 12.71
N MET B 401 20.56 5.26 12.94
CA MET B 401 21.36 5.66 11.78
C MET B 401 21.72 4.43 10.94
N HIS B 402 21.84 3.27 11.59
CA HIS B 402 22.15 2.05 10.88
C HIS B 402 21.07 1.73 9.85
N SER B 403 19.81 1.71 10.28
CA SER B 403 18.73 1.27 9.41
C SER B 403 18.01 2.39 8.68
N CYS B 404 18.07 3.64 9.17
CA CYS B 404 17.24 4.68 8.58
C CYS B 404 18.02 5.94 8.19
N GLY B 405 19.32 5.85 7.99
CA GLY B 405 20.10 7.08 8.00
C GLY B 405 20.51 7.60 6.64
N MET B 406 20.26 6.81 5.60
CA MET B 406 20.70 7.18 4.27
C MET B 406 19.51 7.23 3.31
N TYR B 407 18.37 7.73 3.80
CA TYR B 407 17.16 7.84 3.02
C TYR B 407 16.84 6.48 2.41
N ASP B 408 16.37 6.46 1.15
CA ASP B 408 16.02 5.19 0.51
C ASP B 408 17.21 4.29 0.27
N PHE B 409 18.43 4.75 0.51
CA PHE B 409 19.60 3.87 0.41
C PHE B 409 19.89 3.13 1.71
N SER B 410 19.10 3.39 2.76
CA SER B 410 19.41 2.89 4.10
C SER B 410 19.65 1.39 4.10
N GLY B 411 18.72 0.62 3.55
CA GLY B 411 18.85 -0.82 3.60
C GLY B 411 20.03 -1.33 2.80
N GLN B 412 20.29 -0.71 1.65
CA GLN B 412 21.49 -1.05 0.89
C GLN B 412 22.75 -0.59 1.63
N PHE B 413 22.71 0.60 2.24
CA PHE B 413 23.85 1.10 2.98
C PHE B 413 24.14 0.18 4.16
N ALA B 414 23.10 -0.19 4.91
CA ALA B 414 23.29 -1.08 6.04
C ALA B 414 23.94 -2.38 5.59
N PHE B 415 23.53 -2.87 4.42
CA PHE B 415 23.98 -4.18 3.97
C PHE B 415 25.44 -4.14 3.53
N HIS B 416 25.83 -3.15 2.71
CA HIS B 416 27.18 -3.15 2.15
C HIS B 416 28.18 -2.35 2.98
N VAL B 417 27.74 -1.33 3.70
CA VAL B 417 28.63 -0.53 4.53
C VAL B 417 28.52 -0.94 5.98
N GLY B 418 27.31 -1.22 6.45
CA GLY B 418 27.15 -1.64 7.83
C GLY B 418 27.76 -0.66 8.81
N LEU B 419 27.58 0.63 8.59
CA LEU B 419 28.07 1.65 9.50
C LEU B 419 26.95 2.64 9.79
N PRO B 420 26.78 2.99 11.07
CA PRO B 420 25.85 4.07 11.41
C PRO B 420 26.26 5.34 10.70
N ALA B 421 25.40 5.82 9.81
CA ALA B 421 25.68 7.03 9.07
C ALA B 421 24.41 7.83 8.88
N LYS B 422 24.58 9.13 8.65
CA LYS B 422 23.47 10.01 8.30
C LYS B 422 23.93 10.93 7.20
N SER B 423 23.02 11.33 6.34
CA SER B 423 23.30 12.15 5.17
C SER B 423 22.45 13.40 5.23
N GLY B 424 22.82 14.39 4.42
CA GLY B 424 22.05 15.61 4.39
C GLY B 424 22.16 16.26 3.03
N VAL B 425 21.15 17.07 2.70
CA VAL B 425 21.03 17.64 1.36
C VAL B 425 22.21 18.54 0.96
N ALA B 426 22.92 19.10 1.95
CA ALA B 426 24.11 19.91 1.68
C ALA B 426 25.32 19.11 1.21
N GLY B 427 25.32 17.79 1.37
CA GLY B 427 26.40 16.94 0.88
C GLY B 427 27.14 16.18 1.98
N GLY B 428 26.75 16.30 3.23
CA GLY B 428 27.50 15.70 4.31
C GLY B 428 27.02 14.30 4.61
N ILE B 429 27.96 13.44 5.02
CA ILE B 429 27.62 12.16 5.63
C ILE B 429 28.26 12.11 7.00
N LEU B 430 27.44 12.07 8.03
CA LEU B 430 27.91 11.93 9.40
C LEU B 430 28.06 10.43 9.65
N LEU B 431 29.30 9.96 9.83
CA LEU B 431 29.62 8.54 9.84
C LEU B 431 30.21 8.13 11.17
N VAL B 432 29.79 6.97 11.68
CA VAL B 432 30.31 6.51 12.96
C VAL B 432 30.83 5.09 12.80
N VAL B 433 32.10 4.89 13.14
CA VAL B 433 32.69 3.55 13.30
C VAL B 433 32.72 3.28 14.79
N PRO B 434 31.68 2.62 15.34
CA PRO B 434 31.60 2.39 16.79
C PRO B 434 32.91 1.88 17.39
N ASN B 435 33.33 2.52 18.49
CA ASN B 435 34.52 2.20 19.29
C ASN B 435 35.81 2.61 18.61
N VAL B 436 35.75 3.22 17.43
CA VAL B 436 36.96 3.51 16.67
C VAL B 436 37.05 4.99 16.36
N MET B 437 36.07 5.52 15.65
CA MET B 437 36.18 6.90 15.20
C MET B 437 34.84 7.36 14.67
N GLY B 438 34.69 8.68 14.60
CA GLY B 438 33.60 9.34 13.91
C GLY B 438 34.16 10.08 12.71
N MET B 439 33.29 10.42 11.75
CA MET B 439 33.77 11.09 10.54
C MET B 439 32.70 12.02 9.98
N MET B 440 33.17 12.98 9.19
CA MET B 440 32.30 13.76 8.32
C MET B 440 32.93 13.77 6.94
N CYS B 441 32.21 13.22 5.96
CA CYS B 441 32.51 13.39 4.56
C CYS B 441 31.55 14.43 4.00
N TRP B 442 32.09 15.36 3.21
CA TRP B 442 31.24 16.39 2.64
C TRP B 442 31.60 16.59 1.17
N SER B 443 30.59 16.51 0.30
CA SER B 443 30.66 16.93 -1.09
C SER B 443 29.24 17.25 -1.54
N PRO B 444 29.00 18.47 -2.02
CA PRO B 444 27.62 18.96 -2.22
C PRO B 444 26.82 18.20 -3.27
N PRO B 445 27.42 17.59 -4.30
CA PRO B 445 26.56 16.94 -5.32
C PRO B 445 25.92 15.67 -4.81
N LEU B 446 24.60 15.62 -4.84
CA LEU B 446 23.87 14.45 -4.38
C LEU B 446 23.59 13.51 -5.55
N ASP B 447 23.44 12.22 -5.23
CA ASP B 447 22.92 11.26 -6.19
C ASP B 447 21.40 11.38 -6.24
N LYS B 448 20.73 10.52 -7.01
CA LYS B 448 19.29 10.70 -7.16
C LYS B 448 18.52 10.38 -5.88
N MET B 449 19.13 9.63 -4.96
CA MET B 449 18.53 9.37 -3.66
C MET B 449 18.82 10.44 -2.59
N GLY B 450 19.65 11.44 -2.90
CA GLY B 450 19.91 12.53 -1.98
C GLY B 450 21.23 12.47 -1.24
N ASN B 451 22.00 11.40 -1.45
CA ASN B 451 23.22 11.07 -0.73
C ASN B 451 24.43 11.51 -1.54
N SER B 452 25.39 12.14 -0.85
CA SER B 452 26.57 12.65 -1.51
C SER B 452 27.30 11.55 -2.28
N VAL B 453 27.49 11.78 -3.59
CA VAL B 453 28.09 10.77 -4.44
C VAL B 453 29.50 10.43 -3.97
N LYS B 454 30.29 11.46 -3.66
CA LYS B 454 31.64 11.24 -3.16
C LYS B 454 31.62 10.50 -1.82
N GLY B 455 30.73 10.93 -0.91
CA GLY B 455 30.65 10.29 0.39
C GLY B 455 30.30 8.83 0.30
N ILE B 456 29.26 8.52 -0.48
CA ILE B 456 28.85 7.13 -0.69
C ILE B 456 30.02 6.30 -1.23
N HIS B 457 30.65 6.80 -2.29
CA HIS B 457 31.81 6.12 -2.86
C HIS B 457 32.89 5.91 -1.80
N PHE B 458 33.18 6.96 -1.01
CA PHE B 458 34.17 6.82 0.04
C PHE B 458 33.81 5.70 1.01
N CYS B 459 32.56 5.70 1.51
CA CYS B 459 32.19 4.74 2.56
C CYS B 459 32.36 3.31 2.08
N HIS B 460 32.01 3.03 0.81
CA HIS B 460 32.18 1.68 0.28
C HIS B 460 33.64 1.30 0.22
N ASP B 461 34.50 2.21 -0.25
CA ASP B 461 35.94 1.93 -0.27
C ASP B 461 36.48 1.69 1.12
N LEU B 462 36.04 2.51 2.09
CA LEU B 462 36.57 2.39 3.44
C LEU B 462 36.36 1.00 3.99
N VAL B 463 35.15 0.46 3.81
CA VAL B 463 34.80 -0.86 4.36
C VAL B 463 35.29 -2.02 3.49
N SER B 464 35.54 -1.80 2.19
CA SER B 464 36.24 -2.81 1.41
C SER B 464 37.69 -2.94 1.85
N LEU B 465 38.28 -1.84 2.33
CA LEU B 465 39.64 -1.86 2.83
C LEU B 465 39.71 -2.40 4.26
N CYS B 466 38.84 -1.94 5.15
CA CYS B 466 39.00 -2.21 6.57
C CYS B 466 37.84 -3.03 7.14
N ASN B 467 38.17 -3.88 8.10
CA ASN B 467 37.17 -4.73 8.76
C ASN B 467 36.29 -3.92 9.70
N PHE B 468 35.82 -2.77 9.23
CA PHE B 468 34.96 -1.88 10.00
C PHE B 468 33.47 -2.15 9.81
N HIS B 469 33.07 -3.01 8.86
CA HIS B 469 31.66 -3.34 8.71
C HIS B 469 31.16 -3.83 10.06
N ASN B 470 29.95 -3.44 10.42
CA ASN B 470 29.44 -3.78 11.74
C ASN B 470 29.39 -5.27 11.98
N TYR B 471 29.36 -6.08 10.91
CA TYR B 471 29.33 -7.54 11.00
C TYR B 471 30.54 -8.18 10.32
N ASP B 472 31.58 -7.39 10.06
CA ASP B 472 32.90 -7.97 9.93
C ASP B 472 33.27 -8.62 11.25
N ASN B 473 34.18 -9.59 11.17
CA ASN B 473 34.69 -10.29 12.34
C ASN B 473 36.04 -9.68 12.73
N LEU B 474 36.27 -9.52 14.03
CA LEU B 474 37.49 -8.86 14.52
C LEU B 474 38.73 -9.74 14.48
N ARG B 475 38.55 -11.06 14.45
CA ARG B 475 39.63 -12.03 14.42
C ARG B 475 39.82 -12.68 13.04
N HIS B 476 38.74 -12.88 12.27
CA HIS B 476 38.79 -13.52 10.96
C HIS B 476 38.17 -12.62 9.91
N PHE B 477 39.02 -11.91 9.17
CA PHE B 477 38.51 -10.90 8.26
C PHE B 477 39.21 -10.97 6.92
N ALA B 478 39.64 -12.17 6.53
CA ALA B 478 40.12 -12.45 5.16
C ALA B 478 41.25 -11.46 4.85
N LYS B 479 41.19 -10.73 3.73
CA LYS B 479 42.27 -9.85 3.33
C LYS B 479 42.02 -8.40 3.69
N LYS B 480 40.89 -8.08 4.31
CA LYS B 480 40.71 -6.74 4.84
C LYS B 480 41.81 -6.43 5.86
N LEU B 481 42.10 -5.15 6.00
CA LEU B 481 43.11 -4.64 6.92
C LEU B 481 42.44 -4.21 8.22
N ASP B 482 43.10 -4.42 9.35
CA ASP B 482 42.55 -3.99 10.64
C ASP B 482 43.44 -2.89 11.22
N PRO B 483 43.05 -1.62 11.12
CA PRO B 483 43.89 -0.54 11.64
C PRO B 483 44.02 -0.53 13.15
N ARG B 484 43.19 -1.29 13.86
CA ARG B 484 43.37 -1.44 15.30
C ARG B 484 44.61 -2.27 15.65
N ARG B 485 45.23 -2.94 14.68
CA ARG B 485 46.32 -3.86 14.92
C ARG B 485 47.62 -3.34 14.32
N GLU B 486 48.71 -4.05 14.63
CA GLU B 486 50.02 -3.62 14.20
C GLU B 486 50.78 -4.71 13.43
N GLY B 487 51.41 -5.63 14.16
CA GLY B 487 52.25 -6.64 13.56
C GLY B 487 51.89 -8.07 13.94
N PRO C 78 -62.99 -6.15 -35.24
CA PRO C 78 -61.79 -5.96 -36.07
C PRO C 78 -60.54 -6.58 -35.43
N SER C 79 -60.16 -7.78 -35.87
CA SER C 79 -59.06 -8.50 -35.23
C SER C 79 -57.71 -7.98 -35.71
N LEU C 80 -56.65 -8.31 -34.94
CA LEU C 80 -55.39 -7.62 -35.15
C LEU C 80 -54.63 -8.18 -36.35
N GLU C 81 -54.58 -9.51 -36.48
CA GLU C 81 -54.10 -10.09 -37.72
C GLU C 81 -54.79 -9.43 -38.90
N ASP C 82 -56.00 -8.92 -38.69
CA ASP C 82 -56.71 -8.21 -39.74
C ASP C 82 -56.14 -6.82 -39.94
N LEU C 83 -56.17 -5.97 -38.90
CA LEU C 83 -55.70 -4.60 -39.06
C LEU C 83 -54.30 -4.58 -39.63
N LEU C 84 -53.44 -5.46 -39.14
CA LEU C 84 -52.07 -5.48 -39.64
C LEU C 84 -52.01 -5.96 -41.09
N PHE C 85 -52.87 -6.91 -41.49
CA PHE C 85 -52.92 -7.29 -42.90
C PHE C 85 -53.12 -6.08 -43.79
N TYR C 86 -54.03 -5.17 -43.41
CA TYR C 86 -54.22 -3.96 -44.19
C TYR C 86 -52.95 -3.10 -44.16
N THR C 87 -52.27 -3.07 -43.01
CA THR C 87 -51.01 -2.32 -42.87
C THR C 87 -49.96 -2.77 -43.89
N ILE C 88 -49.79 -4.08 -44.09
CA ILE C 88 -48.81 -4.57 -45.06
C ILE C 88 -49.34 -4.57 -46.50
N ALA C 89 -50.62 -4.87 -46.68
CA ALA C 89 -51.18 -4.95 -48.03
C ALA C 89 -50.99 -3.63 -48.77
N GLU C 90 -51.18 -2.51 -48.08
CA GLU C 90 -51.02 -1.16 -48.65
C GLU C 90 -51.80 -1.02 -49.95
N GLY C 91 -53.09 -1.31 -49.88
CA GLY C 91 -53.94 -1.09 -51.03
C GLY C 91 -54.34 -2.37 -51.75
N GLN C 92 -53.37 -3.14 -52.23
CA GLN C 92 -53.68 -4.42 -52.85
C GLN C 92 -54.44 -5.29 -51.85
N GLU C 93 -55.11 -6.33 -52.36
CA GLU C 93 -55.82 -7.24 -51.48
C GLU C 93 -55.06 -8.56 -51.29
N LYS C 94 -54.03 -8.82 -52.09
CA LYS C 94 -53.08 -9.87 -51.77
C LYS C 94 -51.73 -9.24 -51.43
N ILE C 95 -51.00 -9.89 -50.53
CA ILE C 95 -49.63 -9.52 -50.18
C ILE C 95 -48.70 -10.59 -50.75
N PRO C 96 -47.78 -10.25 -51.65
CA PRO C 96 -46.74 -11.23 -52.03
C PRO C 96 -45.99 -11.66 -50.79
N VAL C 97 -45.60 -12.94 -50.76
CA VAL C 97 -44.90 -13.47 -49.58
C VAL C 97 -43.66 -12.65 -49.28
N HIS C 98 -42.75 -12.54 -50.27
CA HIS C 98 -41.51 -11.79 -50.09
C HIS C 98 -41.76 -10.35 -49.61
N LYS C 99 -42.93 -9.78 -49.93
CA LYS C 99 -43.24 -8.46 -49.41
C LYS C 99 -43.42 -8.50 -47.91
N PHE C 100 -44.06 -9.54 -47.39
CA PHE C 100 -44.20 -9.67 -45.94
C PHE C 100 -42.87 -10.03 -45.30
N ILE C 101 -42.02 -10.79 -46.00
CA ILE C 101 -40.74 -11.16 -45.44
C ILE C 101 -39.80 -9.96 -45.40
N THR C 102 -39.79 -9.15 -46.47
CA THR C 102 -38.92 -7.98 -46.49
C THR C 102 -39.34 -6.96 -45.43
N ALA C 103 -40.65 -6.78 -45.27
CA ALA C 103 -41.16 -5.94 -44.19
C ALA C 103 -40.73 -6.49 -42.82
N LEU C 104 -40.77 -7.81 -42.66
CA LEU C 104 -40.36 -8.43 -41.39
C LEU C 104 -38.88 -8.19 -41.11
N LYS C 105 -38.01 -8.57 -42.04
CA LYS C 105 -36.59 -8.38 -41.85
C LYS C 105 -36.24 -6.92 -41.53
N SER C 106 -36.95 -5.96 -42.11
CA SER C 106 -36.54 -4.58 -41.92
C SER C 106 -36.83 -4.07 -40.52
N THR C 107 -37.65 -4.78 -39.73
CA THR C 107 -37.81 -4.50 -38.31
C THR C 107 -36.64 -5.03 -37.46
N GLY C 108 -35.54 -5.46 -38.08
CA GLY C 108 -34.48 -6.09 -37.35
C GLY C 108 -34.67 -7.55 -37.04
N LEU C 109 -35.91 -8.05 -36.99
CA LEU C 109 -36.13 -9.45 -36.67
C LEU C 109 -35.53 -10.36 -37.73
N ARG C 110 -34.95 -11.46 -37.29
CA ARG C 110 -34.52 -12.49 -38.21
C ARG C 110 -35.71 -13.37 -38.54
N THR C 111 -35.67 -13.97 -39.72
CA THR C 111 -36.72 -14.91 -40.04
C THR C 111 -36.59 -16.22 -39.25
N SER C 112 -35.43 -16.47 -38.61
CA SER C 112 -35.19 -17.65 -37.78
C SER C 112 -35.58 -17.46 -36.31
N ASP C 113 -36.25 -16.37 -35.97
CA ASP C 113 -36.57 -16.07 -34.58
C ASP C 113 -37.40 -17.19 -33.97
N PRO C 114 -36.92 -17.84 -32.90
CA PRO C 114 -37.76 -18.82 -32.19
C PRO C 114 -39.18 -18.35 -31.92
N ARG C 115 -39.40 -17.07 -31.61
CA ARG C 115 -40.77 -16.58 -31.40
C ARG C 115 -41.58 -16.51 -32.69
N LEU C 116 -40.98 -16.76 -33.85
CA LEU C 116 -41.69 -16.72 -35.13
C LEU C 116 -41.82 -18.08 -35.81
N LYS C 117 -41.49 -19.19 -35.12
CA LYS C 117 -41.38 -20.47 -35.79
C LYS C 117 -42.73 -20.93 -36.36
N GLU C 118 -43.78 -20.90 -35.55
CA GLU C 118 -45.10 -21.30 -36.04
C GLU C 118 -45.51 -20.50 -37.26
N CYS C 119 -45.31 -19.19 -37.24
CA CYS C 119 -45.64 -18.40 -38.42
C CYS C 119 -44.78 -18.79 -39.61
N MET C 120 -43.49 -19.02 -39.40
CA MET C 120 -42.62 -19.34 -40.53
C MET C 120 -42.86 -20.77 -41.02
N ASP C 121 -43.24 -21.68 -40.13
CA ASP C 121 -43.60 -23.03 -40.57
C ASP C 121 -44.84 -23.00 -41.46
N MET C 122 -45.83 -22.18 -41.08
CA MET C 122 -47.04 -22.04 -41.87
C MET C 122 -46.75 -21.40 -43.24
N LEU C 123 -45.83 -20.45 -43.29
CA LEU C 123 -45.51 -19.87 -44.58
C LEU C 123 -44.80 -20.89 -45.47
N ARG C 124 -43.89 -21.68 -44.89
CA ARG C 124 -43.24 -22.73 -45.68
C ARG C 124 -44.26 -23.74 -46.19
N LEU C 125 -45.13 -24.20 -45.29
CA LEU C 125 -46.13 -25.18 -45.67
C LEU C 125 -47.05 -24.63 -46.76
N THR C 126 -47.52 -23.39 -46.57
CA THR C 126 -48.43 -22.77 -47.52
C THR C 126 -47.80 -22.68 -48.91
N LEU C 127 -46.50 -22.40 -48.99
CA LEU C 127 -45.86 -22.34 -50.30
C LEU C 127 -45.78 -23.71 -50.95
N GLN C 128 -45.66 -24.77 -50.13
CA GLN C 128 -45.72 -26.12 -50.66
C GLN C 128 -47.10 -26.42 -51.27
N THR C 129 -48.17 -26.22 -50.49
CA THR C 129 -49.53 -26.56 -50.88
C THR C 129 -50.14 -25.56 -51.84
N THR C 130 -49.44 -24.46 -52.15
CA THR C 130 -49.95 -23.46 -53.08
C THR C 130 -48.73 -22.84 -53.77
N SER C 131 -48.21 -23.54 -54.79
CA SER C 131 -47.27 -22.88 -55.67
C SER C 131 -47.98 -22.01 -56.70
N ASP C 132 -49.32 -22.08 -56.73
CA ASP C 132 -50.20 -21.18 -57.46
C ASP C 132 -50.39 -19.85 -56.72
N GLY C 133 -49.27 -19.23 -56.36
CA GLY C 133 -49.26 -17.95 -55.66
C GLY C 133 -48.31 -16.99 -56.36
N VAL C 134 -47.26 -16.54 -55.67
CA VAL C 134 -47.01 -16.80 -54.25
C VAL C 134 -47.68 -15.74 -53.33
N MET C 135 -49.01 -15.62 -53.39
CA MET C 135 -49.65 -14.46 -52.77
C MET C 135 -50.67 -14.85 -51.72
N LEU C 136 -50.66 -14.13 -50.61
CA LEU C 136 -51.37 -14.49 -49.41
C LEU C 136 -52.67 -13.68 -49.34
N ASP C 137 -53.79 -14.40 -49.38
CA ASP C 137 -55.06 -13.78 -49.10
C ASP C 137 -55.05 -13.17 -47.70
N LYS C 138 -56.16 -12.52 -47.40
CA LYS C 138 -56.40 -12.03 -46.05
C LYS C 138 -56.66 -13.19 -45.09
N ASP C 139 -57.47 -14.16 -45.53
CA ASP C 139 -57.70 -15.37 -44.74
C ASP C 139 -56.43 -16.23 -44.66
N LEU C 140 -55.61 -16.20 -45.71
CA LEU C 140 -54.37 -17.00 -45.75
C LEU C 140 -53.29 -16.38 -44.87
N PHE C 141 -53.08 -15.06 -45.02
CA PHE C 141 -52.19 -14.32 -44.13
C PHE C 141 -52.60 -14.47 -42.67
N LYS C 142 -53.89 -14.69 -42.42
CA LYS C 142 -54.37 -14.82 -41.06
C LYS C 142 -54.03 -16.19 -40.48
N LYS C 143 -54.07 -17.24 -41.30
CA LYS C 143 -53.72 -18.58 -40.88
C LYS C 143 -52.23 -18.71 -40.59
N CYS C 144 -51.41 -17.81 -41.14
CA CYS C 144 -49.96 -17.83 -40.97
C CYS C 144 -49.48 -17.01 -39.78
N VAL C 145 -50.13 -15.89 -39.48
CA VAL C 145 -49.67 -14.99 -38.44
C VAL C 145 -50.49 -15.09 -37.17
N GLN C 146 -51.59 -15.84 -37.18
CA GLN C 146 -52.41 -15.97 -35.97
C GLN C 146 -51.56 -16.39 -34.78
N SER C 147 -50.60 -17.27 -35.04
CA SER C 147 -49.74 -17.81 -33.99
C SER C 147 -48.94 -16.70 -33.31
N ASN C 148 -48.29 -15.86 -34.11
CA ASN C 148 -47.29 -14.92 -33.63
C ASN C 148 -47.75 -13.48 -33.83
N ILE C 149 -49.06 -13.25 -33.66
CA ILE C 149 -49.61 -11.95 -34.07
C ILE C 149 -49.12 -10.84 -33.15
N VAL C 150 -49.04 -11.08 -31.84
CA VAL C 150 -48.67 -10.03 -30.90
C VAL C 150 -47.28 -9.48 -31.23
N LEU C 151 -46.28 -10.36 -31.33
CA LEU C 151 -44.94 -9.91 -31.67
C LEU C 151 -44.93 -9.20 -33.02
N LEU C 152 -45.54 -9.83 -34.03
CA LEU C 152 -45.59 -9.25 -35.36
C LEU C 152 -46.28 -7.90 -35.36
N THR C 153 -47.17 -7.67 -34.40
CA THR C 153 -47.82 -6.37 -34.27
C THR C 153 -46.80 -5.32 -33.85
N GLN C 154 -46.12 -5.59 -32.73
CA GLN C 154 -45.11 -4.67 -32.23
C GLN C 154 -44.01 -4.45 -33.25
N ALA C 155 -43.61 -5.50 -33.96
CA ALA C 155 -42.59 -5.33 -35.00
C ALA C 155 -43.07 -4.40 -36.10
N PHE C 156 -44.36 -4.41 -36.39
CA PHE C 156 -44.84 -3.70 -37.56
C PHE C 156 -45.42 -2.34 -37.24
N ARG C 157 -46.01 -2.17 -36.06
CA ARG C 157 -46.47 -0.85 -35.61
C ARG C 157 -45.33 -0.08 -34.96
N ARG C 158 -44.10 -0.37 -35.39
CA ARG C 158 -42.89 0.26 -34.88
C ARG C 158 -42.93 0.50 -33.37
N LYS C 159 -43.08 -0.59 -32.62
CA LYS C 159 -43.19 -0.52 -31.17
C LYS C 159 -41.96 -1.09 -30.46
N PHE C 160 -40.92 -1.46 -31.21
CA PHE C 160 -39.73 -2.00 -30.57
C PHE C 160 -38.86 -0.89 -30.01
N VAL C 161 -37.89 -1.30 -29.18
CA VAL C 161 -37.07 -0.35 -28.44
C VAL C 161 -36.35 0.57 -29.40
N ILE C 162 -35.95 0.06 -30.56
CA ILE C 162 -35.35 0.87 -31.61
C ILE C 162 -36.24 0.79 -32.85
N PRO C 163 -37.05 1.83 -33.13
CA PRO C 163 -38.05 1.72 -34.20
C PRO C 163 -37.45 1.74 -35.59
N ASP C 164 -36.50 2.63 -35.85
CA ASP C 164 -35.88 2.70 -37.17
C ASP C 164 -34.56 1.92 -37.15
N PHE C 165 -34.72 0.60 -37.00
CA PHE C 165 -33.58 -0.28 -36.88
C PHE C 165 -32.70 -0.25 -38.13
N MET C 166 -33.26 0.06 -39.28
CA MET C 166 -32.44 0.08 -40.49
C MET C 166 -31.40 1.18 -40.41
N SER C 167 -31.78 2.34 -39.91
CA SER C 167 -30.86 3.45 -39.85
C SER C 167 -29.83 3.22 -38.74
N PHE C 168 -30.27 2.65 -37.63
CA PHE C 168 -29.36 2.35 -36.55
C PHE C 168 -28.23 1.41 -36.99
N THR C 169 -28.54 0.35 -37.76
CA THR C 169 -27.46 -0.51 -38.21
C THR C 169 -26.54 0.18 -39.20
N SER C 170 -27.05 1.13 -39.99
CA SER C 170 -26.14 1.96 -40.77
C SER C 170 -25.08 2.55 -39.86
N HIS C 171 -25.50 3.08 -38.71
CA HIS C 171 -24.55 3.68 -37.77
C HIS C 171 -23.60 2.64 -37.19
N ILE C 172 -24.12 1.48 -36.79
CA ILE C 172 -23.27 0.41 -36.29
C ILE C 172 -22.21 0.06 -37.32
N ASP C 173 -22.56 0.13 -38.60
CA ASP C 173 -21.62 -0.24 -39.65
C ASP C 173 -20.54 0.82 -39.80
N GLU C 174 -20.91 2.10 -39.69
CA GLU C 174 -19.89 3.14 -39.73
C GLU C 174 -18.99 3.08 -38.51
N LEU C 175 -19.60 2.97 -37.32
CA LEU C 175 -18.82 2.68 -36.11
C LEU C 175 -17.87 1.51 -36.34
N TYR C 176 -18.39 0.42 -36.91
CA TYR C 176 -17.59 -0.77 -37.17
C TYR C 176 -16.41 -0.45 -38.08
N GLU C 177 -16.69 0.21 -39.21
CA GLU C 177 -15.63 0.59 -40.14
C GLU C 177 -14.60 1.50 -39.47
N SER C 178 -15.05 2.38 -38.58
CA SER C 178 -14.14 3.34 -38.00
C SER C 178 -13.19 2.66 -37.01
N ALA C 179 -13.71 1.74 -36.19
CA ALA C 179 -12.83 0.97 -35.31
C ALA C 179 -11.91 0.06 -36.09
N LYS C 180 -12.35 -0.39 -37.27
CA LYS C 180 -11.57 -1.35 -38.05
C LYS C 180 -10.22 -0.78 -38.47
N LYS C 181 -10.16 0.53 -38.75
CA LYS C 181 -8.93 1.20 -39.14
C LYS C 181 -7.95 1.36 -37.97
N GLN C 182 -8.27 0.82 -36.80
CA GLN C 182 -7.47 0.95 -35.59
C GLN C 182 -6.59 -0.31 -35.47
N SER C 183 -5.44 -0.29 -36.12
CA SER C 183 -4.68 -1.53 -36.34
C SER C 183 -3.79 -1.95 -35.16
N GLY C 184 -3.64 -1.10 -34.14
CA GLY C 184 -2.69 -1.38 -33.07
C GLY C 184 -3.06 -2.59 -32.22
N GLY C 185 -2.15 -2.93 -31.31
CA GLY C 185 -2.39 -3.94 -30.30
C GLY C 185 -1.57 -5.19 -30.54
N LYS C 186 -1.68 -6.10 -29.58
CA LYS C 186 -0.93 -7.35 -29.56
C LYS C 186 -1.87 -8.50 -29.20
N VAL C 187 -1.90 -9.52 -30.06
CA VAL C 187 -2.72 -10.69 -29.79
C VAL C 187 -2.11 -11.46 -28.62
N ALA C 188 -2.99 -11.96 -27.74
CA ALA C 188 -2.56 -12.74 -26.60
C ALA C 188 -1.92 -14.04 -27.09
N ASP C 189 -0.63 -14.22 -26.77
CA ASP C 189 0.10 -15.38 -27.27
C ASP C 189 0.67 -16.25 -26.17
N TYR C 190 0.30 -16.01 -24.90
CA TYR C 190 0.73 -16.92 -23.85
C TYR C 190 0.09 -18.29 -24.00
N ILE C 191 -0.97 -18.39 -24.80
CA ILE C 191 -1.55 -19.68 -25.20
C ILE C 191 -1.38 -19.81 -26.70
N PRO C 192 -1.03 -20.98 -27.22
CA PRO C 192 -0.95 -21.17 -28.66
C PRO C 192 -2.29 -21.33 -29.35
N GLN C 193 -3.40 -21.17 -28.63
CA GLN C 193 -4.75 -21.15 -29.21
C GLN C 193 -5.28 -19.75 -29.47
N LEU C 194 -4.92 -18.76 -28.63
CA LEU C 194 -5.27 -17.38 -28.92
C LEU C 194 -4.24 -16.73 -29.83
N ALA C 195 -3.01 -17.25 -29.84
CA ALA C 195 -1.96 -16.73 -30.71
C ALA C 195 -2.25 -17.01 -32.18
N LYS C 196 -3.06 -18.03 -32.50
CA LYS C 196 -3.33 -18.38 -33.89
C LYS C 196 -4.23 -17.36 -34.58
N PHE C 197 -5.07 -16.65 -33.83
CA PHE C 197 -6.10 -15.79 -34.40
C PHE C 197 -5.48 -14.59 -35.14
N SER C 198 -6.04 -14.26 -36.29
CA SER C 198 -5.54 -13.15 -37.06
C SER C 198 -5.89 -11.83 -36.40
N PRO C 199 -4.96 -10.87 -36.33
CA PRO C 199 -5.29 -9.53 -35.83
C PRO C 199 -6.41 -8.84 -36.63
N ASP C 200 -6.64 -9.26 -37.87
CA ASP C 200 -7.59 -8.55 -38.70
C ASP C 200 -9.03 -8.94 -38.41
N LEU C 201 -9.27 -10.04 -37.71
CA LEU C 201 -10.63 -10.42 -37.36
C LEU C 201 -11.26 -9.34 -36.48
N TRP C 202 -12.47 -8.94 -36.85
CA TRP C 202 -13.16 -7.85 -36.17
C TRP C 202 -14.65 -8.03 -36.41
N GLY C 203 -15.39 -8.28 -35.33
CA GLY C 203 -16.81 -8.54 -35.43
C GLY C 203 -17.63 -7.84 -34.37
N VAL C 204 -18.79 -7.33 -34.78
CA VAL C 204 -19.70 -6.64 -33.88
C VAL C 204 -21.11 -7.15 -34.15
N SER C 205 -21.78 -7.67 -33.11
CA SER C 205 -23.13 -8.22 -33.23
C SER C 205 -24.06 -7.51 -32.27
N VAL C 206 -25.27 -7.24 -32.74
CA VAL C 206 -26.26 -6.52 -31.96
C VAL C 206 -27.47 -7.41 -31.81
N CYS C 207 -28.00 -7.49 -30.58
CA CYS C 207 -29.30 -8.10 -30.33
C CYS C 207 -30.00 -7.20 -29.33
N THR C 208 -31.18 -6.66 -29.70
CA THR C 208 -31.86 -5.68 -28.85
C THR C 208 -32.74 -6.40 -27.83
N VAL C 209 -33.31 -5.61 -26.93
CA VAL C 209 -34.23 -6.17 -25.95
C VAL C 209 -35.48 -6.77 -26.59
N ASP C 210 -35.67 -6.60 -27.91
CA ASP C 210 -36.83 -7.14 -28.59
C ASP C 210 -36.50 -8.24 -29.58
N GLY C 211 -35.23 -8.60 -29.72
CA GLY C 211 -34.84 -9.62 -30.68
C GLY C 211 -34.27 -9.08 -31.97
N GLN C 212 -34.21 -7.76 -32.12
CA GLN C 212 -33.70 -7.17 -33.35
C GLN C 212 -32.22 -7.46 -33.50
N ARG C 213 -31.84 -8.10 -34.61
CA ARG C 213 -30.49 -8.58 -34.79
C ARG C 213 -29.81 -7.78 -35.89
N HIS C 214 -28.50 -7.59 -35.74
CA HIS C 214 -27.66 -7.03 -36.77
C HIS C 214 -26.23 -7.45 -36.48
N SER C 215 -25.47 -7.77 -37.52
CA SER C 215 -24.09 -8.18 -37.36
C SER C 215 -23.27 -7.59 -38.49
N THR C 216 -21.99 -7.34 -38.20
CA THR C 216 -21.06 -6.81 -39.18
C THR C 216 -19.69 -7.34 -38.83
N GLY C 217 -18.93 -7.72 -39.85
CA GLY C 217 -17.62 -8.28 -39.62
C GLY C 217 -17.72 -9.76 -39.26
N ASP C 218 -16.65 -10.23 -38.60
CA ASP C 218 -16.41 -11.66 -38.41
C ASP C 218 -17.19 -12.15 -37.18
N THR C 219 -18.52 -12.16 -37.34
CA THR C 219 -19.43 -12.42 -36.23
C THR C 219 -19.85 -13.86 -36.13
N LYS C 220 -19.32 -14.73 -36.98
CA LYS C 220 -19.60 -16.17 -36.87
C LYS C 220 -18.34 -16.97 -36.62
N VAL C 221 -17.23 -16.32 -36.31
CA VAL C 221 -16.02 -17.07 -35.93
C VAL C 221 -16.11 -17.43 -34.46
N PRO C 222 -15.82 -18.67 -34.08
CA PRO C 222 -15.85 -19.01 -32.66
C PRO C 222 -14.58 -18.56 -31.98
N PHE C 223 -14.73 -18.07 -30.75
CA PHE C 223 -13.61 -17.68 -29.91
C PHE C 223 -14.01 -18.01 -28.49
N CYS C 224 -13.02 -18.12 -27.62
CA CYS C 224 -13.29 -18.43 -26.23
C CYS C 224 -13.73 -17.17 -25.48
N LEU C 225 -14.77 -17.33 -24.66
CA LEU C 225 -15.21 -16.26 -23.78
C LEU C 225 -14.08 -15.72 -22.94
N GLN C 226 -13.28 -16.64 -22.37
CA GLN C 226 -12.30 -16.34 -21.33
C GLN C 226 -12.98 -15.58 -20.19
N SER C 227 -12.46 -14.42 -19.84
CA SER C 227 -12.99 -13.65 -18.71
C SER C 227 -14.38 -13.07 -18.97
N CYS C 228 -14.89 -13.09 -20.20
CA CYS C 228 -16.26 -12.65 -20.42
C CYS C 228 -17.27 -13.57 -19.72
N VAL C 229 -16.82 -14.73 -19.20
CA VAL C 229 -17.73 -15.65 -18.56
C VAL C 229 -17.90 -15.31 -17.08
N LYS C 230 -17.04 -14.44 -16.54
CA LYS C 230 -17.10 -14.09 -15.13
C LYS C 230 -18.42 -13.45 -14.74
N PRO C 231 -18.93 -12.44 -15.45
CA PRO C 231 -20.31 -11.97 -15.13
C PRO C 231 -21.36 -13.06 -15.32
N LEU C 232 -21.22 -13.93 -16.33
CA LEU C 232 -22.22 -14.97 -16.54
C LEU C 232 -22.29 -15.92 -15.36
N LYS C 233 -21.14 -16.43 -14.89
CA LYS C 233 -21.22 -17.40 -13.80
C LYS C 233 -21.55 -16.73 -12.49
N TYR C 234 -21.09 -15.48 -12.29
CA TYR C 234 -21.53 -14.70 -11.14
C TYR C 234 -23.04 -14.55 -11.18
N ALA C 235 -23.58 -14.21 -12.35
CA ALA C 235 -25.03 -14.12 -12.50
C ALA C 235 -25.70 -15.45 -12.14
N ILE C 236 -25.12 -16.58 -12.56
CA ILE C 236 -25.68 -17.87 -12.20
C ILE C 236 -25.62 -18.08 -10.68
N ALA C 237 -24.47 -17.77 -10.07
CA ALA C 237 -24.36 -17.87 -8.62
C ALA C 237 -25.43 -17.04 -7.90
N VAL C 238 -25.55 -15.75 -8.25
CA VAL C 238 -26.52 -14.89 -7.56
C VAL C 238 -27.94 -15.36 -7.84
N ASN C 239 -28.20 -15.82 -9.07
CA ASN C 239 -29.50 -16.43 -9.37
C ASN C 239 -29.80 -17.59 -8.42
N ASP C 240 -28.91 -18.60 -8.34
CA ASP C 240 -29.23 -19.78 -7.54
C ASP C 240 -29.16 -19.50 -6.05
N LEU C 241 -28.22 -18.67 -5.62
CA LEU C 241 -27.89 -18.57 -4.21
C LEU C 241 -28.26 -17.24 -3.59
N GLY C 242 -28.37 -16.17 -4.37
CA GLY C 242 -28.82 -14.90 -3.84
C GLY C 242 -27.67 -14.01 -3.42
N THR C 243 -27.99 -12.73 -3.28
CA THR C 243 -26.96 -11.73 -3.09
C THR C 243 -26.20 -11.91 -1.79
N GLU C 244 -26.90 -12.22 -0.68
CA GLU C 244 -26.25 -12.22 0.62
C GLU C 244 -25.27 -13.38 0.74
N TYR C 245 -25.70 -14.57 0.34
CA TYR C 245 -24.82 -15.74 0.42
C TYR C 245 -23.59 -15.55 -0.46
N VAL C 246 -23.80 -15.19 -1.73
CA VAL C 246 -22.68 -15.08 -2.67
C VAL C 246 -21.63 -14.12 -2.15
N HIS C 247 -22.07 -12.97 -1.63
CA HIS C 247 -21.11 -11.95 -1.22
C HIS C 247 -20.58 -12.14 0.18
N ARG C 248 -20.89 -13.27 0.83
CA ARG C 248 -20.07 -13.73 1.93
C ARG C 248 -18.68 -14.11 1.47
N TYR C 249 -18.56 -14.57 0.23
CA TYR C 249 -17.30 -15.06 -0.28
C TYR C 249 -16.57 -14.07 -1.17
N VAL C 250 -17.23 -13.00 -1.64
CA VAL C 250 -16.64 -12.10 -2.63
C VAL C 250 -17.25 -10.69 -2.50
N GLY C 251 -16.39 -9.66 -2.65
CA GLY C 251 -16.80 -8.28 -2.50
C GLY C 251 -17.53 -7.71 -3.70
N LYS C 252 -17.96 -6.46 -3.56
CA LYS C 252 -18.73 -5.80 -4.61
C LYS C 252 -18.17 -4.43 -5.00
N GLU C 253 -16.86 -4.26 -4.97
CA GLU C 253 -16.22 -2.98 -5.26
C GLU C 253 -15.02 -3.22 -6.15
N PRO C 254 -14.60 -2.21 -6.92
CA PRO C 254 -13.27 -2.29 -7.54
C PRO C 254 -12.19 -2.11 -6.49
N SER C 255 -10.94 -2.40 -6.89
CA SER C 255 -9.86 -2.55 -5.92
C SER C 255 -9.05 -1.27 -5.72
N GLY C 256 -8.77 -0.54 -6.80
CA GLY C 256 -7.80 0.57 -6.85
C GLY C 256 -6.72 0.20 -7.85
N LEU C 257 -6.38 1.14 -8.74
CA LEU C 257 -5.64 0.83 -9.98
C LEU C 257 -4.18 0.40 -9.72
N ARG C 258 -3.70 0.35 -8.47
CA ARG C 258 -2.68 -0.62 -8.08
C ARG C 258 -3.05 -1.22 -6.72
N PHE C 259 -4.20 -1.90 -6.69
CA PHE C 259 -4.37 -3.14 -5.97
C PHE C 259 -4.68 -4.29 -6.92
N ASN C 260 -4.25 -4.18 -8.17
CA ASN C 260 -4.50 -5.22 -9.15
C ASN C 260 -3.85 -6.55 -8.78
N LYS C 261 -2.91 -6.53 -7.82
CA LYS C 261 -2.08 -7.67 -7.49
C LYS C 261 -2.42 -8.31 -6.16
N LEU C 262 -3.19 -7.63 -5.30
CA LEU C 262 -3.59 -8.18 -4.02
C LEU C 262 -4.86 -8.99 -4.18
N PHE C 263 -4.77 -10.31 -4.00
CA PHE C 263 -5.91 -11.18 -4.24
C PHE C 263 -7.07 -10.91 -3.30
N LEU C 264 -6.84 -10.20 -2.17
CA LEU C 264 -7.87 -10.07 -1.15
C LEU C 264 -7.97 -8.65 -0.64
N ASN C 265 -9.19 -8.28 -0.24
CA ASN C 265 -9.46 -7.00 0.37
C ASN C 265 -9.30 -7.19 1.87
N GLU C 266 -9.63 -6.18 2.68
CA GLU C 266 -9.28 -6.23 4.09
C GLU C 266 -10.08 -7.26 4.86
N ASP C 267 -11.22 -7.71 4.33
CA ASP C 267 -12.02 -8.74 4.97
C ASP C 267 -11.64 -10.15 4.51
N ASP C 268 -10.49 -10.28 3.83
CA ASP C 268 -10.02 -11.57 3.28
C ASP C 268 -10.99 -12.14 2.25
N LYS C 269 -11.76 -11.26 1.59
CA LYS C 269 -12.55 -11.63 0.45
C LYS C 269 -11.89 -11.09 -0.82
N PRO C 270 -11.97 -11.81 -1.94
CA PRO C 270 -11.58 -11.19 -3.21
C PRO C 270 -12.44 -9.96 -3.45
N HIS C 271 -11.94 -9.05 -4.28
CA HIS C 271 -12.49 -7.69 -4.29
C HIS C 271 -13.88 -7.64 -4.93
N ASN C 272 -14.09 -8.41 -5.98
CA ASN C 272 -15.32 -8.40 -6.75
C ASN C 272 -15.25 -9.64 -7.61
N PRO C 273 -16.35 -10.08 -8.22
CA PRO C 273 -16.30 -11.30 -9.03
C PRO C 273 -15.60 -11.11 -10.36
N MET C 274 -15.24 -9.90 -10.75
CA MET C 274 -14.73 -9.72 -12.10
C MET C 274 -13.23 -9.88 -12.19
N VAL C 275 -12.55 -10.13 -11.08
CA VAL C 275 -11.12 -10.42 -11.11
C VAL C 275 -10.93 -11.91 -10.85
N ASN C 276 -9.74 -12.40 -11.19
CA ASN C 276 -9.49 -13.83 -11.20
C ASN C 276 -9.79 -14.47 -9.85
N ALA C 277 -9.27 -13.93 -8.75
CA ALA C 277 -9.58 -14.55 -7.47
C ALA C 277 -11.08 -14.50 -7.19
N GLY C 278 -11.77 -13.46 -7.67
CA GLY C 278 -13.19 -13.39 -7.46
C GLY C 278 -13.94 -14.40 -8.30
N ALA C 279 -13.58 -14.49 -9.58
CA ALA C 279 -14.16 -15.51 -10.46
C ALA C 279 -13.94 -16.90 -9.89
N ILE C 280 -12.71 -17.18 -9.44
CA ILE C 280 -12.38 -18.50 -8.93
C ILE C 280 -13.25 -18.83 -7.71
N VAL C 281 -13.39 -17.88 -6.77
CA VAL C 281 -14.21 -18.14 -5.59
C VAL C 281 -15.65 -18.35 -6.00
N VAL C 282 -16.13 -17.57 -6.97
CA VAL C 282 -17.51 -17.69 -7.41
C VAL C 282 -17.73 -19.01 -8.10
N THR C 283 -16.79 -19.42 -8.94
CA THR C 283 -16.86 -20.73 -9.53
C THR C 283 -17.11 -21.80 -8.48
N SER C 284 -16.57 -21.61 -7.28
CA SER C 284 -16.73 -22.62 -6.24
C SER C 284 -18.09 -22.57 -5.54
N LEU C 285 -18.98 -21.65 -5.90
CA LEU C 285 -20.29 -21.61 -5.27
C LEU C 285 -21.36 -22.31 -6.09
N ILE C 286 -21.09 -22.59 -7.36
CA ILE C 286 -22.10 -23.07 -8.29
C ILE C 286 -22.20 -24.60 -8.20
N LYS C 287 -23.43 -25.10 -8.10
CA LYS C 287 -23.74 -26.54 -8.12
C LYS C 287 -22.78 -27.32 -7.22
N GLN C 288 -22.64 -26.81 -5.99
CA GLN C 288 -21.79 -27.47 -5.01
C GLN C 288 -22.26 -28.90 -4.76
N GLY C 289 -21.32 -29.84 -4.71
CA GLY C 289 -21.60 -31.18 -4.29
C GLY C 289 -21.71 -32.22 -5.39
N VAL C 290 -21.61 -31.82 -6.66
CA VAL C 290 -21.62 -32.76 -7.79
C VAL C 290 -20.31 -32.56 -8.55
N ASN C 291 -20.01 -33.49 -9.44
CA ASN C 291 -18.70 -33.44 -10.08
C ASN C 291 -18.65 -32.34 -11.14
N ASN C 292 -17.45 -32.16 -11.72
CA ASN C 292 -17.21 -31.11 -12.70
C ASN C 292 -17.91 -31.41 -14.02
N ALA C 293 -18.20 -32.68 -14.30
CA ALA C 293 -18.99 -32.99 -15.48
C ALA C 293 -20.37 -32.36 -15.39
N GLU C 294 -21.03 -32.48 -14.23
CA GLU C 294 -22.38 -32.00 -14.07
C GLU C 294 -22.41 -30.48 -13.82
N LYS C 295 -21.54 -30.00 -12.92
CA LYS C 295 -21.39 -28.55 -12.73
C LYS C 295 -21.24 -27.85 -14.07
N PHE C 296 -20.36 -28.38 -14.93
CA PHE C 296 -20.18 -27.81 -16.26
C PHE C 296 -21.48 -27.85 -17.04
N ASP C 297 -22.07 -29.04 -17.20
CA ASP C 297 -23.33 -29.14 -17.93
C ASP C 297 -24.38 -28.20 -17.37
N TYR C 298 -24.39 -28.03 -16.04
CA TYR C 298 -25.36 -27.12 -15.45
C TYR C 298 -25.15 -25.70 -15.95
N VAL C 299 -23.89 -25.25 -15.99
CA VAL C 299 -23.60 -23.90 -16.45
C VAL C 299 -23.87 -23.77 -17.94
N MET C 300 -23.44 -24.76 -18.73
CA MET C 300 -23.68 -24.72 -20.18
C MET C 300 -25.16 -24.56 -20.49
N GLN C 301 -25.99 -25.31 -19.77
CA GLN C 301 -27.42 -25.22 -19.99
C GLN C 301 -27.94 -23.82 -19.68
N PHE C 302 -27.34 -23.14 -18.71
CA PHE C 302 -27.70 -21.75 -18.50
C PHE C 302 -27.15 -20.87 -19.62
N LEU C 303 -25.94 -21.17 -20.10
CA LEU C 303 -25.43 -20.38 -21.20
C LEU C 303 -26.21 -20.63 -22.48
N ASN C 304 -26.81 -21.83 -22.65
CA ASN C 304 -27.67 -22.04 -23.82
C ASN C 304 -28.94 -21.20 -23.73
N LYS C 305 -29.63 -21.21 -22.58
CA LYS C 305 -30.84 -20.41 -22.44
C LYS C 305 -30.56 -18.92 -22.61
N MET C 306 -29.42 -18.43 -22.11
CA MET C 306 -29.09 -17.02 -22.23
C MET C 306 -28.87 -16.60 -23.67
N ALA C 307 -28.22 -17.46 -24.47
CA ALA C 307 -27.96 -17.20 -25.88
C ALA C 307 -29.10 -17.66 -26.80
N GLY C 308 -30.31 -17.82 -26.25
CA GLY C 308 -31.43 -18.26 -27.08
C GLY C 308 -31.18 -19.54 -27.84
N ASN C 309 -30.21 -20.35 -27.37
CA ASN C 309 -29.81 -21.62 -27.97
C ASN C 309 -29.00 -21.43 -29.25
N GLU C 310 -28.25 -20.33 -29.34
CA GLU C 310 -27.25 -20.21 -30.40
C GLU C 310 -25.92 -20.79 -29.89
N TYR C 311 -24.88 -20.66 -30.69
CA TYR C 311 -23.67 -21.43 -30.47
C TYR C 311 -23.07 -21.13 -29.10
N VAL C 312 -22.91 -22.18 -28.31
CA VAL C 312 -22.13 -22.17 -27.08
C VAL C 312 -21.29 -23.41 -27.16
N GLY C 313 -20.04 -23.26 -27.53
CA GLY C 313 -19.20 -24.42 -27.70
C GLY C 313 -18.21 -24.58 -26.57
N PHE C 314 -17.03 -25.06 -26.93
CA PHE C 314 -16.02 -25.42 -25.95
C PHE C 314 -14.72 -25.74 -26.66
N SER C 315 -13.62 -25.20 -26.18
CA SER C 315 -12.34 -25.38 -26.85
C SER C 315 -11.48 -26.19 -25.91
N ASN C 316 -11.50 -27.51 -26.07
CA ASN C 316 -10.61 -28.34 -25.26
C ASN C 316 -9.15 -27.99 -25.48
N ALA C 317 -8.77 -27.52 -26.67
CA ALA C 317 -7.38 -27.14 -26.90
C ALA C 317 -6.98 -25.97 -26.00
N THR C 318 -7.79 -24.91 -25.97
CA THR C 318 -7.54 -23.78 -25.06
C THR C 318 -7.48 -24.24 -23.61
N PHE C 319 -8.38 -25.14 -23.22
CA PHE C 319 -8.50 -25.53 -21.83
C PHE C 319 -7.28 -26.29 -21.36
N GLN C 320 -6.80 -27.25 -22.16
CA GLN C 320 -5.59 -27.96 -21.80
C GLN C 320 -4.41 -27.02 -21.62
N SER C 321 -4.35 -25.95 -22.41
CA SER C 321 -3.20 -25.08 -22.33
C SER C 321 -3.35 -24.06 -21.21
N GLU C 322 -4.58 -23.63 -20.95
CA GLU C 322 -4.85 -22.78 -19.81
C GLU C 322 -4.40 -23.45 -18.50
N ARG C 323 -4.60 -24.77 -18.38
CA ARG C 323 -4.24 -25.47 -17.16
C ARG C 323 -2.77 -25.85 -17.10
N GLU C 324 -2.12 -26.06 -18.27
CA GLU C 324 -0.68 -26.29 -18.35
C GLU C 324 0.13 -25.02 -18.13
N SER C 325 -0.54 -23.86 -18.11
CA SER C 325 0.16 -22.57 -18.11
C SER C 325 -0.44 -21.62 -17.08
N GLY C 326 -1.14 -22.13 -16.07
CA GLY C 326 -1.85 -21.25 -15.17
C GLY C 326 -1.20 -21.10 -13.82
N ASP C 327 0.08 -20.75 -13.79
CA ASP C 327 0.78 -20.61 -12.50
C ASP C 327 0.02 -19.65 -11.58
N ARG C 328 -0.35 -18.46 -12.09
CA ARG C 328 -0.96 -17.47 -11.22
C ARG C 328 -2.26 -17.97 -10.59
N ASN C 329 -3.13 -18.61 -11.38
CA ASN C 329 -4.39 -19.07 -10.79
C ASN C 329 -4.13 -20.13 -9.74
N PHE C 330 -3.19 -21.02 -10.00
CA PHE C 330 -2.73 -21.89 -8.93
C PHE C 330 -2.19 -21.08 -7.75
N ALA C 331 -1.39 -20.03 -8.01
CA ALA C 331 -0.98 -19.16 -6.89
C ALA C 331 -2.20 -18.65 -6.15
N ILE C 332 -3.24 -18.24 -6.91
CA ILE C 332 -4.46 -17.70 -6.31
C ILE C 332 -5.20 -18.79 -5.55
N GLY C 333 -5.41 -19.93 -6.22
CA GLY C 333 -6.17 -21.02 -5.60
C GLY C 333 -5.63 -21.43 -4.25
N TYR C 334 -4.33 -21.76 -4.20
CA TYR C 334 -3.73 -22.12 -2.91
C TYR C 334 -3.81 -20.97 -1.92
N TYR C 335 -3.53 -19.73 -2.38
CA TYR C 335 -3.64 -18.59 -1.47
C TYR C 335 -5.06 -18.44 -0.93
N LEU C 336 -6.07 -18.63 -1.79
CA LEU C 336 -7.44 -18.59 -1.33
C LEU C 336 -7.71 -19.70 -0.33
N LYS C 337 -7.26 -20.93 -0.63
CA LYS C 337 -7.41 -22.04 0.31
C LYS C 337 -6.76 -21.72 1.65
N GLU C 338 -5.54 -21.17 1.64
CA GLU C 338 -4.87 -20.87 2.90
C GLU C 338 -5.66 -19.86 3.74
N LYS C 339 -6.31 -18.90 3.09
CA LYS C 339 -7.06 -17.87 3.80
C LYS C 339 -8.51 -18.26 4.05
N LYS C 340 -8.90 -19.50 3.73
CA LYS C 340 -10.24 -20.02 4.02
C LYS C 340 -11.31 -19.26 3.27
N CYS C 341 -11.06 -19.00 1.99
CA CYS C 341 -11.96 -18.21 1.17
C CYS C 341 -13.05 -19.02 0.47
N PHE C 342 -12.89 -20.33 0.37
CA PHE C 342 -13.85 -21.20 -0.27
C PHE C 342 -14.90 -21.68 0.72
N PRO C 343 -16.03 -22.20 0.24
CA PRO C 343 -16.97 -22.86 1.16
C PRO C 343 -16.39 -24.17 1.67
N GLU C 344 -16.91 -24.61 2.82
CA GLU C 344 -16.41 -25.83 3.45
C GLU C 344 -16.45 -27.00 2.46
N GLY C 345 -15.47 -27.87 2.56
CA GLY C 345 -15.42 -29.02 1.67
C GLY C 345 -15.24 -28.70 0.21
N THR C 346 -14.44 -27.70 -0.10
CA THR C 346 -14.13 -27.37 -1.48
C THR C 346 -12.85 -28.10 -1.88
N ASP C 347 -12.87 -28.68 -3.08
CA ASP C 347 -11.69 -29.33 -3.64
C ASP C 347 -11.01 -28.35 -4.60
N MET C 348 -10.25 -27.42 -3.99
CA MET C 348 -9.72 -26.25 -4.71
C MET C 348 -9.09 -26.60 -6.05
N VAL C 349 -8.28 -27.66 -6.10
CA VAL C 349 -7.59 -28.01 -7.34
C VAL C 349 -8.58 -28.48 -8.38
N GLY C 350 -9.72 -29.04 -7.94
CA GLY C 350 -10.81 -29.33 -8.86
C GLY C 350 -11.55 -28.07 -9.29
N ILE C 351 -11.67 -27.12 -8.37
CA ILE C 351 -12.32 -25.85 -8.71
C ILE C 351 -11.50 -25.09 -9.73
N LEU C 352 -10.16 -25.14 -9.63
CA LEU C 352 -9.36 -24.49 -10.66
C LEU C 352 -9.62 -25.12 -12.02
N ASP C 353 -9.74 -26.46 -12.07
CA ASP C 353 -10.02 -27.14 -13.34
C ASP C 353 -11.38 -26.74 -13.90
N PHE C 354 -12.42 -26.70 -13.06
CA PHE C 354 -13.71 -26.14 -13.48
C PHE C 354 -13.52 -24.75 -14.06
N TYR C 355 -12.91 -23.86 -13.27
CA TYR C 355 -12.61 -22.50 -13.71
C TYR C 355 -11.95 -22.47 -15.08
N PHE C 356 -10.87 -23.24 -15.27
CA PHE C 356 -10.22 -23.27 -16.58
C PHE C 356 -11.18 -23.75 -17.66
N GLN C 357 -12.15 -24.61 -17.30
CA GLN C 357 -13.13 -25.04 -18.31
C GLN C 357 -14.08 -23.90 -18.67
N LEU C 358 -14.60 -23.20 -17.66
CA LEU C 358 -15.51 -22.10 -17.93
C LEU C 358 -14.86 -21.04 -18.80
N CYS C 359 -13.56 -20.79 -18.62
CA CYS C 359 -12.85 -19.87 -19.49
C CYS C 359 -12.79 -20.35 -20.94
N SER C 360 -12.81 -21.67 -21.17
CA SER C 360 -12.62 -22.21 -22.51
C SER C 360 -13.91 -22.33 -23.31
N ILE C 361 -15.05 -22.03 -22.70
CA ILE C 361 -16.31 -22.06 -23.43
C ILE C 361 -16.24 -21.10 -24.60
N GLU C 362 -16.80 -21.52 -25.75
CA GLU C 362 -16.75 -20.75 -26.98
C GLU C 362 -18.10 -20.10 -27.28
N VAL C 363 -18.04 -18.98 -27.97
CA VAL C 363 -19.21 -18.29 -28.49
C VAL C 363 -18.84 -17.71 -29.85
N THR C 364 -19.84 -17.10 -30.49
CA THR C 364 -19.65 -16.23 -31.63
C THR C 364 -20.10 -14.86 -31.21
N CYS C 365 -19.63 -13.84 -31.93
CA CYS C 365 -20.17 -12.50 -31.70
C CYS C 365 -21.69 -12.52 -31.63
N GLU C 366 -22.35 -13.28 -32.52
CA GLU C 366 -23.81 -13.24 -32.55
C GLU C 366 -24.43 -14.00 -31.40
N SER C 367 -23.90 -15.16 -31.04
CA SER C 367 -24.49 -15.90 -29.93
C SER C 367 -24.26 -15.17 -28.62
N ALA C 368 -23.06 -14.61 -28.43
CA ALA C 368 -22.78 -13.88 -27.20
C ALA C 368 -23.57 -12.56 -27.12
N SER C 369 -23.87 -11.95 -28.27
CA SER C 369 -24.70 -10.75 -28.25
C SER C 369 -26.06 -11.03 -27.66
N VAL C 370 -26.55 -12.26 -27.79
CA VAL C 370 -27.85 -12.62 -27.20
C VAL C 370 -27.71 -12.75 -25.69
N MET C 371 -26.56 -13.26 -25.23
CA MET C 371 -26.30 -13.30 -23.79
C MET C 371 -26.28 -11.90 -23.19
N ALA C 372 -25.52 -10.99 -23.79
CA ALA C 372 -25.60 -9.57 -23.37
C ALA C 372 -27.02 -9.05 -23.39
N ALA C 373 -27.78 -9.38 -24.45
CA ALA C 373 -29.15 -8.84 -24.56
C ALA C 373 -30.06 -9.35 -23.45
N THR C 374 -29.84 -10.59 -22.99
CA THR C 374 -30.57 -11.12 -21.83
C THR C 374 -30.28 -10.31 -20.57
N LEU C 375 -29.02 -9.88 -20.37
CA LEU C 375 -28.74 -8.98 -19.25
C LEU C 375 -29.27 -7.58 -19.53
N ALA C 376 -29.23 -7.15 -20.80
CA ALA C 376 -29.92 -5.91 -21.15
C ALA C 376 -31.40 -5.98 -20.80
N ASN C 377 -31.98 -7.19 -20.83
CA ASN C 377 -33.43 -7.37 -20.77
C ASN C 377 -33.90 -7.83 -19.40
N GLY C 378 -33.20 -7.48 -18.32
CA GLY C 378 -33.64 -7.92 -17.00
C GLY C 378 -33.74 -9.44 -16.85
N GLY C 379 -32.96 -10.19 -17.62
CA GLY C 379 -32.88 -11.62 -17.43
C GLY C 379 -33.82 -12.47 -18.25
N PHE C 380 -34.57 -11.87 -19.17
CA PHE C 380 -35.36 -12.61 -20.14
C PHE C 380 -34.61 -12.65 -21.46
N CYS C 381 -34.46 -13.86 -22.02
CA CYS C 381 -33.79 -13.99 -23.31
C CYS C 381 -34.60 -13.32 -24.41
N PRO C 382 -34.00 -12.43 -25.21
CA PRO C 382 -34.80 -11.60 -26.13
C PRO C 382 -35.41 -12.36 -27.29
N ILE C 383 -34.85 -13.49 -27.70
CA ILE C 383 -35.37 -14.21 -28.86
C ILE C 383 -36.19 -15.44 -28.47
N THR C 384 -36.42 -15.67 -27.19
CA THR C 384 -37.26 -16.80 -26.78
C THR C 384 -38.32 -16.42 -25.77
N GLY C 385 -38.19 -15.28 -25.08
CA GLY C 385 -39.13 -14.93 -24.04
C GLY C 385 -38.91 -15.65 -22.74
N GLU C 386 -37.85 -16.47 -22.66
CA GLU C 386 -37.62 -17.30 -21.49
C GLU C 386 -36.91 -16.52 -20.38
N ARG C 387 -37.41 -16.67 -19.16
CA ARG C 387 -36.78 -16.11 -17.97
C ARG C 387 -35.56 -16.95 -17.60
N VAL C 388 -34.37 -16.41 -17.82
CA VAL C 388 -33.14 -17.14 -17.53
C VAL C 388 -32.56 -16.73 -16.18
N LEU C 389 -32.59 -15.44 -15.84
CA LEU C 389 -31.97 -14.96 -14.62
C LEU C 389 -32.95 -14.09 -13.85
N SER C 390 -32.81 -14.10 -12.53
CA SER C 390 -33.59 -13.21 -11.69
C SER C 390 -33.14 -11.77 -11.92
N PRO C 391 -34.04 -10.81 -11.74
CA PRO C 391 -33.60 -9.39 -11.80
C PRO C 391 -32.43 -9.13 -10.87
N GLU C 392 -32.51 -9.65 -9.65
CA GLU C 392 -31.42 -9.54 -8.68
C GLU C 392 -30.08 -9.98 -9.28
N ALA C 393 -30.07 -11.13 -9.96
CA ALA C 393 -28.85 -11.58 -10.60
C ALA C 393 -28.39 -10.61 -11.66
N VAL C 394 -29.31 -10.15 -12.50
CA VAL C 394 -28.98 -9.22 -13.57
C VAL C 394 -28.53 -7.88 -13.00
N ARG C 395 -29.26 -7.35 -12.01
CA ARG C 395 -28.86 -6.06 -11.46
C ARG C 395 -27.45 -6.09 -10.85
N ASN C 396 -27.09 -7.16 -10.10
CA ASN C 396 -25.74 -7.24 -9.54
C ASN C 396 -24.69 -7.39 -10.63
N THR C 397 -24.93 -8.29 -11.58
CA THR C 397 -23.99 -8.50 -12.67
C THR C 397 -23.70 -7.21 -13.39
N LEU C 398 -24.75 -6.52 -13.84
CA LEU C 398 -24.62 -5.21 -14.49
C LEU C 398 -23.91 -4.21 -13.57
N SER C 399 -24.27 -4.19 -12.28
CA SER C 399 -23.61 -3.25 -11.36
C SER C 399 -22.10 -3.43 -11.38
N LEU C 400 -21.62 -4.69 -11.37
CA LEU C 400 -20.19 -4.98 -11.23
C LEU C 400 -19.43 -4.98 -12.57
N MET C 401 -20.11 -5.18 -13.69
CA MET C 401 -19.43 -4.99 -14.96
C MET C 401 -19.14 -3.52 -15.19
N HIS C 402 -20.03 -2.66 -14.70
CA HIS C 402 -19.86 -1.21 -14.72
C HIS C 402 -18.52 -0.79 -14.13
N SER C 403 -18.27 -1.15 -12.86
CA SER C 403 -17.11 -0.66 -12.13
C SER C 403 -15.91 -1.59 -12.18
N CYS C 404 -16.06 -2.86 -12.57
CA CYS C 404 -14.93 -3.77 -12.47
C CYS C 404 -14.66 -4.55 -13.76
N GLY C 405 -15.40 -4.29 -14.84
CA GLY C 405 -15.38 -5.23 -15.93
C GLY C 405 -14.26 -5.12 -16.94
N MET C 406 -13.41 -4.11 -16.85
CA MET C 406 -12.42 -3.87 -17.90
C MET C 406 -11.02 -3.80 -17.34
N TYR C 407 -10.78 -4.50 -16.24
CA TYR C 407 -9.46 -4.57 -15.59
C TYR C 407 -9.08 -3.15 -15.21
N ASP C 408 -7.79 -2.86 -15.28
CA ASP C 408 -7.26 -1.55 -14.89
C ASP C 408 -7.86 -0.40 -15.69
N PHE C 409 -8.63 -0.68 -16.74
CA PHE C 409 -9.36 0.37 -17.44
C PHE C 409 -10.78 0.54 -16.92
N SER C 410 -11.19 -0.25 -15.92
CA SER C 410 -12.57 -0.20 -15.46
C SER C 410 -13.02 1.22 -15.15
N GLY C 411 -12.21 1.97 -14.42
CA GLY C 411 -12.65 3.28 -13.96
C GLY C 411 -12.79 4.26 -15.10
N GLN C 412 -11.81 4.27 -16.00
CA GLN C 412 -11.90 5.13 -17.18
C GLN C 412 -13.07 4.70 -18.08
N PHE C 413 -13.32 3.38 -18.18
CA PHE C 413 -14.43 2.92 -19.01
C PHE C 413 -15.75 3.39 -18.44
N ALA C 414 -15.93 3.23 -17.13
CA ALA C 414 -17.15 3.72 -16.51
C ALA C 414 -17.31 5.22 -16.72
N PHE C 415 -16.21 5.96 -16.71
CA PHE C 415 -16.32 7.40 -16.84
C PHE C 415 -16.74 7.81 -18.25
N HIS C 416 -16.04 7.31 -19.27
CA HIS C 416 -16.25 7.80 -20.64
C HIS C 416 -17.34 7.02 -21.36
N VAL C 417 -17.38 5.70 -21.19
CA VAL C 417 -18.41 4.91 -21.84
C VAL C 417 -19.63 4.75 -20.96
N GLY C 418 -19.45 4.45 -19.69
CA GLY C 418 -20.63 4.38 -18.84
C GLY C 418 -21.61 3.29 -19.23
N LEU C 419 -21.11 2.10 -19.58
CA LEU C 419 -21.95 0.95 -19.93
C LEU C 419 -21.34 -0.27 -19.28
N PRO C 420 -22.18 -1.16 -18.74
CA PRO C 420 -21.67 -2.43 -18.23
C PRO C 420 -20.98 -3.18 -19.36
N ALA C 421 -19.71 -3.49 -19.17
CA ALA C 421 -18.99 -4.27 -20.15
C ALA C 421 -18.02 -5.21 -19.45
N LYS C 422 -17.70 -6.30 -20.13
CA LYS C 422 -16.68 -7.26 -19.70
C LYS C 422 -15.82 -7.56 -20.91
N SER C 423 -14.52 -7.76 -20.67
CA SER C 423 -13.58 -8.08 -21.73
C SER C 423 -12.85 -9.35 -21.37
N GLY C 424 -12.29 -9.98 -22.40
CA GLY C 424 -11.56 -11.21 -22.22
C GLY C 424 -10.33 -11.18 -23.09
N VAL C 425 -9.39 -12.07 -22.77
CA VAL C 425 -8.09 -12.07 -23.42
C VAL C 425 -8.13 -12.58 -24.85
N ALA C 426 -9.26 -13.20 -25.27
CA ALA C 426 -9.47 -13.54 -26.67
C ALA C 426 -9.81 -12.34 -27.53
N GLY C 427 -10.26 -11.25 -26.95
CA GLY C 427 -10.59 -10.08 -27.72
C GLY C 427 -12.04 -9.68 -27.62
N GLY C 428 -12.84 -10.39 -26.86
CA GLY C 428 -14.23 -10.05 -26.74
C GLY C 428 -14.44 -8.90 -25.79
N ILE C 429 -15.46 -8.10 -26.06
CA ILE C 429 -16.07 -7.25 -25.06
C ILE C 429 -17.55 -7.54 -25.06
N LEU C 430 -18.04 -8.07 -23.95
CA LEU C 430 -19.46 -8.27 -23.73
C LEU C 430 -20.06 -6.96 -23.26
N LEU C 431 -20.94 -6.36 -24.06
CA LEU C 431 -21.43 -5.00 -23.84
C LEU C 431 -22.92 -4.99 -23.62
N VAL C 432 -23.37 -4.28 -22.59
CA VAL C 432 -24.80 -4.18 -22.29
C VAL C 432 -25.24 -2.73 -22.31
N VAL C 433 -26.24 -2.41 -23.14
CA VAL C 433 -26.97 -1.14 -23.03
C VAL C 433 -28.29 -1.46 -22.32
N PRO C 434 -28.38 -1.28 -21.00
CA PRO C 434 -29.59 -1.70 -20.27
C PRO C 434 -30.85 -1.13 -20.91
N ASN C 435 -31.88 -1.99 -21.03
CA ASN C 435 -33.19 -1.65 -21.57
C ASN C 435 -33.17 -1.43 -23.07
N VAL C 436 -32.02 -1.53 -23.72
CA VAL C 436 -31.93 -1.26 -25.15
C VAL C 436 -31.44 -2.51 -25.88
N MET C 437 -30.24 -2.97 -25.56
CA MET C 437 -29.67 -4.05 -26.36
C MET C 437 -28.47 -4.64 -25.64
N GLY C 438 -28.01 -5.79 -26.17
CA GLY C 438 -26.71 -6.33 -25.83
C GLY C 438 -25.85 -6.50 -27.07
N MET C 439 -24.53 -6.51 -26.85
CA MET C 439 -23.59 -6.66 -27.96
C MET C 439 -22.40 -7.51 -27.54
N MET C 440 -21.69 -7.99 -28.56
CA MET C 440 -20.36 -8.58 -28.39
C MET C 440 -19.46 -8.00 -29.47
N CYS C 441 -18.31 -7.47 -29.07
CA CYS C 441 -17.29 -6.99 -30.00
C CYS C 441 -16.07 -7.89 -29.86
N TRP C 442 -15.57 -8.39 -30.97
CA TRP C 442 -14.43 -9.29 -30.93
C TRP C 442 -13.40 -8.78 -31.92
N SER C 443 -12.19 -8.53 -31.43
CA SER C 443 -10.98 -8.36 -32.22
C SER C 443 -9.86 -8.80 -31.31
N PRO C 444 -9.03 -9.75 -31.74
CA PRO C 444 -8.06 -10.39 -30.83
C PRO C 444 -6.99 -9.45 -30.28
N PRO C 445 -6.48 -8.48 -31.04
CA PRO C 445 -5.33 -7.71 -30.52
C PRO C 445 -5.71 -6.85 -29.30
N LEU C 446 -5.00 -7.08 -28.20
CA LEU C 446 -5.25 -6.39 -26.95
C LEU C 446 -4.31 -5.20 -26.78
N ASP C 447 -4.80 -4.16 -26.10
CA ASP C 447 -3.95 -3.01 -25.74
C ASP C 447 -3.13 -3.42 -24.53
N LYS C 448 -2.33 -2.51 -23.96
CA LYS C 448 -1.48 -3.02 -22.90
C LYS C 448 -2.26 -3.32 -21.61
N MET C 449 -3.53 -2.94 -21.52
CA MET C 449 -4.31 -3.31 -20.35
C MET C 449 -5.23 -4.53 -20.57
N GLY C 450 -5.05 -5.27 -21.67
CA GLY C 450 -5.76 -6.53 -21.85
C GLY C 450 -7.05 -6.47 -22.64
N ASN C 451 -7.48 -5.28 -23.09
CA ASN C 451 -8.76 -5.04 -23.74
C ASN C 451 -8.57 -4.89 -25.25
N SER C 452 -9.54 -5.38 -26.01
CA SER C 452 -9.46 -5.32 -27.47
C SER C 452 -9.45 -3.87 -27.93
N VAL C 453 -8.35 -3.47 -28.59
CA VAL C 453 -8.20 -2.12 -29.13
C VAL C 453 -9.47 -1.69 -29.86
N LYS C 454 -9.84 -2.47 -30.88
CA LYS C 454 -11.00 -2.12 -31.71
C LYS C 454 -12.28 -2.10 -30.90
N GLY C 455 -12.45 -3.08 -30.00
CA GLY C 455 -13.63 -3.06 -29.14
C GLY C 455 -13.71 -1.79 -28.32
N ILE C 456 -12.59 -1.40 -27.72
CA ILE C 456 -12.54 -0.21 -26.88
C ILE C 456 -12.83 1.04 -27.70
N HIS C 457 -12.19 1.15 -28.86
CA HIS C 457 -12.44 2.28 -29.75
C HIS C 457 -13.91 2.31 -30.19
N PHE C 458 -14.48 1.15 -30.50
CA PHE C 458 -15.88 1.08 -30.87
C PHE C 458 -16.78 1.56 -29.73
N CYS C 459 -16.52 1.11 -28.50
CA CYS C 459 -17.39 1.48 -27.40
C CYS C 459 -17.39 2.98 -27.17
N HIS C 460 -16.22 3.62 -27.32
CA HIS C 460 -16.19 5.06 -27.16
C HIS C 460 -17.03 5.74 -28.23
N ASP C 461 -16.84 5.35 -29.50
CA ASP C 461 -17.61 5.97 -30.58
C ASP C 461 -19.09 5.74 -30.40
N LEU C 462 -19.47 4.52 -30.03
CA LEU C 462 -20.88 4.21 -29.82
C LEU C 462 -21.52 5.23 -28.91
N VAL C 463 -20.88 5.56 -27.79
CA VAL C 463 -21.46 6.49 -26.84
C VAL C 463 -21.19 7.97 -27.15
N SER C 464 -20.18 8.27 -27.98
CA SER C 464 -20.12 9.60 -28.58
C SER C 464 -21.35 9.86 -29.43
N LEU C 465 -21.74 8.86 -30.23
CA LEU C 465 -22.83 9.03 -31.18
C LEU C 465 -24.18 9.03 -30.49
N CYS C 466 -24.41 8.08 -29.58
CA CYS C 466 -25.75 7.83 -29.08
C CYS C 466 -25.83 8.06 -27.57
N ASN C 467 -26.97 8.57 -27.13
CA ASN C 467 -27.15 8.94 -25.73
C ASN C 467 -27.34 7.71 -24.87
N PHE C 468 -26.48 6.71 -25.06
CA PHE C 468 -26.49 5.45 -24.31
C PHE C 468 -25.61 5.44 -23.07
N HIS C 469 -24.78 6.49 -22.84
CA HIS C 469 -24.05 6.56 -21.57
C HIS C 469 -25.05 6.45 -20.44
N ASN C 470 -24.71 5.65 -19.44
CA ASN C 470 -25.63 5.41 -18.34
C ASN C 470 -26.07 6.72 -17.68
N TYR C 471 -25.20 7.73 -17.65
CA TYR C 471 -25.59 9.04 -17.13
C TYR C 471 -25.78 10.09 -18.22
N ASP C 472 -26.02 9.66 -19.47
CA ASP C 472 -26.68 10.55 -20.42
C ASP C 472 -28.11 10.78 -19.96
N ASN C 473 -28.71 11.83 -20.48
CA ASN C 473 -30.09 12.19 -20.17
C ASN C 473 -30.97 11.85 -21.37
N LEU C 474 -32.16 11.32 -21.12
CA LEU C 474 -33.04 10.85 -22.20
C LEU C 474 -33.82 11.97 -22.88
N ARG C 475 -33.77 13.17 -22.33
CA ARG C 475 -34.48 14.34 -22.83
C ARG C 475 -33.55 15.45 -23.30
N HIS C 476 -32.36 15.59 -22.71
CA HIS C 476 -31.42 16.65 -23.06
C HIS C 476 -30.04 16.04 -23.28
N PHE C 477 -29.68 15.85 -24.54
CA PHE C 477 -28.47 15.11 -24.83
C PHE C 477 -27.71 15.76 -25.95
N ALA C 478 -27.69 17.09 -25.96
CA ALA C 478 -26.86 17.85 -26.89
C ALA C 478 -26.96 17.30 -28.32
N LYS C 479 -25.80 16.96 -28.89
CA LYS C 479 -25.71 16.57 -30.29
C LYS C 479 -25.72 15.06 -30.45
N LYS C 480 -25.95 14.33 -29.37
CA LYS C 480 -26.08 12.89 -29.50
C LYS C 480 -27.40 12.54 -30.17
N LEU C 481 -27.45 11.32 -30.71
CA LEU C 481 -28.60 10.75 -31.37
C LEU C 481 -29.25 9.74 -30.45
N ASP C 482 -30.58 9.72 -30.41
CA ASP C 482 -31.27 8.72 -29.59
C ASP C 482 -32.04 7.76 -30.51
N PRO C 483 -31.53 6.56 -30.74
CA PRO C 483 -32.22 5.60 -31.62
C PRO C 483 -33.50 5.03 -31.02
N ARG C 484 -33.85 5.38 -29.78
CA ARG C 484 -35.10 4.91 -29.23
C ARG C 484 -36.31 5.66 -29.79
N ARG C 485 -36.09 6.81 -30.43
CA ARG C 485 -37.18 7.54 -31.06
C ARG C 485 -36.78 7.91 -32.50
N GLU C 486 -37.79 8.20 -33.33
CA GLU C 486 -37.56 8.44 -34.75
C GLU C 486 -37.70 9.91 -35.10
N GLY C 487 -38.90 10.49 -35.06
CA GLY C 487 -39.13 11.85 -35.50
C GLY C 487 -40.54 12.36 -35.22
N PRO D 78 62.80 -23.17 28.60
CA PRO D 78 61.93 -22.07 28.18
C PRO D 78 60.65 -22.56 27.48
N SER D 79 60.13 -23.72 27.91
CA SER D 79 59.08 -24.43 27.18
C SER D 79 57.69 -24.02 27.68
N LEU D 80 56.80 -23.69 26.73
CA LEU D 80 55.41 -23.36 27.02
C LEU D 80 54.71 -24.47 27.80
N GLU D 81 55.22 -25.70 27.73
CA GLU D 81 54.49 -26.87 28.24
C GLU D 81 54.48 -26.95 29.76
N ASP D 82 55.43 -26.34 30.44
CA ASP D 82 55.37 -26.23 31.89
C ASP D 82 55.89 -24.88 32.36
N LEU D 83 55.79 -23.85 31.55
CA LEU D 83 55.38 -22.64 32.20
C LEU D 83 53.93 -22.83 32.70
N LEU D 84 53.25 -23.89 32.22
CA LEU D 84 51.83 -24.20 32.49
C LEU D 84 51.58 -25.31 33.53
N PHE D 85 52.30 -26.44 33.50
CA PHE D 85 52.09 -27.49 34.50
C PHE D 85 52.35 -26.96 35.92
N TYR D 86 53.17 -25.93 36.06
CA TYR D 86 53.26 -25.25 37.35
C TYR D 86 52.12 -24.27 37.56
N THR D 87 51.73 -23.56 36.50
CA THR D 87 50.48 -22.83 36.54
C THR D 87 49.38 -23.69 37.16
N ILE D 88 49.42 -24.99 36.89
CA ILE D 88 48.43 -25.93 37.40
C ILE D 88 48.97 -26.57 38.68
N ALA D 89 50.29 -26.71 38.80
CA ALA D 89 50.86 -27.54 39.86
C ALA D 89 50.58 -26.97 41.24
N GLU D 90 50.62 -25.64 41.37
CA GLU D 90 50.52 -24.94 42.65
C GLU D 90 51.63 -25.39 43.61
N GLY D 91 52.87 -25.09 43.23
CA GLY D 91 54.02 -25.39 44.07
C GLY D 91 54.28 -26.87 44.28
N GLN D 92 53.23 -27.63 44.59
CA GLN D 92 53.25 -29.07 44.52
C GLN D 92 53.78 -29.50 43.16
N GLU D 93 54.49 -30.63 43.11
CA GLU D 93 55.24 -30.97 41.90
C GLU D 93 54.73 -32.22 41.19
N LYS D 94 53.41 -32.45 41.22
CA LYS D 94 52.88 -33.71 40.70
C LYS D 94 51.36 -33.57 40.62
N ILE D 95 50.84 -33.27 39.43
CA ILE D 95 49.47 -32.79 39.27
C ILE D 95 48.53 -33.98 39.13
N PRO D 96 47.56 -34.16 40.03
CA PRO D 96 46.53 -35.19 39.84
C PRO D 96 45.76 -34.95 38.55
N VAL D 97 45.02 -35.97 38.14
CA VAL D 97 44.29 -35.91 36.87
C VAL D 97 42.98 -35.15 37.02
N HIS D 98 42.13 -35.57 37.96
CA HIS D 98 40.90 -34.87 38.31
C HIS D 98 41.16 -33.38 38.41
N LYS D 99 42.27 -33.01 39.03
CA LYS D 99 42.61 -31.62 39.22
C LYS D 99 43.02 -30.95 37.92
N PHE D 100 43.42 -31.73 36.92
CA PHE D 100 43.65 -31.13 35.61
C PHE D 100 42.36 -31.03 34.82
N ILE D 101 41.50 -32.03 34.95
CA ILE D 101 40.20 -31.98 34.28
C ILE D 101 39.36 -30.86 34.87
N THR D 102 39.36 -30.73 36.19
CA THR D 102 38.53 -29.71 36.83
C THR D 102 38.98 -28.32 36.43
N ALA D 103 40.30 -28.09 36.42
CA ALA D 103 40.82 -26.80 35.96
C ALA D 103 40.49 -26.57 34.49
N LEU D 104 40.55 -27.63 33.68
CA LEU D 104 40.16 -27.51 32.28
C LEU D 104 38.70 -27.07 32.16
N LYS D 105 37.80 -27.83 32.78
CA LYS D 105 36.39 -27.46 32.74
C LYS D 105 36.17 -26.03 33.19
N SER D 106 36.94 -25.57 34.18
CA SER D 106 36.72 -24.22 34.70
C SER D 106 37.04 -23.16 33.65
N THR D 107 37.77 -23.50 32.58
CA THR D 107 38.01 -22.49 31.55
C THR D 107 36.86 -22.39 30.57
N GLY D 108 35.91 -23.33 30.65
CA GLY D 108 34.81 -23.37 29.75
C GLY D 108 34.90 -24.47 28.71
N LEU D 109 36.12 -24.87 28.36
CA LEU D 109 36.28 -26.00 27.46
C LEU D 109 35.64 -27.23 28.09
N ARG D 110 35.13 -28.11 27.22
CA ARG D 110 34.59 -29.40 27.63
C ARG D 110 35.61 -30.49 27.34
N THR D 111 35.60 -31.54 28.15
CA THR D 111 36.62 -32.56 27.95
C THR D 111 36.50 -33.30 26.62
N SER D 112 35.44 -33.03 25.83
CA SER D 112 35.25 -33.68 24.55
C SER D 112 35.57 -32.76 23.36
N ASP D 113 36.19 -31.63 23.62
CA ASP D 113 36.51 -30.69 22.56
C ASP D 113 37.33 -31.38 21.46
N PRO D 114 36.88 -31.37 20.21
CA PRO D 114 37.66 -31.99 19.13
C PRO D 114 39.10 -31.50 19.03
N ARG D 115 39.36 -30.22 19.34
CA ARG D 115 40.73 -29.72 19.34
C ARG D 115 41.57 -30.30 20.46
N LEU D 116 40.94 -30.99 21.42
CA LEU D 116 41.62 -31.56 22.56
C LEU D 116 41.72 -33.08 22.48
N LYS D 117 41.24 -33.69 21.39
CA LYS D 117 41.17 -35.14 21.28
C LYS D 117 42.49 -35.81 21.63
N GLU D 118 43.57 -35.39 20.98
CA GLU D 118 44.86 -36.03 21.18
C GLU D 118 45.26 -36.00 22.65
N CYS D 119 45.31 -34.80 23.24
CA CYS D 119 45.57 -34.68 24.66
C CYS D 119 44.65 -35.57 25.49
N MET D 120 43.38 -35.68 25.10
CA MET D 120 42.51 -36.60 25.81
C MET D 120 42.80 -38.05 25.41
N ASP D 121 43.35 -38.26 24.21
CA ASP D 121 43.76 -39.60 23.82
C ASP D 121 44.96 -40.05 24.64
N MET D 122 45.93 -39.14 24.82
CA MET D 122 47.07 -39.42 25.67
C MET D 122 46.67 -39.58 27.13
N LEU D 123 45.61 -38.90 27.57
CA LEU D 123 45.14 -39.11 28.93
C LEU D 123 44.43 -40.46 29.08
N ARG D 124 43.68 -40.88 28.06
CA ARG D 124 43.02 -42.18 28.12
C ARG D 124 44.03 -43.31 28.23
N LEU D 125 45.13 -43.21 27.48
CA LEU D 125 46.17 -44.23 27.54
C LEU D 125 46.85 -44.26 28.91
N THR D 126 47.34 -43.10 29.37
CA THR D 126 47.98 -43.05 30.68
C THR D 126 47.04 -43.50 31.80
N LEU D 127 45.72 -43.35 31.62
CA LEU D 127 44.83 -43.79 32.69
C LEU D 127 44.70 -45.30 32.75
N GLN D 128 45.17 -46.01 31.73
CA GLN D 128 45.21 -47.47 31.75
C GLN D 128 46.62 -48.03 32.00
N THR D 129 47.67 -47.22 31.81
CA THR D 129 49.01 -47.63 32.22
C THR D 129 49.09 -47.80 33.73
N THR D 130 48.18 -47.15 34.46
CA THR D 130 48.21 -47.08 35.91
C THR D 130 46.77 -47.06 36.39
N SER D 131 46.43 -47.92 37.34
CA SER D 131 45.20 -47.74 38.09
C SER D 131 45.43 -47.00 39.40
N ASP D 132 46.68 -46.95 39.86
CA ASP D 132 47.09 -46.34 41.12
C ASP D 132 47.33 -44.84 40.90
N GLY D 133 46.22 -44.11 40.83
CA GLY D 133 46.26 -42.67 40.66
C GLY D 133 45.14 -42.22 39.74
N VAL D 134 45.52 -41.82 38.54
CA VAL D 134 46.93 -41.62 38.18
C VAL D 134 47.17 -40.14 38.42
N MET D 135 48.42 -39.69 38.30
CA MET D 135 48.80 -38.28 38.37
C MET D 135 49.99 -38.04 37.48
N LEU D 136 50.32 -36.76 37.30
CA LEU D 136 51.22 -36.34 36.25
C LEU D 136 52.45 -35.59 36.79
N ASP D 137 53.59 -35.65 36.09
CA ASP D 137 54.79 -34.84 36.36
C ASP D 137 55.32 -34.21 35.07
N LYS D 138 56.29 -33.31 35.25
CA LYS D 138 56.83 -32.37 34.25
C LYS D 138 57.18 -32.98 32.89
N ASP D 139 57.03 -34.30 32.73
CA ASP D 139 57.28 -34.87 31.41
C ASP D 139 56.13 -35.73 30.89
N LEU D 140 55.42 -36.48 31.74
CA LEU D 140 54.23 -37.18 31.22
C LEU D 140 53.03 -36.23 31.15
N PHE D 141 53.07 -35.14 31.92
CA PHE D 141 52.17 -34.02 31.65
C PHE D 141 52.43 -33.51 30.24
N LYS D 142 53.66 -33.03 30.01
CA LYS D 142 54.09 -32.65 28.67
C LYS D 142 53.76 -33.75 27.66
N LYS D 143 53.88 -35.02 28.08
CA LYS D 143 53.57 -36.12 27.17
C LYS D 143 52.14 -36.01 26.64
N CYS D 144 51.19 -35.65 27.52
CA CYS D 144 49.80 -35.57 27.10
C CYS D 144 49.45 -34.24 26.43
N VAL D 145 49.92 -33.13 27.01
CA VAL D 145 49.46 -31.79 26.60
C VAL D 145 50.26 -31.18 25.45
N GLN D 146 51.44 -31.72 25.13
CA GLN D 146 52.30 -31.08 24.14
C GLN D 146 51.58 -30.83 22.82
N SER D 147 50.70 -31.77 22.42
CA SER D 147 50.03 -31.68 21.14
C SER D 147 49.09 -30.48 21.06
N ASN D 148 48.36 -30.20 22.14
CA ASN D 148 47.40 -29.11 22.15
C ASN D 148 47.81 -27.99 23.11
N ILE D 149 49.12 -27.74 23.26
CA ILE D 149 49.60 -26.84 24.31
C ILE D 149 49.09 -25.42 24.07
N VAL D 150 49.17 -24.94 22.83
CA VAL D 150 48.83 -23.54 22.59
C VAL D 150 47.37 -23.27 22.96
N LEU D 151 46.47 -24.19 22.63
CA LEU D 151 45.07 -24.01 23.01
C LEU D 151 44.91 -24.15 24.52
N LEU D 152 45.66 -25.05 25.14
CA LEU D 152 45.59 -25.17 26.59
C LEU D 152 46.13 -23.93 27.28
N THR D 153 47.14 -23.30 26.68
CA THR D 153 47.76 -22.18 27.38
C THR D 153 46.81 -21.01 27.45
N GLN D 154 46.12 -20.70 26.36
CA GLN D 154 45.12 -19.64 26.39
C GLN D 154 43.97 -19.98 27.31
N ALA D 155 43.60 -21.27 27.35
CA ALA D 155 42.53 -21.68 28.26
C ALA D 155 42.90 -21.37 29.70
N PHE D 156 44.10 -21.79 30.10
CA PHE D 156 44.53 -21.65 31.50
C PHE D 156 45.13 -20.29 31.83
N ARG D 157 45.68 -19.57 30.85
CA ARG D 157 46.11 -18.20 31.04
C ARG D 157 44.97 -17.18 30.98
N ARG D 158 43.74 -17.62 30.78
CA ARG D 158 42.58 -16.73 30.77
C ARG D 158 42.63 -15.76 29.58
N LYS D 159 42.99 -16.27 28.41
CA LYS D 159 43.09 -15.48 27.20
C LYS D 159 41.87 -15.63 26.28
N PHE D 160 40.86 -16.39 26.70
CA PHE D 160 39.66 -16.58 25.89
C PHE D 160 38.82 -15.31 25.89
N VAL D 161 37.81 -15.29 25.02
CA VAL D 161 37.03 -14.06 24.82
C VAL D 161 36.28 -13.71 26.07
N ILE D 162 35.94 -14.71 26.89
CA ILE D 162 35.31 -14.47 28.18
C ILE D 162 36.20 -15.12 29.22
N PRO D 163 37.13 -14.35 29.85
CA PRO D 163 38.09 -14.93 30.79
C PRO D 163 37.44 -15.66 31.95
N ASP D 164 36.64 -14.94 32.73
CA ASP D 164 35.99 -15.50 33.92
C ASP D 164 34.67 -16.19 33.52
N PHE D 165 34.82 -17.23 32.70
CA PHE D 165 33.66 -17.93 32.16
C PHE D 165 32.73 -18.46 33.25
N MET D 166 33.24 -18.76 34.43
CA MET D 166 32.38 -19.40 35.42
C MET D 166 31.40 -18.43 36.05
N SER D 167 31.80 -17.18 36.25
CA SER D 167 30.84 -16.18 36.70
C SER D 167 29.87 -15.80 35.58
N PHE D 168 30.32 -15.88 34.32
CA PHE D 168 29.42 -15.61 33.21
C PHE D 168 28.34 -16.67 33.10
N THR D 169 28.71 -17.95 33.26
CA THR D 169 27.65 -18.95 33.26
C THR D 169 26.74 -18.79 34.46
N SER D 170 27.24 -18.14 35.52
CA SER D 170 26.36 -17.85 36.66
C SER D 170 25.26 -16.88 36.25
N HIS D 171 25.61 -15.87 35.43
CA HIS D 171 24.63 -14.91 34.95
C HIS D 171 23.68 -15.54 33.93
N ILE D 172 24.22 -16.32 32.97
CA ILE D 172 23.36 -17.03 32.02
C ILE D 172 22.31 -17.84 32.76
N ASP D 173 22.66 -18.39 33.91
CA ASP D 173 21.69 -19.19 34.66
C ASP D 173 20.62 -18.30 35.30
N GLU D 174 21.02 -17.16 35.88
CA GLU D 174 20.04 -16.21 36.38
C GLU D 174 19.12 -15.71 35.28
N LEU D 175 19.69 -15.36 34.12
CA LEU D 175 18.89 -15.05 32.94
C LEU D 175 17.98 -16.22 32.56
N TYR D 176 18.50 -17.45 32.53
CA TYR D 176 17.69 -18.61 32.23
C TYR D 176 16.47 -18.68 33.16
N GLU D 177 16.71 -18.65 34.47
CA GLU D 177 15.64 -18.92 35.43
C GLU D 177 14.62 -17.79 35.42
N SER D 178 15.10 -16.54 35.32
CA SER D 178 14.22 -15.40 35.16
C SER D 178 13.24 -15.57 33.99
N ALA D 179 13.73 -16.05 32.84
CA ALA D 179 12.86 -16.24 31.68
C ALA D 179 11.95 -17.44 31.83
N LYS D 180 12.30 -18.38 32.72
CA LYS D 180 11.51 -19.60 32.86
C LYS D 180 10.18 -19.32 33.53
N LYS D 181 10.12 -18.28 34.38
CA LYS D 181 8.88 -17.83 35.00
C LYS D 181 7.85 -17.32 33.99
N GLN D 182 8.25 -17.10 32.74
CA GLN D 182 7.35 -16.52 31.73
C GLN D 182 6.56 -17.64 31.06
N SER D 183 5.27 -17.75 31.39
CA SER D 183 4.46 -18.85 30.91
C SER D 183 3.58 -18.45 29.74
N GLY D 184 3.68 -17.21 29.27
CA GLY D 184 2.84 -16.76 28.17
C GLY D 184 3.07 -17.59 26.93
N GLY D 185 2.28 -17.30 25.91
CA GLY D 185 2.50 -17.86 24.60
C GLY D 185 1.69 -19.11 24.34
N LYS D 186 1.70 -19.50 23.07
CA LYS D 186 0.93 -20.61 22.55
C LYS D 186 1.85 -21.47 21.69
N VAL D 187 1.85 -22.77 21.94
CA VAL D 187 2.70 -23.65 21.14
C VAL D 187 2.09 -23.80 19.76
N ALA D 188 2.91 -23.63 18.74
CA ALA D 188 2.46 -23.85 17.36
C ALA D 188 1.84 -25.24 17.24
N ASP D 189 0.58 -25.28 16.79
CA ASP D 189 -0.17 -26.52 16.74
C ASP D 189 -0.71 -26.83 15.35
N TYR D 190 -0.40 -26.00 14.34
CA TYR D 190 -0.78 -26.32 12.98
C TYR D 190 -0.09 -27.58 12.46
N ILE D 191 0.85 -28.11 13.22
CA ILE D 191 1.53 -29.38 12.96
C ILE D 191 1.37 -30.22 14.23
N PRO D 192 0.94 -31.48 14.14
CA PRO D 192 0.85 -32.31 15.34
C PRO D 192 2.19 -32.58 15.98
N GLN D 193 3.28 -32.53 15.21
CA GLN D 193 4.62 -32.63 15.81
C GLN D 193 4.93 -31.42 16.67
N LEU D 194 4.58 -30.21 16.21
CA LEU D 194 4.85 -29.01 17.00
C LEU D 194 3.93 -28.91 18.20
N ALA D 195 2.70 -29.40 18.08
CA ALA D 195 1.78 -29.44 19.20
C ALA D 195 2.14 -30.54 20.20
N LYS D 196 2.88 -31.56 19.76
CA LYS D 196 3.38 -32.59 20.67
C LYS D 196 4.28 -32.00 21.75
N PHE D 197 5.17 -31.08 21.37
CA PHE D 197 6.18 -30.58 22.30
C PHE D 197 5.56 -29.81 23.46
N SER D 198 6.12 -30.01 24.67
CA SER D 198 5.55 -29.51 25.91
C SER D 198 5.89 -28.03 26.10
N PRO D 199 4.92 -27.22 26.54
CA PRO D 199 5.21 -25.81 26.84
C PRO D 199 6.29 -25.58 27.88
N ASP D 200 6.64 -26.58 28.69
CA ASP D 200 7.58 -26.38 29.79
C ASP D 200 9.04 -26.51 29.36
N LEU D 201 9.29 -26.99 28.15
CA LEU D 201 10.64 -27.14 27.65
C LEU D 201 11.31 -25.79 27.49
N TRP D 202 12.54 -25.67 27.99
CA TRP D 202 13.23 -24.39 27.98
C TRP D 202 14.71 -24.65 28.15
N GLY D 203 15.49 -24.31 27.13
CA GLY D 203 16.93 -24.50 27.20
C GLY D 203 17.73 -23.41 26.55
N VAL D 204 18.78 -22.95 27.22
CA VAL D 204 19.71 -22.00 26.63
C VAL D 204 21.07 -22.67 26.58
N SER D 205 21.75 -22.54 25.44
CA SER D 205 23.06 -23.12 25.24
C SER D 205 24.01 -22.05 24.73
N VAL D 206 25.19 -21.98 25.34
CA VAL D 206 26.21 -21.02 24.97
C VAL D 206 27.40 -21.78 24.39
N CYS D 207 27.98 -21.25 23.32
CA CYS D 207 29.30 -21.64 22.85
C CYS D 207 30.03 -20.39 22.39
N THR D 208 31.11 -20.02 23.07
CA THR D 208 31.80 -18.79 22.71
C THR D 208 32.63 -18.98 21.44
N VAL D 209 33.21 -17.88 20.96
CA VAL D 209 34.11 -17.98 19.82
C VAL D 209 35.39 -18.76 20.15
N ASP D 210 35.61 -19.16 21.40
CA ASP D 210 36.79 -19.94 21.78
C ASP D 210 36.45 -21.35 22.20
N GLY D 211 35.22 -21.77 22.03
CA GLY D 211 34.85 -23.13 22.36
C GLY D 211 34.32 -23.29 23.75
N GLN D 212 34.30 -22.22 24.53
CA GLN D 212 33.77 -22.32 25.88
C GLN D 212 32.28 -22.63 25.85
N ARG D 213 31.87 -23.65 26.58
CA ARG D 213 30.52 -24.15 26.49
C ARG D 213 29.83 -23.99 27.84
N HIS D 214 28.53 -23.71 27.80
CA HIS D 214 27.66 -23.79 28.95
C HIS D 214 26.26 -24.11 28.43
N SER D 215 25.50 -24.85 29.23
CA SER D 215 24.11 -25.17 28.92
C SER D 215 23.33 -25.11 30.22
N THR D 216 22.03 -24.88 30.08
CA THR D 216 21.13 -24.90 31.23
C THR D 216 19.73 -25.07 30.69
N GLY D 217 19.01 -26.02 31.27
CA GLY D 217 17.72 -26.41 30.76
C GLY D 217 17.81 -27.57 29.78
N ASP D 218 16.74 -27.71 29.00
CA ASP D 218 16.57 -28.85 28.10
C ASP D 218 17.38 -28.67 26.81
N THR D 219 18.69 -28.56 27.00
CA THR D 219 19.56 -28.21 25.89
C THR D 219 19.94 -29.39 25.03
N LYS D 220 19.36 -30.57 25.27
CA LYS D 220 19.67 -31.77 24.49
C LYS D 220 18.45 -32.34 23.78
N VAL D 221 17.28 -31.76 23.95
CA VAL D 221 16.08 -32.24 23.29
C VAL D 221 16.14 -31.82 21.82
N PRO D 222 16.07 -32.74 20.88
CA PRO D 222 16.00 -32.34 19.48
C PRO D 222 14.68 -31.65 19.15
N PHE D 223 14.76 -30.72 18.21
CA PHE D 223 13.61 -29.98 17.71
C PHE D 223 13.99 -29.41 16.35
N CYS D 224 12.99 -29.13 15.55
CA CYS D 224 13.24 -28.69 14.19
C CYS D 224 13.77 -27.26 14.16
N LEU D 225 14.74 -27.03 13.28
CA LEU D 225 15.22 -25.69 13.05
C LEU D 225 14.09 -24.78 12.57
N GLN D 226 13.21 -25.32 11.74
CA GLN D 226 12.18 -24.53 11.04
C GLN D 226 12.87 -23.32 10.41
N SER D 227 12.36 -22.10 10.60
CA SER D 227 12.96 -20.92 9.99
C SER D 227 14.33 -20.58 10.54
N CYS D 228 14.76 -21.19 11.65
CA CYS D 228 16.15 -21.00 12.05
C CYS D 228 17.11 -21.46 10.95
N VAL D 229 16.68 -22.36 10.05
CA VAL D 229 17.59 -22.81 9.00
C VAL D 229 17.83 -21.73 7.95
N LYS D 230 16.90 -20.76 7.81
CA LYS D 230 17.01 -19.72 6.78
C LYS D 230 18.34 -18.99 6.74
N PRO D 231 18.87 -18.43 7.84
CA PRO D 231 20.21 -17.84 7.74
C PRO D 231 21.28 -18.86 7.34
N LEU D 232 21.17 -20.10 7.82
CA LEU D 232 22.18 -21.11 7.49
C LEU D 232 22.23 -21.38 5.99
N LYS D 233 21.08 -21.68 5.37
CA LYS D 233 21.09 -22.00 3.94
C LYS D 233 21.43 -20.77 3.10
N TYR D 234 21.04 -19.57 3.57
CA TYR D 234 21.49 -18.36 2.89
C TYR D 234 23.01 -18.23 2.95
N ALA D 235 23.59 -18.49 4.14
CA ALA D 235 25.05 -18.48 4.26
C ALA D 235 25.71 -19.43 3.28
N ILE D 236 25.25 -20.69 3.26
CA ILE D 236 25.73 -21.67 2.29
C ILE D 236 25.64 -21.12 0.88
N ALA D 237 24.52 -20.43 0.59
CA ALA D 237 24.29 -19.99 -0.78
C ALA D 237 25.26 -18.87 -1.15
N VAL D 238 25.44 -17.89 -0.26
CA VAL D 238 26.45 -16.87 -0.52
C VAL D 238 27.84 -17.49 -0.52
N ASN D 239 28.09 -18.46 0.36
CA ASN D 239 29.35 -19.18 0.34
C ASN D 239 29.66 -19.75 -1.05
N ASP D 240 28.72 -20.51 -1.63
CA ASP D 240 29.06 -21.23 -2.86
C ASP D 240 28.99 -20.36 -4.11
N LEU D 241 28.03 -19.43 -4.17
CA LEU D 241 27.79 -18.65 -5.39
C LEU D 241 28.14 -17.18 -5.24
N GLY D 242 28.36 -16.69 -4.03
CA GLY D 242 28.78 -15.31 -3.84
C GLY D 242 27.62 -14.35 -3.67
N THR D 243 27.95 -13.15 -3.18
CA THR D 243 26.94 -12.15 -2.87
C THR D 243 26.17 -11.71 -4.09
N GLU D 244 26.86 -11.48 -5.21
CA GLU D 244 26.22 -10.86 -6.36
C GLU D 244 25.20 -11.81 -6.99
N TYR D 245 25.61 -13.05 -7.26
CA TYR D 245 24.70 -14.00 -7.89
C TYR D 245 23.46 -14.19 -7.04
N VAL D 246 23.64 -14.45 -5.74
CA VAL D 246 22.50 -14.73 -4.88
C VAL D 246 21.51 -13.57 -4.91
N HIS D 247 22.00 -12.33 -4.84
CA HIS D 247 21.01 -11.25 -4.75
C HIS D 247 20.46 -10.82 -6.10
N ARG D 248 20.78 -11.56 -7.17
CA ARG D 248 19.99 -11.45 -8.39
C ARG D 248 18.57 -11.93 -8.17
N TYR D 249 18.38 -12.86 -7.24
CA TYR D 249 17.11 -13.51 -7.01
C TYR D 249 16.41 -13.07 -5.74
N VAL D 250 17.10 -12.41 -4.80
CA VAL D 250 16.51 -12.12 -3.50
C VAL D 250 17.05 -10.79 -2.99
N GLY D 251 16.19 -10.04 -2.29
CA GLY D 251 16.56 -8.73 -1.79
C GLY D 251 17.40 -8.83 -0.53
N LYS D 252 17.73 -7.65 0.01
CA LYS D 252 18.59 -7.57 1.18
C LYS D 252 18.14 -6.45 2.10
N GLU D 253 16.83 -6.27 2.24
CA GLU D 253 16.27 -5.29 3.15
C GLU D 253 15.04 -5.89 3.82
N PRO D 254 14.62 -5.33 4.94
CA PRO D 254 13.30 -5.64 5.47
C PRO D 254 12.23 -4.89 4.67
N SER D 255 10.99 -5.36 4.82
CA SER D 255 9.93 -4.99 3.89
C SER D 255 9.18 -3.73 4.30
N GLY D 256 8.85 -3.57 5.56
CA GLY D 256 7.86 -2.60 6.01
C GLY D 256 6.83 -3.44 6.75
N LEU D 257 6.57 -3.06 8.02
CA LEU D 257 6.00 -4.01 8.97
C LEU D 257 4.55 -4.40 8.68
N ARG D 258 3.93 -3.87 7.63
CA ARG D 258 2.66 -4.43 7.13
C ARG D 258 2.70 -4.54 5.61
N PHE D 259 3.88 -4.94 5.09
CA PHE D 259 3.99 -5.51 3.75
C PHE D 259 4.77 -6.82 3.82
N ASN D 260 4.74 -7.43 5.01
CA ASN D 260 4.91 -8.86 5.18
C ASN D 260 4.08 -9.65 4.16
N LYS D 261 2.84 -9.20 3.91
CA LYS D 261 1.90 -9.98 3.10
C LYS D 261 2.33 -10.11 1.65
N LEU D 262 3.12 -9.15 1.16
CA LEU D 262 3.65 -9.20 -0.20
C LEU D 262 4.81 -10.20 -0.31
N PHE D 263 4.80 -10.98 -1.38
CA PHE D 263 5.86 -11.95 -1.63
C PHE D 263 7.05 -11.34 -2.36
N LEU D 264 6.88 -10.22 -3.06
CA LEU D 264 7.92 -9.67 -3.91
C LEU D 264 8.05 -8.18 -3.66
N ASN D 265 9.29 -7.68 -3.71
CA ASN D 265 9.52 -6.25 -3.58
C ASN D 265 9.25 -5.60 -4.94
N GLU D 266 9.67 -4.35 -5.13
CA GLU D 266 9.36 -3.66 -6.37
C GLU D 266 10.20 -4.14 -7.56
N ASP D 267 11.18 -5.02 -7.35
CA ASP D 267 11.99 -5.57 -8.43
C ASP D 267 11.64 -7.01 -8.74
N ASP D 268 10.53 -7.51 -8.20
CA ASP D 268 10.07 -8.88 -8.42
C ASP D 268 11.02 -9.93 -7.84
N LYS D 269 11.69 -9.60 -6.73
CA LYS D 269 12.42 -10.53 -5.87
C LYS D 269 11.79 -10.52 -4.49
N PRO D 270 11.80 -11.64 -3.77
CA PRO D 270 11.42 -11.60 -2.36
C PRO D 270 12.32 -10.61 -1.63
N HIS D 271 11.83 -10.12 -0.49
CA HIS D 271 12.45 -8.94 0.10
C HIS D 271 13.83 -9.23 0.67
N ASN D 272 14.06 -10.45 1.13
CA ASN D 272 15.26 -10.80 1.86
C ASN D 272 15.21 -12.31 2.11
N PRO D 273 16.35 -12.95 2.37
CA PRO D 273 16.34 -14.42 2.49
C PRO D 273 15.64 -14.94 3.73
N MET D 274 15.16 -14.08 4.62
CA MET D 274 14.64 -14.51 5.91
C MET D 274 13.13 -14.66 5.94
N VAL D 275 12.43 -14.22 4.88
CA VAL D 275 11.02 -14.50 4.69
C VAL D 275 10.88 -15.70 3.75
N ASN D 276 9.70 -16.34 3.81
CA ASN D 276 9.49 -17.65 3.17
C ASN D 276 9.70 -17.60 1.66
N ALA D 277 9.24 -16.51 1.03
CA ALA D 277 9.51 -16.32 -0.40
C ALA D 277 11.01 -16.22 -0.67
N GLY D 278 11.75 -15.52 0.20
CA GLY D 278 13.19 -15.43 0.02
C GLY D 278 13.88 -16.74 0.30
N ALA D 279 13.57 -17.34 1.45
CA ALA D 279 14.06 -18.65 1.79
C ALA D 279 13.80 -19.64 0.66
N ILE D 280 12.60 -19.60 0.07
CA ILE D 280 12.28 -20.54 -1.00
C ILE D 280 13.14 -20.26 -2.22
N VAL D 281 13.36 -18.98 -2.56
CA VAL D 281 14.25 -18.69 -3.69
C VAL D 281 15.66 -19.15 -3.37
N VAL D 282 16.14 -18.86 -2.15
CA VAL D 282 17.46 -19.30 -1.71
C VAL D 282 17.63 -20.80 -1.87
N THR D 283 16.62 -21.55 -1.44
CA THR D 283 16.64 -23.00 -1.60
C THR D 283 16.89 -23.41 -3.04
N SER D 284 16.40 -22.65 -4.01
CA SER D 284 16.56 -23.01 -5.41
C SER D 284 17.95 -22.69 -5.95
N LEU D 285 18.81 -22.01 -5.18
CA LEU D 285 20.18 -21.73 -5.63
C LEU D 285 21.17 -22.83 -5.23
N ILE D 286 20.86 -23.60 -4.19
CA ILE D 286 21.83 -24.50 -3.56
C ILE D 286 22.01 -25.74 -4.41
N LYS D 287 23.23 -25.95 -4.91
CA LYS D 287 23.60 -27.20 -5.56
C LYS D 287 22.67 -27.47 -6.74
N GLN D 288 22.51 -26.45 -7.60
CA GLN D 288 21.71 -26.58 -8.79
C GLN D 288 22.26 -27.70 -9.67
N GLY D 289 21.39 -28.29 -10.48
CA GLY D 289 21.76 -29.43 -11.32
C GLY D 289 21.61 -30.81 -10.68
N VAL D 290 22.14 -30.95 -9.47
CA VAL D 290 22.03 -32.19 -8.69
C VAL D 290 20.61 -32.31 -8.12
N ASN D 291 20.24 -33.51 -7.65
CA ASN D 291 18.87 -33.75 -7.23
C ASN D 291 18.68 -33.66 -5.71
N ASN D 292 17.42 -33.81 -5.28
CA ASN D 292 17.04 -33.43 -3.92
C ASN D 292 17.73 -34.29 -2.87
N ALA D 293 17.94 -35.58 -3.15
CA ALA D 293 18.61 -36.41 -2.16
C ALA D 293 20.06 -35.94 -1.96
N GLU D 294 20.77 -35.68 -3.05
CA GLU D 294 22.14 -35.20 -2.92
C GLU D 294 22.20 -33.77 -2.42
N LYS D 295 21.20 -32.95 -2.75
CA LYS D 295 21.15 -31.59 -2.23
C LYS D 295 20.96 -31.58 -0.72
N PHE D 296 20.09 -32.45 -0.22
CA PHE D 296 19.89 -32.53 1.23
C PHE D 296 21.13 -33.09 1.91
N ASP D 297 21.84 -34.00 1.24
CA ASP D 297 23.09 -34.48 1.82
C ASP D 297 24.11 -33.37 1.95
N TYR D 298 24.12 -32.46 0.97
CA TYR D 298 25.14 -31.41 0.95
C TYR D 298 24.87 -30.37 2.04
N VAL D 299 23.63 -29.92 2.16
CA VAL D 299 23.26 -29.07 3.30
C VAL D 299 23.60 -29.77 4.61
N MET D 300 23.35 -31.07 4.69
CA MET D 300 23.63 -31.79 5.93
C MET D 300 25.13 -31.84 6.25
N GLN D 301 25.96 -32.24 5.27
CA GLN D 301 27.41 -32.12 5.42
C GLN D 301 27.82 -30.73 5.87
N PHE D 302 27.14 -29.72 5.35
CA PHE D 302 27.52 -28.35 5.64
C PHE D 302 27.08 -27.96 7.04
N LEU D 303 25.84 -28.30 7.40
CA LEU D 303 25.40 -28.10 8.77
C LEU D 303 26.30 -28.86 9.73
N ASN D 304 26.71 -30.08 9.35
CA ASN D 304 27.59 -30.86 10.21
C ASN D 304 28.89 -30.12 10.51
N LYS D 305 29.53 -29.58 9.46
CA LYS D 305 30.71 -28.74 9.66
C LYS D 305 30.39 -27.53 10.54
N MET D 306 29.31 -26.80 10.22
CA MET D 306 28.95 -25.63 11.02
C MET D 306 28.78 -25.97 12.48
N ALA D 307 28.34 -27.18 12.81
CA ALA D 307 28.07 -27.53 14.20
C ALA D 307 29.19 -28.35 14.85
N GLY D 308 30.39 -28.35 14.28
CA GLY D 308 31.48 -29.14 14.85
C GLY D 308 31.10 -30.60 15.04
N ASN D 309 30.29 -31.14 14.12
CA ASN D 309 29.79 -32.50 14.11
C ASN D 309 29.01 -32.88 15.38
N GLU D 310 28.47 -31.90 16.10
CA GLU D 310 27.45 -32.20 17.10
C GLU D 310 26.11 -32.49 16.40
N TYR D 311 25.06 -32.69 17.20
CA TYR D 311 23.84 -33.31 16.70
C TYR D 311 23.18 -32.50 15.58
N VAL D 312 22.98 -33.13 14.43
CA VAL D 312 22.10 -32.62 13.39
C VAL D 312 21.32 -33.80 12.85
N GLY D 313 20.01 -33.64 12.72
CA GLY D 313 19.18 -34.72 12.22
C GLY D 313 17.97 -34.25 11.44
N PHE D 314 16.98 -35.12 11.31
CA PHE D 314 15.88 -34.90 10.39
C PHE D 314 14.60 -35.49 10.96
N SER D 315 13.55 -34.70 10.98
CA SER D 315 12.25 -35.15 11.45
C SER D 315 11.32 -35.31 10.25
N ASN D 316 11.05 -36.58 9.91
CA ASN D 316 10.14 -36.91 8.81
C ASN D 316 8.71 -36.57 9.16
N ALA D 317 8.31 -36.80 10.42
CA ALA D 317 6.96 -36.45 10.84
C ALA D 317 6.66 -34.98 10.55
N THR D 318 7.55 -34.10 10.98
CA THR D 318 7.47 -32.69 10.59
C THR D 318 7.45 -32.53 9.07
N PHE D 319 8.29 -33.29 8.37
CA PHE D 319 8.39 -33.11 6.92
C PHE D 319 7.08 -33.47 6.24
N GLN D 320 6.51 -34.64 6.58
CA GLN D 320 5.25 -35.06 5.96
C GLN D 320 4.10 -34.13 6.35
N SER D 321 4.12 -33.62 7.57
CA SER D 321 3.05 -32.73 8.01
C SER D 321 3.21 -31.31 7.46
N GLU D 322 4.45 -30.87 7.28
CA GLU D 322 4.71 -29.57 6.68
C GLU D 322 4.31 -29.54 5.20
N ARG D 323 4.31 -30.69 4.53
CA ARG D 323 4.03 -30.74 3.10
C ARG D 323 2.57 -31.02 2.78
N GLU D 324 1.79 -31.51 3.75
CA GLU D 324 0.34 -31.57 3.62
C GLU D 324 -0.30 -30.22 3.94
N SER D 325 0.21 -29.56 4.98
CA SER D 325 -0.31 -28.31 5.52
C SER D 325 0.49 -27.10 5.01
N GLY D 326 0.94 -27.13 3.77
CA GLY D 326 1.74 -26.04 3.26
C GLY D 326 1.11 -25.27 2.11
N ASP D 327 -0.19 -24.96 2.23
CA ASP D 327 -0.88 -24.25 1.17
C ASP D 327 -0.25 -22.89 0.91
N ARG D 328 0.03 -22.14 1.98
CA ARG D 328 0.69 -20.86 1.82
C ARG D 328 1.99 -21.01 1.04
N ASN D 329 2.77 -22.06 1.33
CA ASN D 329 4.06 -22.21 0.64
C ASN D 329 3.86 -22.55 -0.82
N PHE D 330 2.86 -23.38 -1.11
CA PHE D 330 2.52 -23.60 -2.51
C PHE D 330 2.02 -22.33 -3.16
N ALA D 331 1.30 -21.48 -2.43
CA ALA D 331 0.94 -20.19 -3.01
C ALA D 331 2.19 -19.41 -3.40
N ILE D 332 3.17 -19.33 -2.49
CA ILE D 332 4.43 -18.65 -2.78
C ILE D 332 5.12 -19.30 -3.96
N GLY D 333 5.17 -20.64 -3.96
CA GLY D 333 5.83 -21.34 -5.05
C GLY D 333 5.25 -21.00 -6.40
N TYR D 334 3.92 -21.07 -6.53
CA TYR D 334 3.34 -20.78 -7.83
C TYR D 334 3.47 -19.30 -8.16
N TYR D 335 3.28 -18.43 -7.17
CA TYR D 335 3.50 -17.01 -7.42
C TYR D 335 4.92 -16.76 -7.89
N LEU D 336 5.89 -17.38 -7.22
CA LEU D 336 7.29 -17.17 -7.59
C LEU D 336 7.56 -17.64 -9.00
N LYS D 337 7.10 -18.85 -9.34
CA LYS D 337 7.32 -19.38 -10.67
C LYS D 337 6.72 -18.49 -11.74
N GLU D 338 5.50 -17.98 -11.52
CA GLU D 338 4.86 -17.17 -12.54
C GLU D 338 5.61 -15.86 -12.78
N LYS D 339 6.07 -15.20 -11.71
CA LYS D 339 6.89 -13.99 -11.84
C LYS D 339 8.33 -14.27 -12.26
N LYS D 340 8.68 -15.54 -12.52
CA LYS D 340 9.98 -15.91 -13.07
C LYS D 340 11.11 -15.57 -12.09
N CYS D 341 10.94 -16.03 -10.83
CA CYS D 341 11.78 -15.61 -9.71
C CYS D 341 12.94 -16.55 -9.44
N PHE D 342 12.90 -17.79 -9.99
CA PHE D 342 13.77 -18.95 -9.89
C PHE D 342 14.86 -18.91 -10.95
N PRO D 343 16.03 -19.49 -10.67
CA PRO D 343 17.03 -19.64 -11.74
C PRO D 343 16.48 -20.53 -12.84
N GLU D 344 16.92 -20.25 -14.07
CA GLU D 344 16.40 -20.97 -15.24
C GLU D 344 16.62 -22.46 -15.08
N GLY D 345 15.58 -23.24 -15.32
CA GLY D 345 15.63 -24.67 -15.16
C GLY D 345 15.12 -25.20 -13.83
N THR D 346 14.51 -24.34 -13.02
CA THR D 346 14.09 -24.77 -11.70
C THR D 346 12.83 -25.62 -11.81
N ASP D 347 12.73 -26.63 -10.95
CA ASP D 347 11.51 -27.41 -10.80
C ASP D 347 10.85 -26.99 -9.49
N MET D 348 9.87 -26.11 -9.58
CA MET D 348 9.35 -25.44 -8.38
C MET D 348 8.82 -26.43 -7.34
N VAL D 349 7.92 -27.34 -7.73
CA VAL D 349 7.31 -28.24 -6.75
C VAL D 349 8.35 -29.11 -6.07
N GLY D 350 9.45 -29.42 -6.76
CA GLY D 350 10.53 -30.16 -6.13
C GLY D 350 11.31 -29.32 -5.13
N ILE D 351 11.43 -28.02 -5.39
CA ILE D 351 12.10 -27.11 -4.48
C ILE D 351 11.33 -26.98 -3.18
N LEU D 352 10.00 -26.94 -3.26
CA LEU D 352 9.22 -26.85 -2.03
C LEU D 352 9.42 -28.07 -1.14
N ASP D 353 9.47 -29.27 -1.72
CA ASP D 353 9.75 -30.44 -0.91
C ASP D 353 11.15 -30.34 -0.27
N PHE D 354 12.14 -29.98 -1.08
CA PHE D 354 13.46 -29.70 -0.53
C PHE D 354 13.38 -28.64 0.58
N TYR D 355 12.64 -27.55 0.33
CA TYR D 355 12.42 -26.56 1.38
C TYR D 355 11.77 -27.18 2.60
N PHE D 356 10.74 -28.01 2.41
CA PHE D 356 10.09 -28.61 3.57
C PHE D 356 11.03 -29.53 4.33
N GLN D 357 11.96 -30.19 3.62
CA GLN D 357 12.95 -31.01 4.31
C GLN D 357 13.83 -30.14 5.20
N LEU D 358 14.34 -29.04 4.63
CA LEU D 358 15.25 -28.17 5.35
C LEU D 358 14.62 -27.63 6.63
N CYS D 359 13.33 -27.30 6.59
CA CYS D 359 12.65 -26.90 7.82
C CYS D 359 12.56 -28.03 8.84
N SER D 360 12.66 -29.27 8.41
CA SER D 360 12.48 -30.41 9.29
C SER D 360 13.81 -30.90 9.86
N ILE D 361 14.92 -30.39 9.34
CA ILE D 361 16.23 -30.63 9.95
C ILE D 361 16.13 -30.41 11.46
N GLU D 362 16.67 -31.37 12.22
CA GLU D 362 16.68 -31.31 13.67
C GLU D 362 18.07 -30.91 14.17
N VAL D 363 18.09 -30.19 15.28
CA VAL D 363 19.28 -29.84 16.03
C VAL D 363 18.95 -29.91 17.52
N THR D 364 19.95 -29.72 18.36
CA THR D 364 19.70 -29.46 19.76
C THR D 364 20.11 -28.03 20.08
N CYS D 365 19.63 -27.55 21.23
CA CYS D 365 20.18 -26.31 21.74
C CYS D 365 21.70 -26.32 21.65
N GLU D 366 22.32 -27.35 22.23
CA GLU D 366 23.78 -27.38 22.31
C GLU D 366 24.41 -27.37 20.92
N SER D 367 23.88 -28.18 20.01
CA SER D 367 24.51 -28.25 18.69
C SER D 367 24.23 -26.99 17.89
N ALA D 368 23.01 -26.46 17.97
CA ALA D 368 22.67 -25.22 17.27
C ALA D 368 23.52 -24.05 17.76
N SER D 369 23.86 -24.01 19.06
CA SER D 369 24.68 -22.93 19.58
C SER D 369 26.08 -22.94 18.98
N VAL D 370 26.58 -24.10 18.55
CA VAL D 370 27.86 -24.13 17.84
C VAL D 370 27.71 -23.48 16.48
N MET D 371 26.64 -23.85 15.77
CA MET D 371 26.32 -23.24 14.47
C MET D 371 26.27 -21.75 14.58
N ALA D 372 25.59 -21.23 15.61
CA ALA D 372 25.59 -19.78 15.81
C ALA D 372 27.01 -19.26 16.06
N ALA D 373 27.81 -20.04 16.81
CA ALA D 373 29.14 -19.55 17.18
C ALA D 373 30.08 -19.54 15.99
N THR D 374 29.84 -20.42 15.00
CA THR D 374 30.55 -20.35 13.73
C THR D 374 30.30 -19.03 13.03
N LEU D 375 29.05 -18.53 13.12
CA LEU D 375 28.73 -17.21 12.60
C LEU D 375 29.27 -16.09 13.50
N ALA D 376 29.29 -16.27 14.82
CA ALA D 376 29.95 -15.27 15.68
C ALA D 376 31.42 -15.13 15.37
N ASN D 377 32.02 -16.18 14.79
CA ASN D 377 33.47 -16.33 14.67
C ASN D 377 33.94 -16.23 13.22
N GLY D 378 33.25 -15.43 12.41
CA GLY D 378 33.73 -15.17 11.07
C GLY D 378 33.79 -16.37 10.14
N GLY D 379 33.13 -17.46 10.50
CA GLY D 379 33.01 -18.60 9.60
C GLY D 379 33.91 -19.76 9.91
N PHE D 380 34.69 -19.70 11.00
CA PHE D 380 35.45 -20.83 11.54
C PHE D 380 34.64 -21.49 12.65
N CYS D 381 34.50 -22.81 12.57
CA CYS D 381 33.80 -23.51 13.64
C CYS D 381 34.63 -23.42 14.92
N PRO D 382 34.06 -22.95 16.03
CA PRO D 382 34.89 -22.62 17.20
C PRO D 382 35.43 -23.82 17.95
N ILE D 383 34.87 -25.01 17.74
CA ILE D 383 35.31 -26.18 18.49
C ILE D 383 36.10 -27.17 17.63
N THR D 384 36.39 -26.83 16.39
CA THR D 384 37.25 -27.62 15.51
C THR D 384 38.26 -26.78 14.76
N GLY D 385 38.07 -25.47 14.66
CA GLY D 385 39.00 -24.59 13.97
C GLY D 385 38.86 -24.62 12.47
N GLU D 386 37.98 -25.48 11.97
CA GLU D 386 37.79 -25.65 10.55
C GLU D 386 37.06 -24.44 9.99
N ARG D 387 37.47 -24.01 8.80
CA ARG D 387 36.86 -22.84 8.19
C ARG D 387 35.65 -23.32 7.37
N VAL D 388 34.46 -23.02 7.86
CA VAL D 388 33.24 -23.58 7.31
C VAL D 388 32.61 -22.67 6.27
N LEU D 389 32.64 -21.36 6.52
CA LEU D 389 31.96 -20.37 5.68
C LEU D 389 32.89 -19.21 5.41
N SER D 390 32.83 -18.68 4.18
CA SER D 390 33.55 -17.46 3.84
C SER D 390 33.12 -16.31 4.73
N PRO D 391 33.97 -15.28 4.88
CA PRO D 391 33.56 -14.11 5.66
C PRO D 391 32.39 -13.37 5.04
N GLU D 392 32.48 -13.12 3.73
CA GLU D 392 31.38 -12.59 2.94
C GLU D 392 30.06 -13.20 3.35
N ALA D 393 29.99 -14.54 3.33
CA ALA D 393 28.74 -15.21 3.67
C ALA D 393 28.32 -14.90 5.10
N VAL D 394 29.28 -14.81 6.01
CA VAL D 394 28.95 -14.63 7.41
C VAL D 394 28.48 -13.20 7.65
N ARG D 395 29.14 -12.23 7.03
CA ARG D 395 28.71 -10.84 7.20
C ARG D 395 27.30 -10.63 6.64
N ASN D 396 27.06 -11.07 5.40
CA ASN D 396 25.74 -10.96 4.80
C ASN D 396 24.68 -11.62 5.65
N THR D 397 24.97 -12.80 6.18
CA THR D 397 23.98 -13.50 6.98
C THR D 397 23.67 -12.71 8.24
N LEU D 398 24.71 -12.32 8.95
CA LEU D 398 24.52 -11.57 10.19
C LEU D 398 23.84 -10.24 9.91
N SER D 399 24.15 -9.60 8.77
CA SER D 399 23.49 -8.34 8.42
C SER D 399 21.98 -8.51 8.38
N LEU D 400 21.48 -9.59 7.77
CA LEU D 400 20.06 -9.73 7.52
C LEU D 400 19.31 -10.39 8.68
N MET D 401 20.00 -11.18 9.50
CA MET D 401 19.42 -11.60 10.76
C MET D 401 19.18 -10.39 11.67
N HIS D 402 20.03 -9.38 11.55
CA HIS D 402 19.83 -8.12 12.27
C HIS D 402 18.45 -7.53 11.97
N SER D 403 18.17 -7.30 10.69
CA SER D 403 17.02 -6.50 10.30
C SER D 403 15.77 -7.30 10.02
N CYS D 404 15.88 -8.62 9.76
CA CYS D 404 14.78 -9.42 9.22
C CYS D 404 14.51 -10.73 9.94
N GLY D 405 15.19 -11.03 11.03
CA GLY D 405 15.22 -12.39 11.48
C GLY D 405 14.20 -12.79 12.51
N MET D 406 13.38 -11.84 12.98
CA MET D 406 12.39 -12.10 14.01
C MET D 406 11.01 -11.73 13.53
N TYR D 407 10.75 -11.95 12.23
CA TYR D 407 9.51 -11.50 11.58
C TYR D 407 9.10 -10.10 11.98
N ASP D 408 7.81 -9.94 12.26
CA ASP D 408 7.23 -8.63 12.51
C ASP D 408 7.81 -7.97 13.74
N PHE D 409 8.59 -8.68 14.54
CA PHE D 409 9.30 -8.08 15.66
C PHE D 409 10.70 -7.60 15.30
N SER D 410 11.16 -7.85 14.06
CA SER D 410 12.55 -7.60 13.68
C SER D 410 13.02 -6.19 14.04
N GLY D 411 12.21 -5.17 13.75
CA GLY D 411 12.67 -3.82 13.98
C GLY D 411 12.71 -3.43 15.44
N GLN D 412 11.75 -3.92 16.23
CA GLN D 412 11.86 -3.74 17.67
C GLN D 412 13.09 -4.47 18.18
N PHE D 413 13.22 -5.73 17.78
CA PHE D 413 14.34 -6.54 18.24
C PHE D 413 15.68 -5.91 17.86
N ALA D 414 15.79 -5.39 16.64
CA ALA D 414 17.03 -4.75 16.25
C ALA D 414 17.28 -3.52 17.10
N PHE D 415 16.21 -2.87 17.54
CA PHE D 415 16.37 -1.62 18.26
C PHE D 415 16.79 -1.86 19.70
N HIS D 416 16.09 -2.74 20.41
CA HIS D 416 16.33 -3.03 21.82
C HIS D 416 17.43 -4.06 22.06
N VAL D 417 17.40 -5.18 21.32
CA VAL D 417 18.37 -6.23 21.57
C VAL D 417 19.64 -5.97 20.77
N GLY D 418 19.50 -5.45 19.55
CA GLY D 418 20.66 -5.24 18.70
C GLY D 418 21.53 -6.46 18.53
N LEU D 419 20.93 -7.62 18.28
CA LEU D 419 21.77 -8.77 18.00
C LEU D 419 21.24 -9.50 16.78
N PRO D 420 22.13 -9.97 15.90
CA PRO D 420 21.67 -10.84 14.81
C PRO D 420 21.03 -12.08 15.41
N ALA D 421 19.73 -12.24 15.16
CA ALA D 421 18.99 -13.36 15.71
C ALA D 421 18.03 -13.90 14.66
N LYS D 422 17.68 -15.18 14.79
CA LYS D 422 16.70 -15.80 13.89
C LYS D 422 15.83 -16.76 14.66
N SER D 423 14.52 -16.62 14.51
CA SER D 423 13.55 -17.44 15.22
C SER D 423 12.91 -18.45 14.28
N GLY D 424 12.32 -19.49 14.88
CA GLY D 424 11.58 -20.50 14.15
C GLY D 424 10.43 -20.97 14.99
N VAL D 425 9.41 -21.52 14.31
CA VAL D 425 8.14 -21.79 14.98
C VAL D 425 8.19 -22.97 15.93
N ALA D 426 9.25 -23.77 15.89
CA ALA D 426 9.48 -24.80 16.90
C ALA D 426 9.83 -24.20 18.26
N GLY D 427 10.11 -22.90 18.34
CA GLY D 427 10.47 -22.24 19.58
C GLY D 427 11.92 -21.86 19.69
N GLY D 428 12.67 -21.94 18.60
CA GLY D 428 14.10 -21.68 18.65
C GLY D 428 14.42 -20.26 18.26
N ILE D 429 15.34 -19.66 19.00
CA ILE D 429 15.97 -18.42 18.60
C ILE D 429 17.46 -18.70 18.45
N LEU D 430 17.92 -18.75 17.21
CA LEU D 430 19.35 -18.74 16.90
C LEU D 430 19.88 -17.34 17.15
N LEU D 431 20.75 -17.20 18.16
CA LEU D 431 21.25 -15.89 18.57
C LEU D 431 22.76 -15.83 18.40
N VAL D 432 23.25 -14.75 17.81
CA VAL D 432 24.67 -14.59 17.58
C VAL D 432 25.16 -13.31 18.25
N VAL D 433 26.18 -13.42 19.10
CA VAL D 433 26.85 -12.23 19.62
C VAL D 433 28.19 -12.11 18.92
N PRO D 434 28.30 -11.30 17.87
CA PRO D 434 29.52 -11.29 17.06
C PRO D 434 30.77 -11.08 17.90
N ASN D 435 31.81 -11.86 17.58
CA ASN D 435 33.13 -11.79 18.20
C ASN D 435 33.14 -12.31 19.63
N VAL D 436 32.02 -12.86 20.11
CA VAL D 436 31.96 -13.32 21.49
C VAL D 436 31.45 -14.76 21.59
N MET D 437 30.22 -14.98 21.17
CA MET D 437 29.59 -16.27 21.42
C MET D 437 28.42 -16.44 20.48
N GLY D 438 27.97 -17.68 20.36
CA GLY D 438 26.74 -18.02 19.69
C GLY D 438 25.82 -18.70 20.69
N MET D 439 24.50 -18.60 20.48
CA MET D 439 23.57 -19.32 21.34
C MET D 439 22.40 -19.88 20.57
N MET D 440 21.71 -20.84 21.20
CA MET D 440 20.38 -21.28 20.79
C MET D 440 19.46 -21.29 22.01
N CYS D 441 18.40 -20.48 21.95
CA CYS D 441 17.33 -20.53 22.93
C CYS D 441 16.20 -21.37 22.35
N TRP D 442 15.54 -22.16 23.19
CA TRP D 442 14.44 -23.00 22.73
C TRP D 442 13.38 -23.11 23.81
N SER D 443 12.17 -22.63 23.48
CA SER D 443 10.98 -22.82 24.30
C SER D 443 9.86 -22.78 23.28
N PRO D 444 8.97 -23.76 23.27
CA PRO D 444 7.97 -23.87 22.18
C PRO D 444 6.88 -22.81 22.21
N PRO D 445 6.42 -22.31 23.40
CA PRO D 445 5.39 -21.24 23.38
C PRO D 445 5.81 -19.96 22.67
N LEU D 446 5.23 -19.72 21.50
CA LEU D 446 5.50 -18.50 20.74
C LEU D 446 4.54 -17.39 21.17
N ASP D 447 4.92 -16.13 20.88
CA ASP D 447 4.05 -15.00 21.15
C ASP D 447 3.19 -14.70 19.94
N LYS D 448 2.41 -13.61 19.99
CA LYS D 448 1.48 -13.32 18.91
C LYS D 448 2.19 -13.11 17.58
N MET D 449 3.50 -12.88 17.58
CA MET D 449 4.22 -12.64 16.33
C MET D 449 5.08 -13.81 15.89
N GLY D 450 4.99 -14.97 16.56
CA GLY D 450 5.70 -16.15 16.13
C GLY D 450 6.99 -16.43 16.86
N ASN D 451 7.38 -15.59 17.80
CA ASN D 451 8.66 -15.66 18.48
C ASN D 451 8.50 -16.31 19.85
N SER D 452 9.43 -17.21 20.19
CA SER D 452 9.41 -17.84 21.51
C SER D 452 9.44 -16.82 22.63
N VAL D 453 8.42 -16.85 23.48
CA VAL D 453 8.25 -15.91 24.59
C VAL D 453 9.50 -15.96 25.46
N LYS D 454 9.75 -17.11 26.09
CA LYS D 454 10.94 -17.26 26.92
C LYS D 454 12.17 -16.80 26.18
N GLY D 455 12.29 -17.17 24.91
CA GLY D 455 13.40 -16.70 24.10
C GLY D 455 13.53 -15.19 24.06
N ILE D 456 12.48 -14.51 23.61
CA ILE D 456 12.52 -13.04 23.52
C ILE D 456 12.90 -12.44 24.86
N HIS D 457 12.26 -12.94 25.93
CA HIS D 457 12.52 -12.40 27.25
C HIS D 457 13.96 -12.60 27.65
N PHE D 458 14.52 -13.78 27.34
CA PHE D 458 15.92 -14.02 27.63
C PHE D 458 16.81 -13.02 26.88
N CYS D 459 16.52 -12.78 25.61
CA CYS D 459 17.35 -11.88 24.82
C CYS D 459 17.35 -10.46 25.36
N HIS D 460 16.19 -9.97 25.80
CA HIS D 460 16.16 -8.62 26.36
C HIS D 460 17.01 -8.54 27.64
N ASP D 461 16.80 -9.48 28.57
CA ASP D 461 17.61 -9.54 29.78
C ASP D 461 19.09 -9.52 29.46
N LEU D 462 19.49 -10.39 28.53
CA LEU D 462 20.90 -10.50 28.18
C LEU D 462 21.49 -9.15 27.82
N VAL D 463 20.79 -8.37 27.01
CA VAL D 463 21.34 -7.09 26.61
C VAL D 463 21.16 -6.02 27.68
N SER D 464 20.15 -6.14 28.55
CA SER D 464 20.07 -5.23 29.69
C SER D 464 21.27 -5.41 30.62
N LEU D 465 21.75 -6.66 30.75
CA LEU D 465 22.80 -7.00 31.70
C LEU D 465 24.17 -6.71 31.13
N CYS D 466 24.48 -7.27 29.96
CA CYS D 466 25.80 -7.12 29.37
C CYS D 466 25.76 -6.16 28.20
N ASN D 467 26.87 -5.43 28.00
CA ASN D 467 27.03 -4.56 26.84
C ASN D 467 27.23 -5.35 25.56
N PHE D 468 26.32 -6.27 25.25
CA PHE D 468 26.38 -6.99 23.97
C PHE D 468 25.55 -6.32 22.88
N HIS D 469 24.73 -5.33 23.20
CA HIS D 469 23.99 -4.64 22.15
C HIS D 469 24.98 -4.15 21.10
N ASN D 470 24.63 -4.44 19.85
CA ASN D 470 25.47 -4.11 18.71
C ASN D 470 25.95 -2.65 18.71
N TYR D 471 25.19 -1.75 19.34
CA TYR D 471 25.57 -0.36 19.44
C TYR D 471 25.80 0.08 20.88
N ASP D 472 26.06 -0.89 21.77
CA ASP D 472 26.70 -0.55 23.02
C ASP D 472 28.13 -0.12 22.76
N ASN D 473 28.67 0.67 23.68
CA ASN D 473 30.05 1.10 23.59
C ASN D 473 30.90 0.14 24.41
N LEU D 474 32.09 -0.21 23.89
CA LEU D 474 32.98 -1.13 24.61
C LEU D 474 33.73 -0.46 25.75
N ARG D 475 33.78 0.87 25.79
CA ARG D 475 34.52 1.63 26.78
C ARG D 475 33.62 2.28 27.82
N HIS D 476 32.57 2.99 27.38
CA HIS D 476 31.58 3.62 28.28
C HIS D 476 30.24 2.94 28.10
N PHE D 477 29.81 2.19 29.11
CA PHE D 477 28.60 1.38 29.02
C PHE D 477 27.83 1.34 30.33
N ALA D 478 27.99 2.37 31.16
CA ALA D 478 27.07 2.67 32.26
C ALA D 478 26.95 1.45 33.17
N LYS D 479 25.74 1.02 33.53
CA LYS D 479 25.51 0.00 34.54
C LYS D 479 25.76 -1.41 34.03
N LYS D 480 26.10 -1.58 32.77
CA LYS D 480 26.16 -2.89 32.18
C LYS D 480 27.47 -3.57 32.50
N LEU D 481 27.45 -4.90 32.56
CA LEU D 481 28.64 -5.69 32.79
C LEU D 481 29.22 -6.13 31.44
N ASP D 482 30.55 -6.14 31.36
CA ASP D 482 31.23 -6.57 30.13
C ASP D 482 31.92 -7.89 30.43
N PRO D 483 31.35 -9.05 30.07
CA PRO D 483 31.98 -10.34 30.43
C PRO D 483 33.36 -10.54 29.82
N ARG D 484 33.73 -9.76 28.82
CA ARG D 484 35.04 -9.87 28.21
C ARG D 484 36.18 -9.38 29.09
N ARG D 485 35.88 -8.69 30.19
CA ARG D 485 36.93 -8.06 31.01
C ARG D 485 37.05 -8.77 32.36
N GLU D 486 37.79 -8.13 33.28
CA GLU D 486 38.01 -8.75 34.59
C GLU D 486 37.98 -7.79 35.79
N GLY D 487 37.99 -6.47 35.59
CA GLY D 487 37.92 -5.52 36.69
C GLY D 487 36.51 -5.34 37.25
C10 5XY E . 0.40 12.65 2.89
N12 5XY E . 0.32 11.15 1.21
C13 5XY E . -0.63 10.67 2.42
C17 5XY E . 0.46 9.13 -2.19
C20 5XY E . 0.86 7.47 -5.67
C21 5XY E . 0.87 5.96 -5.66
C22 5XY E . -0.23 5.24 -5.22
C24 5XY E . 0.95 3.19 -5.66
C26 5XY E . 2.03 5.30 -6.09
C01 5XY E . -0.66 3.88 7.82
C02 5XY E . -0.98 5.06 6.94
N03 5XY E . -0.18 6.23 7.07
C04 5XY E . -0.39 7.38 6.27
N05 5XY E . -1.37 7.64 5.39
N06 5XY E . -1.30 8.83 4.76
C07 5XY E . -0.26 9.62 5.06
N08 5XY E . 0.08 10.92 4.59
C09 5XY E . -0.54 11.56 3.43
C11 5XY E . 0.24 12.45 1.34
C14 5XY E . 0.51 10.38 0.04
N15 5XY E . 1.44 9.44 -0.14
N16 5XY E . 1.42 8.79 -1.31
N18 5XY E . 0.22 8.59 -3.48
C19 5XY E . 1.21 8.03 -4.31
C23 5XY E . -0.19 3.85 -5.22
C25 5XY E . 2.06 3.91 -6.09
O27 5XY E . 2.37 7.97 -3.96
S28 5XY E . -0.45 10.38 -1.41
S29 5XY E . 0.64 8.75 6.22
O30 5XY E . -1.91 5.01 6.14
C31 5XY E . -1.86 3.34 8.55
C32 5XY E . -2.42 4.06 9.61
C33 5XY E . -3.52 3.57 10.30
C34 5XY E . -4.07 2.35 9.93
C35 5XY E . -3.52 1.63 8.87
C36 5XY E . -2.42 2.12 8.17
C10 5XY F . 0.05 -12.91 -3.10
N12 5XY F . -1.27 -11.35 -2.06
C13 5XY F . -0.90 -10.97 -3.59
C17 5XY F . -3.23 -9.06 0.51
C20 5XY F . -5.19 -7.45 3.43
C21 5XY F . -5.05 -5.95 3.17
C22 5XY F . -4.02 -5.24 3.77
C24 5XY F . -4.79 -3.22 2.71
C26 5XY F . -5.96 -5.29 2.35
C01 5XY F . 5.50 -4.85 -6.24
C02 5XY F . 4.39 -5.88 -6.08
N03 5XY F . 4.25 -6.62 -4.85
C04 5XY F . 3.26 -7.62 -4.59
N05 5XY F . 1.93 -7.57 -4.78
N06 5XY F . 1.20 -8.66 -4.43
C07 5XY F . 1.89 -9.68 -3.91
N08 5XY F . 1.41 -10.92 -3.43
C09 5XY F . 0.22 -11.64 -3.92
C11 5XY F . -0.57 -12.41 -1.73
C14 5XY F . -2.11 -10.57 -1.23
N15 5XY F . -3.41 -10.24 -1.44
N16 5XY F . -4.01 -9.45 -0.52
N18 5XY F . -3.59 -8.20 1.59
C19 5XY F . -4.83 -8.36 2.27
C23 5XY F . -3.89 -3.87 3.55
C25 5XY F . -5.84 -3.92 2.12
O27 5XY F . -5.59 -9.25 1.91
S28 5XY F . -1.67 -9.76 0.23
S29 5XY F . 3.56 -9.17 -3.89
O30 5XY F . 3.66 -6.06 -7.03
C31 5XY F . 5.33 -3.52 -5.53
C32 5XY F . 5.11 -2.37 -6.30
C33 5XY F . 4.96 -1.14 -5.65
C34 5XY F . 5.06 -1.06 -4.26
C35 5XY F . 5.28 -2.21 -3.50
C36 5XY F . 5.43 -3.44 -4.14
#